data_7N6E
#
_entry.id   7N6E
#
_cell.length_a   63.832
_cell.length_b   95.131
_cell.length_c   168.755
_cell.angle_alpha   90.000
_cell.angle_beta   100.182
_cell.angle_gamma   90.000
#
_symmetry.space_group_name_H-M   'P 1 21 1'
#
loop_
_entity.id
_entity.type
_entity.pdbx_description
1 polymer 'MHC class I antigen'
2 polymer Beta-2-microglobulin
3 polymer 'Spike protein S1'
4 polymer 'TRAV12-1 TCR-alpha'
5 polymer 'TRBV19 TCR beta'
#
loop_
_entity_poly.entity_id
_entity_poly.type
_entity_poly.pdbx_seq_one_letter_code
_entity_poly.pdbx_strand_id
1 'polypeptide(L)'
;GSHSMRYFFTSVSRPGRGEPRFIAVGYVDDTQFVRFDSDAASQRMEPRAPWIEQEGPEYWDGETRKVKAHSQTHRVDLGT
LRGYYNQSEAGSHTVQRMYGCDVGSDWRFLRGYHQYAYDGKDYIALKEDLRSWTAADMAAQTTKHKWEAAHVAEQLRAYL
EGTCVEWLRRYLENGKETLQRTDAPKTHMTHHAVSDHEATLRCWALSFYPAEITLTWQRDGEDQTQDTELVETRPAGDGT
FQKWAAVVVPSGQEQRYTCHVQHEGLPKPLTLRWEPSS
;
A,D
2 'polypeptide(L)'
;MIQRTPKIQVYSRHPAENGKSNFLNCYVSGFHPSDIEVDLLKNGERIEKVEHSDLSFSKDWSFYLLYYTEFTPTEKDEYA
CRVNHVTLSQPKIVKWDRDM
;
B,E
3 'polypeptide(L)' YLQPRTFLL C,F
4 'polypeptide(L)'
;RKEVEQDPGPFNVPEGATVAFNCTYSNSASQSFFWYRQDCRKEPKLLMSVYSSGNEDGRFTAQLNRASQYISLLIRDSKL
SDSATYLCVVNRNNDMRFGAGTRLTVKPNIQNPDPAVYQLRDSKSSDKSVCLFTDFDSQTNVSQSKDSDVYITDKCVLDM
RSMDFKSNSAVAWSNKSDFACANAFNNSIIPEDTFFPSPESS
;
G,I
5 'polypeptide(L)'
;DGGITQSPKYLFRKEGQNVTLSCEQNLNHDAMYWYRQDPGQGLRLIYYSQIVNDFQKGDIAEGYSVSREKKESFPLTVTS
AQKNPTAFYLCAGQVTNTGELFFGEGSRLTVLEDLNKVFPPEVAVFEPSEAEISHTQKATLVCLATGFYPDHVELSWWVN
GKEVHSGVCTDPQPLKEQPALNDSRYALSSRLRVSATFWQNPRNHFRCQVQFYGLSENDEWTQDRAKPVTQIVSAEAWGR
AD
;
H,J
#
# COMPACT_ATOMS: atom_id res chain seq x y z
N GLY A 1 9.86 38.96 -21.88
CA GLY A 1 9.81 38.32 -23.18
C GLY A 1 8.65 37.36 -23.34
N SER A 2 8.87 36.29 -24.11
CA SER A 2 7.84 35.29 -24.36
C SER A 2 7.97 34.18 -23.32
N HIS A 3 6.94 34.01 -22.50
CA HIS A 3 6.91 33.03 -21.42
C HIS A 3 5.81 32.01 -21.69
N SER A 4 5.68 31.05 -20.78
CA SER A 4 4.71 29.98 -20.94
C SER A 4 4.55 29.22 -19.64
N MET A 5 3.35 28.67 -19.43
CA MET A 5 3.10 27.72 -18.36
C MET A 5 2.51 26.46 -18.97
N ARG A 6 3.11 25.32 -18.66
CA ARG A 6 2.66 24.04 -19.19
C ARG A 6 2.44 23.06 -18.03
N TYR A 7 1.55 22.10 -18.26
CA TYR A 7 1.29 21.03 -17.30
C TYR A 7 1.42 19.70 -18.02
N PHE A 8 2.38 18.89 -17.61
CA PHE A 8 2.66 17.60 -18.23
C PHE A 8 2.17 16.48 -17.32
N PHE A 9 1.48 15.50 -17.91
CA PHE A 9 0.92 14.39 -17.16
C PHE A 9 1.36 13.07 -17.77
N THR A 10 1.62 12.08 -16.92
CA THR A 10 2.02 10.75 -17.36
C THR A 10 1.31 9.72 -16.49
N SER A 11 0.58 8.81 -17.12
CA SER A 11 -0.15 7.76 -16.41
C SER A 11 0.18 6.41 -17.05
N VAL A 12 1.01 5.62 -16.38
CA VAL A 12 1.42 4.31 -16.86
C VAL A 12 0.63 3.25 -16.12
N SER A 13 -0.03 2.36 -16.87
CA SER A 13 -0.87 1.34 -16.26
C SER A 13 -0.03 0.17 -15.74
N ARG A 14 -0.46 -0.40 -14.63
CA ARG A 14 0.22 -1.54 -14.02
C ARG A 14 -0.60 -2.80 -14.21
N PRO A 15 0.00 -3.86 -14.77
CA PRO A 15 -0.79 -5.05 -15.14
C PRO A 15 -1.41 -5.74 -13.93
N GLY A 16 -2.73 -5.76 -13.91
CA GLY A 16 -3.45 -6.43 -12.83
C GLY A 16 -3.64 -5.53 -11.61
N ARG A 17 -3.67 -6.18 -10.44
CA ARG A 17 -3.86 -5.48 -9.19
C ARG A 17 -2.70 -4.51 -8.94
N GLY A 18 -3.03 -3.34 -8.42
CA GLY A 18 -2.04 -2.30 -8.22
C GLY A 18 -2.44 -0.99 -8.88
N GLU A 19 -2.24 0.11 -8.17
CA GLU A 19 -2.66 1.41 -8.68
C GLU A 19 -1.65 1.90 -9.70
N PRO A 20 -2.09 2.31 -10.89
CA PRO A 20 -1.16 2.84 -11.88
C PRO A 20 -0.53 4.14 -11.42
N ARG A 21 0.68 4.39 -11.91
CA ARG A 21 1.45 5.55 -11.49
C ARG A 21 0.93 6.80 -12.19
N PHE A 22 0.69 7.86 -11.41
CA PHE A 22 0.24 9.14 -11.93
C PHE A 22 1.30 10.18 -11.68
N ILE A 23 1.68 10.91 -12.72
CA ILE A 23 2.73 11.93 -12.64
C ILE A 23 2.15 13.25 -13.15
N ALA A 24 2.34 14.31 -12.37
CA ALA A 24 1.90 15.65 -12.75
C ALA A 24 3.02 16.63 -12.43
N VAL A 25 3.38 17.44 -13.41
CA VAL A 25 4.44 18.44 -13.24
C VAL A 25 4.01 19.72 -13.93
N GLY A 26 4.36 20.85 -13.34
CA GLY A 26 4.07 22.16 -13.91
C GLY A 26 5.34 22.91 -14.23
N TYR A 27 5.35 23.57 -15.38
CA TYR A 27 6.51 24.33 -15.85
C TYR A 27 6.06 25.75 -16.16
N VAL A 28 6.76 26.73 -15.59
CA VAL A 28 6.54 28.13 -15.93
C VAL A 28 7.77 28.59 -16.71
N ASP A 29 7.62 28.72 -18.02
CA ASP A 29 8.72 29.04 -18.93
C ASP A 29 9.89 28.07 -18.74
N ASP A 30 9.59 26.78 -18.91
CA ASP A 30 10.58 25.71 -18.81
C ASP A 30 11.25 25.69 -17.43
N THR A 31 10.48 26.00 -16.40
CA THR A 31 10.95 25.99 -15.02
C THR A 31 9.92 25.25 -14.18
N GLN A 32 10.30 24.11 -13.62
CA GLN A 32 9.38 23.32 -12.81
C GLN A 32 9.12 24.01 -11.48
N PHE A 33 7.85 23.98 -11.05
CA PHE A 33 7.47 24.65 -9.81
C PHE A 33 6.58 23.78 -8.93
N VAL A 34 5.84 22.83 -9.54
CA VAL A 34 5.02 21.90 -8.78
C VAL A 34 5.22 20.50 -9.33
N ARG A 35 4.89 19.51 -8.49
CA ARG A 35 5.00 18.10 -8.86
C ARG A 35 4.04 17.28 -8.02
N PHE A 36 3.71 16.09 -8.53
CA PHE A 36 2.88 15.13 -7.83
C PHE A 36 3.17 13.74 -8.35
N ASP A 37 3.37 12.79 -7.44
CA ASP A 37 3.61 11.40 -7.79
C ASP A 37 2.71 10.53 -6.93
N SER A 38 1.92 9.65 -7.57
CA SER A 38 0.99 8.79 -6.85
C SER A 38 1.69 7.73 -6.01
N ASP A 39 2.98 7.50 -6.21
CA ASP A 39 3.73 6.52 -5.43
C ASP A 39 4.51 7.15 -4.28
N ALA A 40 4.26 8.42 -3.97
CA ALA A 40 4.91 9.09 -2.85
C ALA A 40 3.97 9.12 -1.65
N ALA A 41 4.57 9.09 -0.45
CA ALA A 41 3.80 9.04 0.77
C ALA A 41 3.18 10.37 1.15
N SER A 42 3.64 11.47 0.54
CA SER A 42 3.09 12.78 0.88
C SER A 42 1.62 12.89 0.48
N GLN A 43 1.26 12.32 -0.68
CA GLN A 43 -0.11 12.33 -1.19
C GLN A 43 -0.63 13.76 -1.40
N ARG A 44 0.28 14.70 -1.62
CA ARG A 44 -0.07 16.11 -1.80
C ARG A 44 0.67 16.68 -3.00
N MET A 45 0.30 17.91 -3.36
CA MET A 45 0.98 18.65 -4.42
C MET A 45 2.25 19.28 -3.86
N GLU A 46 3.41 18.78 -4.29
CA GLU A 46 4.68 19.23 -3.74
C GLU A 46 5.29 20.35 -4.58
N PRO A 47 5.79 21.39 -3.93
CA PRO A 47 6.45 22.48 -4.66
C PRO A 47 7.91 22.19 -4.93
N ARG A 48 8.34 22.48 -6.15
CA ARG A 48 9.75 22.33 -6.55
C ARG A 48 10.38 23.69 -6.91
N ALA A 49 9.76 24.79 -6.48
CA ALA A 49 10.29 26.12 -6.71
C ALA A 49 9.91 27.02 -5.55
N PRO A 50 10.72 28.05 -5.25
CA PRO A 50 10.39 28.93 -4.12
C PRO A 50 9.16 29.80 -4.34
N TRP A 51 8.93 30.26 -5.58
CA TRP A 51 7.87 31.23 -5.82
C TRP A 51 6.51 30.68 -5.46
N ILE A 52 6.21 29.43 -5.86
CA ILE A 52 4.92 28.82 -5.55
C ILE A 52 4.81 28.38 -4.10
N GLU A 53 5.93 28.34 -3.36
CA GLU A 53 5.94 27.78 -2.02
C GLU A 53 5.03 28.57 -1.07
N GLN A 54 5.14 29.90 -1.08
CA GLN A 54 4.35 30.75 -0.19
C GLN A 54 3.04 31.17 -0.88
N GLU A 55 2.15 30.20 -1.02
CA GLU A 55 0.83 30.42 -1.62
C GLU A 55 -0.32 30.09 -0.69
N GLY A 56 -0.06 29.68 0.55
CA GLY A 56 -1.11 29.49 1.52
C GLY A 56 -1.63 28.06 1.54
N PRO A 57 -2.50 27.76 2.52
CA PRO A 57 -3.05 26.41 2.62
C PRO A 57 -4.16 26.15 1.61
N GLU A 58 -4.93 27.19 1.28
CA GLU A 58 -6.04 27.03 0.35
C GLU A 58 -5.57 26.62 -1.03
N TYR A 59 -4.40 27.14 -1.45
CA TYR A 59 -3.88 26.79 -2.78
C TYR A 59 -3.58 25.31 -2.89
N TRP A 60 -2.77 24.78 -1.97
CA TRP A 60 -2.34 23.39 -2.07
C TRP A 60 -3.51 22.42 -1.95
N ASP A 61 -4.50 22.75 -1.12
CA ASP A 61 -5.67 21.89 -0.99
C ASP A 61 -6.45 21.84 -2.31
N GLY A 62 -6.67 23.00 -2.93
CA GLY A 62 -7.39 23.01 -4.19
C GLY A 62 -6.63 22.32 -5.31
N GLU A 63 -5.31 22.49 -5.34
CA GLU A 63 -4.52 21.84 -6.38
C GLU A 63 -4.45 20.33 -6.17
N THR A 64 -4.37 19.89 -4.90
CA THR A 64 -4.31 18.46 -4.62
C THR A 64 -5.64 17.78 -4.94
N ARG A 65 -6.77 18.42 -4.63
CA ARG A 65 -8.06 17.85 -5.00
C ARG A 65 -8.25 17.78 -6.50
N LYS A 66 -7.54 18.59 -7.27
CA LYS A 66 -7.65 18.58 -8.72
C LYS A 66 -6.68 17.59 -9.35
N VAL A 67 -5.48 17.45 -8.78
CA VAL A 67 -4.58 16.42 -9.27
C VAL A 67 -5.10 15.03 -8.90
N LYS A 68 -5.83 14.92 -7.79
CA LYS A 68 -6.52 13.66 -7.49
C LYS A 68 -7.71 13.45 -8.41
N ALA A 69 -8.34 14.53 -8.86
CA ALA A 69 -9.44 14.42 -9.81
C ALA A 69 -8.93 14.18 -11.22
N HIS A 70 -7.78 14.75 -11.57
CA HIS A 70 -7.13 14.40 -12.84
C HIS A 70 -6.68 12.96 -12.83
N SER A 71 -6.30 12.43 -11.66
CA SER A 71 -5.92 11.02 -11.57
C SER A 71 -7.13 10.11 -11.80
N GLN A 72 -8.25 10.41 -11.15
CA GLN A 72 -9.46 9.61 -11.36
C GLN A 72 -9.94 9.66 -12.80
N THR A 73 -9.62 10.74 -13.52
CA THR A 73 -9.95 10.81 -14.94
C THR A 73 -9.02 9.94 -15.77
N HIS A 74 -7.74 9.89 -15.40
CA HIS A 74 -6.76 9.08 -16.13
C HIS A 74 -6.92 7.59 -15.85
N ARG A 75 -7.49 7.22 -14.69
CA ARG A 75 -7.84 5.82 -14.46
C ARG A 75 -8.86 5.34 -15.46
N VAL A 76 -9.88 6.16 -15.74
CA VAL A 76 -10.90 5.79 -16.71
C VAL A 76 -10.33 5.88 -18.13
N ASP A 77 -9.41 6.83 -18.36
CA ASP A 77 -8.83 6.97 -19.70
C ASP A 77 -7.98 5.76 -20.08
N LEU A 78 -7.34 5.11 -19.11
CA LEU A 78 -6.58 3.91 -19.41
C LEU A 78 -7.50 2.77 -19.88
N GLY A 79 -8.55 2.49 -19.10
CA GLY A 79 -9.47 1.44 -19.49
C GLY A 79 -10.27 1.75 -20.72
N THR A 80 -10.54 3.04 -20.97
CA THR A 80 -11.30 3.44 -22.15
C THR A 80 -10.49 3.20 -23.42
N LEU A 81 -9.22 3.63 -23.42
CA LEU A 81 -8.36 3.38 -24.56
C LEU A 81 -8.09 1.89 -24.75
N ARG A 82 -8.16 1.11 -23.66
CA ARG A 82 -8.06 -0.35 -23.80
C ARG A 82 -9.16 -0.89 -24.69
N GLY A 83 -10.40 -0.43 -24.49
CA GLY A 83 -11.50 -0.87 -25.33
C GLY A 83 -11.46 -0.30 -26.73
N TYR A 84 -10.96 0.93 -26.86
CA TYR A 84 -10.86 1.54 -28.18
C TYR A 84 -9.92 0.75 -29.09
N TYR A 85 -8.78 0.32 -28.56
CA TYR A 85 -7.81 -0.46 -29.30
C TYR A 85 -7.96 -1.97 -29.08
N ASN A 86 -8.95 -2.39 -28.28
CA ASN A 86 -9.20 -3.79 -27.99
C ASN A 86 -7.95 -4.47 -27.44
N GLN A 87 -7.58 -4.04 -26.24
CA GLN A 87 -6.39 -4.53 -25.55
C GLN A 87 -6.80 -5.24 -24.27
N SER A 88 -5.88 -6.05 -23.74
CA SER A 88 -6.11 -6.79 -22.51
C SER A 88 -5.59 -6.01 -21.31
N GLU A 89 -6.11 -6.35 -20.13
CA GLU A 89 -5.70 -5.70 -18.89
C GLU A 89 -4.33 -6.15 -18.43
N ALA A 90 -3.81 -7.26 -18.97
CA ALA A 90 -2.50 -7.77 -18.57
C ALA A 90 -1.34 -6.96 -19.13
N GLY A 91 -1.61 -5.95 -19.96
CA GLY A 91 -0.56 -5.13 -20.52
C GLY A 91 -0.33 -3.85 -19.74
N SER A 92 0.78 -3.19 -20.06
CA SER A 92 1.16 -1.91 -19.44
C SER A 92 1.29 -0.87 -20.54
N HIS A 93 0.50 0.20 -20.45
CA HIS A 93 0.48 1.25 -21.44
C HIS A 93 0.64 2.60 -20.77
N THR A 94 1.15 3.57 -21.53
CA THR A 94 1.47 4.89 -21.01
C THR A 94 0.56 5.93 -21.67
N VAL A 95 -0.06 6.77 -20.84
CA VAL A 95 -0.90 7.87 -21.32
C VAL A 95 -0.24 9.18 -20.92
N GLN A 96 -0.13 10.09 -21.88
CA GLN A 96 0.55 11.37 -21.68
C GLN A 96 -0.38 12.50 -22.06
N ARG A 97 -0.62 13.40 -21.11
CA ARG A 97 -1.51 14.54 -21.29
C ARG A 97 -0.75 15.82 -21.00
N MET A 98 -0.94 16.83 -21.84
CA MET A 98 -0.26 18.10 -21.65
C MET A 98 -1.16 19.24 -22.12
N TYR A 99 -1.41 20.20 -21.24
CA TYR A 99 -2.08 21.44 -21.60
C TYR A 99 -1.38 22.61 -20.92
N GLY A 100 -1.28 23.73 -21.63
CA GLY A 100 -0.55 24.86 -21.12
C GLY A 100 -0.94 26.15 -21.81
N CYS A 101 -0.17 27.20 -21.52
CA CYS A 101 -0.41 28.51 -22.07
C CYS A 101 0.88 29.09 -22.62
N ASP A 102 0.74 29.87 -23.69
CA ASP A 102 1.85 30.59 -24.31
C ASP A 102 1.55 32.09 -24.30
N VAL A 103 2.58 32.89 -24.08
CA VAL A 103 2.41 34.32 -23.90
C VAL A 103 3.67 35.00 -24.42
N GLY A 104 3.50 36.11 -25.15
CA GLY A 104 4.61 36.81 -25.76
C GLY A 104 5.14 37.93 -24.90
N SER A 105 5.99 38.76 -25.53
CA SER A 105 6.55 39.92 -24.84
C SER A 105 5.47 40.92 -24.47
N ASP A 106 4.36 40.93 -25.20
CA ASP A 106 3.23 41.80 -24.90
C ASP A 106 2.47 41.33 -23.66
N TRP A 107 2.75 40.13 -23.17
CA TRP A 107 2.04 39.52 -22.05
C TRP A 107 0.54 39.36 -22.36
N ARG A 108 0.24 39.08 -23.62
CA ARG A 108 -1.11 38.73 -24.07
C ARG A 108 -1.12 37.28 -24.53
N PHE A 109 -2.30 36.68 -24.50
CA PHE A 109 -2.44 35.29 -24.95
C PHE A 109 -2.14 35.17 -26.43
N LEU A 110 -1.48 34.09 -26.82
CA LEU A 110 -1.13 33.85 -28.21
C LEU A 110 -1.47 32.44 -28.68
N ARG A 111 -1.16 31.42 -27.88
CA ARG A 111 -1.45 30.04 -28.28
C ARG A 111 -1.81 29.22 -27.05
N GLY A 112 -2.68 28.25 -27.25
CA GLY A 112 -3.09 27.35 -26.18
C GLY A 112 -2.97 25.91 -26.63
N TYR A 113 -2.52 25.06 -25.72
CA TYR A 113 -2.28 23.66 -26.02
C TYR A 113 -3.10 22.77 -25.11
N HIS A 114 -3.50 21.61 -25.65
CA HIS A 114 -4.23 20.58 -24.91
C HIS A 114 -4.24 19.30 -25.74
N GLN A 115 -3.27 18.43 -25.51
CA GLN A 115 -3.06 17.27 -26.37
C GLN A 115 -2.85 16.02 -25.54
N TYR A 116 -3.18 14.88 -26.12
CA TYR A 116 -3.03 13.57 -25.49
C TYR A 116 -2.11 12.69 -26.33
N ALA A 117 -1.68 11.58 -25.72
CA ALA A 117 -0.85 10.60 -26.41
C ALA A 117 -0.99 9.27 -25.69
N TYR A 118 -1.03 8.19 -26.48
CA TYR A 118 -1.21 6.84 -25.95
C TYR A 118 -0.08 5.96 -26.47
N ASP A 119 0.73 5.43 -25.55
CA ASP A 119 1.87 4.58 -25.90
C ASP A 119 2.84 5.31 -26.84
N GLY A 120 3.15 6.56 -26.49
CA GLY A 120 4.14 7.34 -27.20
C GLY A 120 3.73 7.86 -28.56
N LYS A 121 2.58 7.46 -29.08
CA LYS A 121 2.07 7.97 -30.35
C LYS A 121 0.96 8.99 -30.09
N ASP A 122 0.83 9.94 -31.00
CA ASP A 122 -0.19 10.97 -30.87
C ASP A 122 -1.58 10.35 -30.85
N TYR A 123 -2.49 11.00 -30.11
CA TYR A 123 -3.87 10.56 -30.03
C TYR A 123 -4.81 11.67 -30.47
N ILE A 124 -5.06 12.61 -29.56
CA ILE A 124 -5.89 13.78 -29.85
C ILE A 124 -5.13 15.03 -29.43
N ALA A 125 -5.33 16.11 -30.19
CA ALA A 125 -4.62 17.36 -29.94
C ALA A 125 -5.53 18.52 -30.29
N LEU A 126 -5.43 19.60 -29.52
CA LEU A 126 -6.22 20.80 -29.74
C LEU A 126 -5.52 21.69 -30.75
N LYS A 127 -6.21 22.04 -31.82
CA LYS A 127 -5.63 22.84 -32.89
C LYS A 127 -5.38 24.27 -32.41
N GLU A 128 -4.76 25.06 -33.28
CA GLU A 128 -4.42 26.43 -32.94
C GLU A 128 -5.65 27.31 -32.82
N ASP A 129 -6.71 27.02 -33.58
CA ASP A 129 -7.92 27.81 -33.51
C ASP A 129 -8.74 27.53 -32.26
N LEU A 130 -8.38 26.51 -31.48
CA LEU A 130 -8.97 26.22 -30.17
C LEU A 130 -10.45 25.88 -30.25
N ARG A 131 -10.98 25.56 -31.43
CA ARG A 131 -12.37 25.15 -31.57
C ARG A 131 -12.53 23.90 -32.43
N SER A 132 -11.44 23.29 -32.87
CA SER A 132 -11.50 22.04 -33.63
C SER A 132 -10.38 21.13 -33.16
N TRP A 133 -10.60 19.83 -33.28
CA TRP A 133 -9.66 18.83 -32.79
C TRP A 133 -8.98 18.11 -33.95
N THR A 134 -7.96 17.32 -33.59
CA THR A 134 -7.19 16.54 -34.55
C THR A 134 -7.11 15.10 -34.04
N ALA A 135 -7.56 14.16 -34.86
CA ALA A 135 -7.56 12.74 -34.51
C ALA A 135 -6.46 12.04 -35.27
N ALA A 136 -5.62 11.29 -34.54
CA ALA A 136 -4.48 10.61 -35.15
C ALA A 136 -4.93 9.34 -35.87
N ASP A 137 -5.49 8.39 -35.13
CA ASP A 137 -5.90 7.09 -35.65
C ASP A 137 -7.43 6.99 -35.64
N MET A 138 -7.94 5.77 -35.80
CA MET A 138 -9.38 5.55 -35.81
C MET A 138 -9.98 5.67 -34.41
N ALA A 139 -9.29 5.14 -33.40
CA ALA A 139 -9.79 5.23 -32.03
C ALA A 139 -9.91 6.67 -31.57
N ALA A 140 -9.01 7.54 -32.02
CA ALA A 140 -9.08 8.96 -31.66
C ALA A 140 -10.31 9.62 -32.28
N GLN A 141 -10.77 9.11 -33.43
CA GLN A 141 -11.98 9.66 -34.05
C GLN A 141 -13.19 9.48 -33.16
N THR A 142 -13.19 8.47 -32.28
CA THR A 142 -14.30 8.27 -31.36
C THR A 142 -14.40 9.40 -30.35
N THR A 143 -13.26 9.87 -29.83
CA THR A 143 -13.26 10.96 -28.87
C THR A 143 -13.28 12.34 -29.54
N LYS A 144 -12.89 12.43 -30.81
CA LYS A 144 -12.98 13.70 -31.52
C LYS A 144 -14.43 14.15 -31.64
N HIS A 145 -15.31 13.24 -32.05
CA HIS A 145 -16.72 13.58 -32.21
C HIS A 145 -17.48 13.49 -30.90
N LYS A 146 -16.92 12.86 -29.88
CA LYS A 146 -17.53 12.88 -28.56
C LYS A 146 -17.29 14.21 -27.86
N TRP A 147 -16.16 14.86 -28.13
CA TRP A 147 -15.86 16.17 -27.58
C TRP A 147 -16.39 17.32 -28.43
N GLU A 148 -16.64 17.08 -29.72
CA GLU A 148 -17.29 18.10 -30.54
C GLU A 148 -18.73 18.31 -30.12
N ALA A 149 -19.43 17.23 -29.77
CA ALA A 149 -20.83 17.35 -29.35
C ALA A 149 -20.97 18.00 -27.99
N ALA A 150 -19.97 17.83 -27.11
CA ALA A 150 -20.03 18.38 -25.76
C ALA A 150 -19.36 19.73 -25.62
N HIS A 151 -18.82 20.28 -26.71
CA HIS A 151 -18.15 21.58 -26.71
C HIS A 151 -17.09 21.67 -25.61
N VAL A 152 -16.17 20.70 -25.64
CA VAL A 152 -15.13 20.66 -24.62
C VAL A 152 -14.11 21.77 -24.85
N ALA A 153 -13.90 22.17 -26.10
CA ALA A 153 -12.88 23.18 -26.38
C ALA A 153 -13.32 24.58 -25.95
N GLU A 154 -14.62 24.88 -26.00
CA GLU A 154 -15.07 26.16 -25.45
C GLU A 154 -14.97 26.18 -23.94
N GLN A 155 -15.15 25.04 -23.29
CA GLN A 155 -14.94 24.97 -21.85
C GLN A 155 -13.46 24.99 -21.51
N LEU A 156 -12.63 24.45 -22.39
CA LEU A 156 -11.19 24.54 -22.24
C LEU A 156 -10.67 25.93 -22.61
N ARG A 157 -11.33 26.58 -23.56
CA ARG A 157 -10.94 27.93 -23.97
C ARG A 157 -11.08 28.92 -22.82
N ALA A 158 -12.05 28.71 -21.93
CA ALA A 158 -12.20 29.57 -20.76
C ALA A 158 -11.04 29.43 -19.79
N TYR A 159 -10.26 28.37 -19.90
CA TYR A 159 -9.08 28.18 -19.08
C TYR A 159 -7.83 28.67 -19.79
N LEU A 160 -7.57 28.15 -21.00
CA LEU A 160 -6.37 28.55 -21.75
C LEU A 160 -6.31 30.05 -21.98
N GLU A 161 -7.46 30.66 -22.33
CA GLU A 161 -7.51 32.09 -22.57
C GLU A 161 -7.89 32.91 -21.34
N GLY A 162 -8.23 32.25 -20.23
CA GLY A 162 -8.71 32.97 -19.07
C GLY A 162 -7.89 32.80 -17.80
N THR A 163 -8.19 31.75 -17.03
CA THR A 163 -7.55 31.57 -15.73
C THR A 163 -6.07 31.28 -15.87
N CYS A 164 -5.68 30.49 -16.87
CA CYS A 164 -4.31 30.01 -16.99
C CYS A 164 -3.34 31.15 -17.25
N VAL A 165 -3.70 32.09 -18.13
CA VAL A 165 -2.80 33.22 -18.39
C VAL A 165 -2.72 34.12 -17.16
N GLU A 166 -3.82 34.26 -16.41
CA GLU A 166 -3.80 35.09 -15.21
C GLU A 166 -2.82 34.53 -14.18
N TRP A 167 -2.83 33.21 -13.96
CA TRP A 167 -1.91 32.61 -13.00
C TRP A 167 -0.50 32.54 -13.55
N LEU A 168 -0.35 32.43 -14.87
CA LEU A 168 0.98 32.50 -15.47
C LEU A 168 1.62 33.86 -15.22
N ARG A 169 0.85 34.93 -15.45
CA ARG A 169 1.36 36.28 -15.16
C ARG A 169 1.66 36.44 -13.68
N ARG A 170 0.85 35.82 -12.81
CA ARG A 170 1.11 35.88 -11.38
C ARG A 170 2.40 35.13 -11.03
N TYR A 171 2.60 33.95 -11.62
CA TYR A 171 3.79 33.16 -11.31
C TYR A 171 5.06 33.85 -11.78
N LEU A 172 4.97 34.60 -12.88
CA LEU A 172 6.14 35.32 -13.38
C LEU A 172 6.55 36.44 -12.42
N GLU A 173 5.57 37.13 -11.82
CA GLU A 173 5.90 38.22 -10.92
C GLU A 173 6.49 37.69 -9.61
N ASN A 174 5.94 36.60 -9.08
CA ASN A 174 6.44 36.07 -7.82
C ASN A 174 7.85 35.54 -7.94
N GLY A 175 8.26 35.11 -9.14
CA GLY A 175 9.60 34.62 -9.34
C GLY A 175 10.38 35.41 -10.38
N LYS A 176 10.26 36.74 -10.33
CA LYS A 176 10.88 37.59 -11.35
C LYS A 176 12.38 37.37 -11.43
N GLU A 177 13.04 37.10 -10.30
CA GLU A 177 14.48 36.92 -10.29
C GLU A 177 14.93 35.68 -11.04
N THR A 178 14.07 34.67 -11.19
CA THR A 178 14.46 33.42 -11.82
C THR A 178 13.56 33.04 -12.99
N LEU A 179 12.73 33.97 -13.47
CA LEU A 179 11.80 33.68 -14.56
C LEU A 179 12.08 34.53 -15.80
N GLN A 180 12.04 35.85 -15.69
CA GLN A 180 12.17 36.74 -16.83
C GLN A 180 13.62 37.04 -17.19
N ARG A 181 14.58 36.39 -16.53
CA ARG A 181 15.98 36.62 -16.82
C ARG A 181 16.35 36.15 -18.22
N THR A 182 17.31 36.84 -18.84
CA THR A 182 17.87 36.47 -20.13
C THR A 182 19.39 36.48 -20.00
N ASP A 183 19.97 35.36 -19.61
CA ASP A 183 21.41 35.25 -19.51
C ASP A 183 22.02 34.99 -20.88
N ALA A 184 23.28 35.41 -21.04
CA ALA A 184 23.92 35.37 -22.35
C ALA A 184 24.89 34.21 -22.45
N PRO A 185 24.94 33.54 -23.61
CA PRO A 185 25.84 32.40 -23.78
C PRO A 185 27.31 32.83 -23.71
N LYS A 186 28.02 32.29 -22.71
CA LYS A 186 29.45 32.51 -22.55
C LYS A 186 30.21 31.66 -23.57
N THR A 187 30.07 32.05 -24.84
CA THR A 187 30.63 31.28 -25.94
C THR A 187 32.16 31.31 -25.92
N HIS A 188 32.75 30.20 -26.37
CA HIS A 188 34.19 30.12 -26.62
C HIS A 188 34.39 29.06 -27.70
N MET A 189 35.67 28.75 -27.98
CA MET A 189 35.99 27.79 -29.04
C MET A 189 37.16 26.94 -28.61
N THR A 190 37.14 25.67 -29.02
CA THR A 190 38.21 24.73 -28.74
C THR A 190 38.66 24.11 -30.07
N HIS A 191 39.90 23.62 -30.08
CA HIS A 191 40.51 23.07 -31.28
C HIS A 191 41.16 21.75 -30.92
N HIS A 192 40.54 20.65 -31.33
CA HIS A 192 41.06 19.30 -31.11
C HIS A 192 41.45 18.71 -32.47
N ALA A 193 42.74 18.41 -32.63
CA ALA A 193 43.26 17.83 -33.87
C ALA A 193 43.29 16.32 -33.71
N VAL A 194 42.46 15.62 -34.50
CA VAL A 194 42.45 14.16 -34.45
C VAL A 194 43.72 13.60 -35.06
N SER A 195 44.26 14.26 -36.09
CA SER A 195 45.49 13.83 -36.74
C SER A 195 46.31 15.08 -37.08
N ASP A 196 47.41 14.87 -37.81
CA ASP A 196 48.26 15.98 -38.24
C ASP A 196 47.77 16.63 -39.53
N HIS A 197 46.65 16.17 -40.09
CA HIS A 197 46.12 16.75 -41.33
C HIS A 197 44.73 17.35 -41.16
N GLU A 198 43.94 16.87 -40.20
CA GLU A 198 42.61 17.40 -39.95
C GLU A 198 42.47 17.73 -38.47
N ALA A 199 41.49 18.59 -38.18
CA ALA A 199 41.24 19.03 -36.81
C ALA A 199 39.76 19.32 -36.65
N THR A 200 39.29 19.19 -35.41
CA THR A 200 37.87 19.34 -35.10
C THR A 200 37.68 20.66 -34.34
N LEU A 201 37.26 21.69 -35.07
CA LEU A 201 36.82 22.92 -34.42
C LEU A 201 35.49 22.69 -33.72
N ARG A 202 35.28 23.38 -32.60
CA ARG A 202 34.07 23.18 -31.81
C ARG A 202 33.66 24.50 -31.20
N CYS A 203 32.38 24.85 -31.38
CA CYS A 203 31.83 26.14 -30.98
C CYS A 203 30.91 25.92 -29.78
N TRP A 204 31.31 26.44 -28.63
CA TRP A 204 30.59 26.24 -27.38
C TRP A 204 29.65 27.38 -27.09
N ALA A 205 28.59 27.07 -26.35
CA ALA A 205 27.67 28.07 -25.80
C ALA A 205 27.27 27.60 -24.41
N LEU A 206 27.64 28.36 -23.39
CA LEU A 206 27.47 27.92 -22.02
C LEU A 206 26.76 29.00 -21.20
N SER A 207 26.01 28.54 -20.20
CA SER A 207 25.32 29.41 -19.24
C SER A 207 24.44 30.45 -19.95
N PHE A 208 23.39 29.95 -20.60
CA PHE A 208 22.42 30.81 -21.26
C PHE A 208 21.01 30.37 -20.90
N TYR A 209 20.10 31.34 -20.82
CA TYR A 209 18.70 31.13 -20.51
C TYR A 209 17.93 32.22 -21.26
N PRO A 210 16.91 31.86 -22.05
CA PRO A 210 16.31 30.53 -22.14
C PRO A 210 17.05 29.60 -23.09
N ALA A 211 16.48 28.42 -23.33
CA ALA A 211 17.10 27.39 -24.16
C ALA A 211 17.10 27.73 -25.64
N GLU A 212 16.59 28.89 -26.03
CA GLU A 212 16.49 29.26 -27.45
C GLU A 212 17.82 29.83 -27.90
N ILE A 213 18.58 29.02 -28.64
CA ILE A 213 19.84 29.46 -29.24
C ILE A 213 19.96 28.81 -30.61
N THR A 214 20.91 29.32 -31.40
CA THR A 214 21.16 28.81 -32.75
C THR A 214 22.66 28.76 -32.98
N LEU A 215 23.19 27.55 -33.14
CA LEU A 215 24.60 27.35 -33.46
C LEU A 215 24.71 26.80 -34.88
N THR A 216 25.36 27.55 -35.76
CA THR A 216 25.51 27.17 -37.15
C THR A 216 26.95 27.39 -37.59
N TRP A 217 27.53 26.40 -38.24
CA TRP A 217 28.87 26.52 -38.80
C TRP A 217 28.76 26.96 -40.25
N GLN A 218 29.48 28.03 -40.59
CA GLN A 218 29.51 28.55 -41.96
C GLN A 218 30.95 28.84 -42.35
N ARG A 219 31.29 28.48 -43.58
CA ARG A 219 32.63 28.66 -44.12
C ARG A 219 32.60 29.85 -45.08
N ASP A 220 33.26 30.94 -44.69
CA ASP A 220 33.31 32.19 -45.47
C ASP A 220 31.91 32.75 -45.74
N GLY A 221 30.99 32.56 -44.78
CA GLY A 221 29.64 33.05 -44.91
C GLY A 221 28.68 32.12 -45.62
N GLU A 222 29.12 30.92 -46.00
CA GLU A 222 28.28 29.99 -46.72
C GLU A 222 27.77 28.88 -45.81
N GLN A 226 26.44 21.50 -44.14
CA GLN A 226 25.45 21.19 -43.12
C GLN A 226 25.84 19.94 -42.33
N ASP A 227 26.99 19.36 -42.69
CA ASP A 227 27.52 18.19 -42.01
C ASP A 227 28.25 18.62 -40.74
N THR A 228 27.58 19.39 -39.89
CA THR A 228 28.13 19.87 -38.64
C THR A 228 27.46 19.13 -37.49
N GLU A 229 28.26 18.66 -36.53
CA GLU A 229 27.74 17.86 -35.44
C GLU A 229 27.12 18.78 -34.40
N LEU A 230 25.80 18.70 -34.26
CA LEU A 230 25.04 19.47 -33.29
C LEU A 230 24.36 18.52 -32.32
N VAL A 231 24.42 18.85 -31.04
CA VAL A 231 23.81 18.03 -30.00
C VAL A 231 22.64 18.81 -29.41
N GLU A 232 21.70 18.06 -28.84
CA GLU A 232 20.53 18.68 -28.25
C GLU A 232 20.91 19.59 -27.09
N THR A 233 20.15 20.67 -26.92
CA THR A 233 20.39 21.60 -25.84
C THR A 233 20.22 20.92 -24.49
N ARG A 234 21.31 20.76 -23.78
CA ARG A 234 21.38 20.04 -22.53
C ARG A 234 21.39 21.01 -21.35
N PRO A 235 20.83 20.59 -20.21
CA PRO A 235 20.86 21.44 -19.02
C PRO A 235 22.13 21.24 -18.21
N ALA A 236 22.63 22.35 -17.66
CA ALA A 236 23.77 22.29 -16.76
C ALA A 236 23.36 22.01 -15.32
N GLY A 237 22.09 22.22 -14.97
CA GLY A 237 21.58 22.00 -13.65
C GLY A 237 21.41 23.27 -12.83
N ASP A 238 22.26 24.27 -13.07
CA ASP A 238 22.20 25.53 -12.34
C ASP A 238 21.14 26.48 -12.88
N GLY A 239 20.25 26.02 -13.74
CA GLY A 239 19.23 26.85 -14.34
C GLY A 239 19.53 27.32 -15.74
N THR A 240 20.78 27.18 -16.18
CA THR A 240 21.20 27.58 -17.52
C THR A 240 21.48 26.34 -18.37
N PHE A 241 21.58 26.55 -19.66
CA PHE A 241 21.72 25.46 -20.63
C PHE A 241 23.06 25.53 -21.35
N GLN A 242 23.32 24.51 -22.16
CA GLN A 242 24.53 24.40 -22.94
C GLN A 242 24.19 23.89 -24.32
N LYS A 243 25.13 24.08 -25.24
CA LYS A 243 25.00 23.58 -26.62
C LYS A 243 26.31 23.85 -27.34
N TRP A 244 26.76 22.87 -28.11
CA TRP A 244 27.98 23.03 -28.90
C TRP A 244 27.78 22.43 -30.29
N ALA A 245 28.39 23.08 -31.28
CA ALA A 245 28.36 22.62 -32.66
C ALA A 245 29.80 22.51 -33.15
N ALA A 246 30.17 21.34 -33.66
CA ALA A 246 31.52 21.08 -34.10
C ALA A 246 31.55 20.62 -35.55
N VAL A 247 32.60 21.01 -36.26
CA VAL A 247 32.83 20.61 -37.65
C VAL A 247 34.29 20.20 -37.78
N VAL A 248 34.52 19.10 -38.51
CA VAL A 248 35.87 18.60 -38.76
C VAL A 248 36.41 19.34 -39.97
N VAL A 249 37.53 20.04 -39.79
CA VAL A 249 38.09 20.87 -40.86
C VAL A 249 39.52 20.43 -41.14
N PRO A 250 39.99 20.53 -42.38
CA PRO A 250 41.39 20.24 -42.67
C PRO A 250 42.31 21.28 -42.05
N SER A 251 43.50 20.82 -41.65
CA SER A 251 44.47 21.71 -41.01
C SER A 251 44.91 22.79 -42.00
N GLY A 252 44.90 24.04 -41.54
CA GLY A 252 45.26 25.18 -42.35
C GLY A 252 44.09 25.98 -42.87
N GLN A 253 42.90 25.38 -42.93
CA GLN A 253 41.70 26.06 -43.41
C GLN A 253 40.79 26.49 -42.27
N GLU A 254 41.32 26.61 -41.05
CA GLU A 254 40.52 27.07 -39.93
C GLU A 254 40.08 28.52 -40.09
N GLN A 255 40.81 29.31 -40.87
CA GLN A 255 40.43 30.70 -41.11
C GLN A 255 39.18 30.82 -41.97
N ARG A 256 38.79 29.74 -42.66
CA ARG A 256 37.60 29.78 -43.51
C ARG A 256 36.32 29.68 -42.71
N TYR A 257 36.33 28.97 -41.58
CA TYR A 257 35.11 28.64 -40.88
C TYR A 257 34.82 29.65 -39.77
N THR A 258 33.53 29.94 -39.57
CA THR A 258 33.07 30.85 -38.54
C THR A 258 31.79 30.31 -37.92
N CYS A 259 31.60 30.60 -36.64
CA CYS A 259 30.44 30.16 -35.88
C CYS A 259 29.55 31.37 -35.59
N HIS A 260 28.24 31.19 -35.76
CA HIS A 260 27.27 32.27 -35.58
C HIS A 260 26.34 31.90 -34.41
N VAL A 261 26.46 32.64 -33.31
CA VAL A 261 25.67 32.40 -32.11
C VAL A 261 24.57 33.47 -32.01
N GLN A 262 23.32 33.03 -31.92
CA GLN A 262 22.18 33.92 -31.77
C GLN A 262 21.38 33.51 -30.55
N HIS A 263 21.05 34.48 -29.70
CA HIS A 263 20.34 34.19 -28.45
C HIS A 263 19.53 35.41 -28.07
N GLU A 264 18.50 35.19 -27.26
CA GLU A 264 17.63 36.29 -26.82
C GLU A 264 18.39 37.33 -26.03
N GLY A 265 19.32 36.90 -25.18
CA GLY A 265 20.08 37.84 -24.38
C GLY A 265 21.10 38.62 -25.18
N LEU A 266 21.57 38.06 -26.30
CA LEU A 266 22.57 38.72 -27.13
C LEU A 266 21.95 39.83 -27.98
N PRO A 267 22.33 41.09 -27.74
CA PRO A 267 21.81 42.16 -28.61
C PRO A 267 22.34 42.08 -30.03
N LYS A 268 23.57 41.63 -30.21
CA LYS A 268 24.19 41.51 -31.53
C LYS A 268 24.45 40.04 -31.84
N PRO A 269 24.01 39.53 -32.99
CA PRO A 269 24.34 38.15 -33.37
C PRO A 269 25.83 37.96 -33.49
N LEU A 270 26.38 37.09 -32.63
CA LEU A 270 27.82 36.91 -32.56
C LEU A 270 28.33 36.05 -33.70
N THR A 271 29.53 36.38 -34.18
CA THR A 271 30.25 35.58 -35.16
C THR A 271 31.63 35.29 -34.60
N LEU A 272 31.92 34.02 -34.37
CA LEU A 272 33.17 33.60 -33.75
C LEU A 272 34.12 33.05 -34.79
N ARG A 273 35.41 33.38 -34.63
CA ARG A 273 36.44 32.97 -35.57
C ARG A 273 37.65 32.49 -34.80
N TRP A 274 38.33 31.50 -35.36
CA TRP A 274 39.54 30.96 -34.74
C TRP A 274 40.78 31.70 -35.24
N ILE B 2 5.12 2.18 -29.97
CA ILE B 2 6.36 2.76 -30.47
C ILE B 2 7.39 2.84 -29.35
N GLN B 3 8.62 2.44 -29.65
CA GLN B 3 9.74 2.52 -28.71
C GLN B 3 10.86 3.32 -29.35
N ARG B 4 11.30 4.37 -28.67
CA ARG B 4 12.34 5.26 -29.15
C ARG B 4 13.58 5.11 -28.29
N THR B 5 14.74 4.97 -28.94
CA THR B 5 15.98 4.76 -28.22
C THR B 5 16.45 6.06 -27.55
N PRO B 6 17.03 5.99 -26.36
CA PRO B 6 17.40 7.21 -25.64
C PRO B 6 18.61 7.90 -26.24
N LYS B 7 18.63 9.23 -26.10
CA LYS B 7 19.76 10.05 -26.52
C LYS B 7 20.57 10.44 -25.28
N ILE B 8 21.82 10.00 -25.23
CA ILE B 8 22.66 10.18 -24.05
C ILE B 8 23.67 11.29 -24.31
N GLN B 9 23.95 12.09 -23.27
CA GLN B 9 24.99 13.11 -23.32
C GLN B 9 25.71 13.14 -21.99
N VAL B 10 27.03 12.99 -22.04
CA VAL B 10 27.89 13.04 -20.86
C VAL B 10 28.73 14.30 -20.95
N TYR B 11 28.60 15.17 -19.95
CA TYR B 11 29.25 16.47 -19.98
C TYR B 11 29.39 16.98 -18.55
N SER B 12 29.82 18.23 -18.40
CA SER B 12 30.01 18.86 -17.11
C SER B 12 29.32 20.22 -17.09
N ARG B 13 29.00 20.69 -15.89
CA ARG B 13 28.34 21.98 -15.73
C ARG B 13 29.24 23.12 -16.21
N HIS B 14 30.45 23.18 -15.70
CA HIS B 14 31.44 24.19 -16.08
C HIS B 14 32.55 23.54 -16.89
N PRO B 15 33.33 24.33 -17.64
CA PRO B 15 34.51 23.78 -18.32
C PRO B 15 35.42 23.03 -17.35
N ALA B 16 35.60 21.74 -17.60
CA ALA B 16 36.31 20.86 -16.68
C ALA B 16 37.77 21.30 -16.47
N GLU B 17 38.05 21.81 -15.27
CA GLU B 17 39.40 22.18 -14.88
C GLU B 17 39.84 21.23 -13.76
N ASN B 18 41.06 20.72 -13.87
CA ASN B 18 41.57 19.77 -12.88
C ASN B 18 41.62 20.41 -11.50
N GLY B 19 41.14 19.67 -10.50
CA GLY B 19 41.10 20.15 -9.13
C GLY B 19 39.96 21.09 -8.79
N LYS B 20 39.19 21.53 -9.78
CA LYS B 20 38.09 22.47 -9.56
C LYS B 20 36.80 21.71 -9.25
N SER B 21 36.11 22.12 -8.20
CA SER B 21 34.82 21.54 -7.84
C SER B 21 33.81 21.76 -8.95
N ASN B 22 33.42 20.68 -9.64
CA ASN B 22 32.52 20.75 -10.78
C ASN B 22 31.41 19.72 -10.61
N PHE B 23 30.56 19.62 -11.63
CA PHE B 23 29.44 18.68 -11.65
C PHE B 23 29.52 17.82 -12.90
N LEU B 24 29.24 16.53 -12.74
CA LEU B 24 29.19 15.59 -13.86
C LEU B 24 27.72 15.29 -14.17
N ASN B 25 27.27 15.67 -15.36
CA ASN B 25 25.88 15.52 -15.75
C ASN B 25 25.76 14.49 -16.86
N CYS B 26 24.75 13.63 -16.75
CA CYS B 26 24.36 12.71 -17.82
C CYS B 26 22.92 13.03 -18.17
N TYR B 27 22.70 13.53 -19.38
CA TYR B 27 21.40 14.01 -19.83
C TYR B 27 20.86 13.03 -20.87
N VAL B 28 19.88 12.23 -20.47
CA VAL B 28 19.23 11.27 -21.34
C VAL B 28 17.89 11.83 -21.77
N SER B 29 17.62 11.80 -23.07
CA SER B 29 16.40 12.41 -23.62
C SER B 29 15.93 11.62 -24.82
N GLY B 30 14.66 11.82 -25.16
CA GLY B 30 14.08 11.21 -26.35
C GLY B 30 13.89 9.72 -26.32
N PHE B 31 13.41 9.19 -25.19
CA PHE B 31 13.20 7.75 -25.05
C PHE B 31 11.77 7.46 -24.63
N HIS B 32 11.28 6.27 -25.02
CA HIS B 32 9.95 5.81 -24.70
C HIS B 32 10.02 4.28 -24.70
N PRO B 33 9.44 3.60 -23.69
CA PRO B 33 8.67 4.18 -22.58
C PRO B 33 9.53 4.85 -21.51
N SER B 34 8.89 5.22 -20.40
CA SER B 34 9.53 6.01 -19.34
C SER B 34 10.46 5.18 -18.46
N ASP B 35 10.48 3.86 -18.61
CA ASP B 35 11.31 3.01 -17.76
C ASP B 35 12.74 3.03 -18.26
N ILE B 36 13.64 3.66 -17.51
CA ILE B 36 15.05 3.77 -17.89
C ILE B 36 15.91 3.69 -16.63
N GLU B 37 17.07 3.06 -16.76
CA GLU B 37 18.03 2.92 -15.67
C GLU B 37 19.33 3.59 -16.10
N VAL B 38 19.79 4.56 -15.31
CA VAL B 38 20.98 5.33 -15.62
C VAL B 38 21.94 5.26 -14.45
N ASP B 39 23.22 5.02 -14.74
CA ASP B 39 24.26 4.95 -13.73
C ASP B 39 25.47 5.72 -14.21
N LEU B 40 26.20 6.31 -13.25
CA LEU B 40 27.40 7.06 -13.54
C LEU B 40 28.60 6.29 -13.01
N LEU B 41 29.58 6.05 -13.88
CA LEU B 41 30.69 5.15 -13.58
C LEU B 41 31.95 5.98 -13.32
N LYS B 42 32.26 6.17 -12.03
CA LYS B 42 33.53 6.79 -11.64
C LYS B 42 34.58 5.70 -11.58
N ASN B 43 35.46 5.67 -12.59
CA ASN B 43 36.50 4.65 -12.70
C ASN B 43 35.89 3.26 -12.79
N GLY B 44 34.85 3.12 -13.61
CA GLY B 44 34.22 1.86 -13.88
C GLY B 44 33.16 1.42 -12.90
N GLU B 45 33.09 2.03 -11.72
CA GLU B 45 32.12 1.64 -10.70
C GLU B 45 31.13 2.77 -10.46
N ARG B 46 29.91 2.39 -10.08
CA ARG B 46 28.85 3.36 -9.86
C ARG B 46 29.09 4.16 -8.57
N ILE B 47 28.47 5.33 -8.51
CA ILE B 47 28.54 6.20 -7.34
C ILE B 47 27.31 5.95 -6.47
N GLU B 48 27.53 5.84 -5.16
CA GLU B 48 26.46 5.44 -4.25
C GLU B 48 25.41 6.52 -4.08
N LYS B 49 25.79 7.79 -4.14
CA LYS B 49 24.88 8.92 -3.90
C LYS B 49 24.83 9.77 -5.17
N VAL B 50 23.81 9.54 -5.99
CA VAL B 50 23.58 10.31 -7.21
C VAL B 50 22.11 10.72 -7.23
N GLU B 51 21.86 12.01 -7.13
CA GLU B 51 20.51 12.54 -7.21
C GLU B 51 20.11 12.79 -8.66
N HIS B 52 18.80 12.80 -8.90
CA HIS B 52 18.27 12.98 -10.24
C HIS B 52 17.05 13.89 -10.18
N SER B 53 16.64 14.38 -11.35
CA SER B 53 15.51 15.29 -11.47
C SER B 53 14.21 14.49 -11.63
N ASP B 54 13.10 15.21 -11.60
CA ASP B 54 11.80 14.58 -11.82
C ASP B 54 11.63 14.24 -13.30
N LEU B 55 10.91 13.14 -13.55
CA LEU B 55 10.73 12.67 -14.91
C LEU B 55 9.72 13.55 -15.64
N SER B 56 10.07 13.96 -16.85
CA SER B 56 9.18 14.77 -17.68
C SER B 56 9.47 14.47 -19.15
N PHE B 57 8.62 14.99 -20.03
CA PHE B 57 8.75 14.79 -21.45
C PHE B 57 8.62 16.12 -22.18
N SER B 58 9.11 16.14 -23.42
CA SER B 58 9.11 17.34 -24.24
C SER B 58 7.77 17.43 -24.99
N LYS B 59 7.72 18.25 -26.05
CA LYS B 59 6.47 18.40 -26.80
C LYS B 59 6.16 17.15 -27.61
N ASP B 60 7.18 16.43 -28.08
CA ASP B 60 6.99 15.23 -28.88
C ASP B 60 6.73 13.98 -28.04
N TRP B 61 6.36 14.15 -26.77
CA TRP B 61 6.00 13.07 -25.84
C TRP B 61 7.20 12.21 -25.44
N SER B 62 8.42 12.59 -25.83
CA SER B 62 9.60 11.83 -25.48
C SER B 62 10.15 12.31 -24.14
N PHE B 63 10.39 11.38 -23.23
CA PHE B 63 10.82 11.71 -21.88
C PHE B 63 12.29 12.11 -21.85
N TYR B 64 12.69 12.75 -20.76
CA TYR B 64 14.07 13.14 -20.56
C TYR B 64 14.37 13.26 -19.07
N LEU B 65 15.58 12.86 -18.68
CA LEU B 65 16.03 12.89 -17.31
C LEU B 65 17.42 13.51 -17.24
N LEU B 66 17.83 13.89 -16.03
CA LEU B 66 19.16 14.42 -15.78
C LEU B 66 19.72 13.80 -14.52
N TYR B 67 20.82 13.07 -14.65
CA TYR B 67 21.55 12.50 -13.53
C TYR B 67 22.84 13.27 -13.35
N TYR B 68 23.11 13.72 -12.13
CA TYR B 68 24.31 14.50 -11.86
C TYR B 68 24.93 14.09 -10.54
N THR B 69 26.23 14.38 -10.41
CA THR B 69 26.98 14.09 -9.20
C THR B 69 28.10 15.11 -9.06
N GLU B 70 28.43 15.44 -7.82
CA GLU B 70 29.55 16.32 -7.54
C GLU B 70 30.85 15.54 -7.60
N PHE B 71 31.85 16.12 -8.24
CA PHE B 71 33.13 15.44 -8.44
C PHE B 71 34.21 16.47 -8.74
N THR B 72 35.45 16.07 -8.46
CA THR B 72 36.62 16.89 -8.76
C THR B 72 37.39 16.23 -9.90
N PRO B 73 37.30 16.75 -11.13
CA PRO B 73 37.92 16.07 -12.27
C PRO B 73 39.44 16.07 -12.20
N THR B 74 40.02 14.94 -12.59
CA THR B 74 41.46 14.77 -12.69
C THR B 74 41.79 14.13 -14.03
N GLU B 75 43.08 13.93 -14.29
CA GLU B 75 43.49 13.24 -15.51
C GLU B 75 43.41 11.73 -15.34
N LYS B 76 43.75 11.23 -14.15
CA LYS B 76 43.73 9.78 -13.91
C LYS B 76 42.29 9.24 -13.83
N ASP B 77 41.36 10.05 -13.33
CA ASP B 77 39.99 9.60 -13.19
C ASP B 77 39.31 9.51 -14.55
N GLU B 78 38.62 8.40 -14.79
CA GLU B 78 37.81 8.20 -15.99
C GLU B 78 36.34 8.11 -15.59
N TYR B 79 35.51 8.89 -16.27
CA TYR B 79 34.07 8.92 -16.00
C TYR B 79 33.29 8.49 -17.23
N ALA B 80 32.08 8.02 -16.99
CA ALA B 80 31.20 7.54 -18.05
C ALA B 80 29.77 7.58 -17.53
N CYS B 81 28.83 7.17 -18.38
CA CYS B 81 27.42 7.09 -18.01
C CYS B 81 26.86 5.77 -18.51
N ARG B 82 26.43 4.92 -17.57
CA ARG B 82 25.86 3.62 -17.90
C ARG B 82 24.34 3.76 -17.97
N VAL B 83 23.78 3.57 -19.16
CA VAL B 83 22.36 3.72 -19.40
C VAL B 83 21.83 2.43 -20.01
N ASN B 84 20.73 1.92 -19.44
CA ASN B 84 20.04 0.76 -19.98
C ASN B 84 18.60 1.12 -20.27
N HIS B 85 18.01 0.44 -21.26
CA HIS B 85 16.65 0.72 -21.68
C HIS B 85 16.07 -0.54 -22.30
N VAL B 86 14.78 -0.50 -22.60
CA VAL B 86 14.12 -1.62 -23.25
C VAL B 86 14.54 -1.76 -24.70
N THR B 87 15.11 -0.71 -25.29
CA THR B 87 15.60 -0.73 -26.65
C THR B 87 17.09 -1.04 -26.76
N LEU B 88 17.77 -1.27 -25.64
CA LEU B 88 19.20 -1.53 -25.63
C LEU B 88 19.44 -3.00 -25.31
N SER B 89 20.11 -3.70 -26.24
CA SER B 89 20.43 -5.10 -26.01
C SER B 89 21.36 -5.27 -24.81
N GLN B 90 22.36 -4.41 -24.70
CA GLN B 90 23.26 -4.34 -23.56
C GLN B 90 23.31 -2.91 -23.05
N PRO B 91 23.62 -2.70 -21.78
CA PRO B 91 23.74 -1.33 -21.27
C PRO B 91 24.78 -0.55 -22.07
N LYS B 92 24.47 0.72 -22.33
CA LYS B 92 25.35 1.58 -23.11
C LYS B 92 26.15 2.45 -22.16
N ILE B 93 27.48 2.42 -22.32
CA ILE B 93 28.41 3.16 -21.47
C ILE B 93 29.07 4.21 -22.34
N VAL B 94 28.72 5.47 -22.14
CA VAL B 94 29.25 6.58 -22.91
C VAL B 94 30.31 7.27 -22.06
N LYS B 95 31.56 7.14 -22.46
CA LYS B 95 32.66 7.72 -21.71
C LYS B 95 32.62 9.24 -21.76
N TRP B 96 33.10 9.86 -20.68
CA TRP B 96 33.09 11.31 -20.57
C TRP B 96 34.31 11.91 -21.26
N ASP B 97 34.11 13.05 -21.90
CA ASP B 97 35.17 13.78 -22.57
C ASP B 97 35.09 15.23 -22.13
N ARG B 98 36.23 15.81 -21.75
CA ARG B 98 36.26 17.20 -21.33
C ARG B 98 35.95 18.15 -22.48
N ASP B 99 36.15 17.72 -23.73
CA ASP B 99 35.88 18.52 -24.91
C ASP B 99 34.50 18.29 -25.50
N MET B 100 33.69 17.41 -24.91
CA MET B 100 32.34 17.17 -25.42
C MET B 100 31.28 17.26 -24.32
N TYR C 1 -1.76 26.60 -11.88
CA TYR C 1 -3.17 26.38 -11.56
C TYR C 1 -3.75 25.28 -12.45
N LEU C 2 -3.95 24.09 -11.88
CA LEU C 2 -4.59 23.02 -12.62
C LEU C 2 -6.01 23.45 -12.97
N GLN C 3 -6.46 23.07 -14.16
CA GLN C 3 -7.79 23.50 -14.59
C GLN C 3 -8.84 22.84 -13.71
N PRO C 4 -9.83 23.59 -13.23
CA PRO C 4 -10.79 23.01 -12.28
C PRO C 4 -11.62 21.89 -12.85
N ARG C 5 -11.72 21.78 -14.17
CA ARG C 5 -12.57 20.80 -14.82
C ARG C 5 -11.73 19.69 -15.44
N THR C 6 -12.21 18.46 -15.30
CA THR C 6 -11.54 17.28 -15.83
C THR C 6 -12.42 16.66 -16.90
N PHE C 7 -11.81 16.30 -18.03
CA PHE C 7 -12.54 15.78 -19.19
C PHE C 7 -12.10 14.36 -19.49
N LEU C 8 -13.07 13.49 -19.71
CA LEU C 8 -12.81 12.07 -19.96
C LEU C 8 -12.58 11.84 -21.44
N LEU C 9 -11.77 10.84 -21.74
CA LEU C 9 -11.58 10.46 -23.14
C LEU C 9 -12.78 9.66 -23.61
N GLY D 1 3.60 -43.65 -7.23
CA GLY D 1 4.78 -43.49 -8.06
C GLY D 1 5.81 -42.56 -7.46
N SER D 2 6.53 -41.85 -8.31
CA SER D 2 7.56 -40.91 -7.89
C SER D 2 6.94 -39.53 -7.73
N HIS D 3 6.96 -39.00 -6.50
CA HIS D 3 6.36 -37.71 -6.19
C HIS D 3 7.44 -36.75 -5.71
N SER D 4 7.02 -35.51 -5.41
CA SER D 4 7.97 -34.47 -5.04
C SER D 4 7.22 -33.30 -4.45
N MET D 5 7.90 -32.57 -3.55
CA MET D 5 7.40 -31.30 -3.02
C MET D 5 8.43 -30.22 -3.29
N ARG D 6 7.99 -29.12 -3.91
CA ARG D 6 8.88 -28.02 -4.23
C ARG D 6 8.31 -26.72 -3.67
N TYR D 7 9.20 -25.77 -3.41
CA TYR D 7 8.84 -24.44 -2.95
C TYR D 7 9.51 -23.42 -3.84
N PHE D 8 8.70 -22.65 -4.58
CA PHE D 8 9.20 -21.65 -5.51
C PHE D 8 8.99 -20.26 -4.93
N PHE D 9 10.02 -19.41 -5.02
CA PHE D 9 10.00 -18.07 -4.47
C PHE D 9 10.37 -17.06 -5.55
N THR D 10 9.70 -15.91 -5.53
CA THR D 10 10.01 -14.82 -6.44
C THR D 10 9.90 -13.50 -5.68
N SER D 11 10.96 -12.72 -5.70
CA SER D 11 11.01 -11.42 -5.05
C SER D 11 11.53 -10.41 -6.06
N VAL D 12 10.62 -9.60 -6.61
CA VAL D 12 10.96 -8.60 -7.62
C VAL D 12 11.01 -7.23 -6.95
N SER D 13 12.12 -6.53 -7.13
CA SER D 13 12.30 -5.23 -6.50
C SER D 13 11.57 -4.15 -7.30
N ARG D 14 11.03 -3.17 -6.57
CA ARG D 14 10.33 -2.05 -7.17
C ARG D 14 11.21 -0.81 -7.11
N PRO D 15 11.46 -0.15 -8.24
CA PRO D 15 12.43 0.95 -8.24
C PRO D 15 12.04 2.12 -7.35
N GLY D 16 10.85 2.67 -7.54
CA GLY D 16 10.41 3.79 -6.72
C GLY D 16 9.71 3.37 -5.45
N ARG D 17 8.75 2.45 -5.56
CA ARG D 17 8.00 1.99 -4.40
C ARG D 17 8.94 1.30 -3.41
N GLY D 18 8.70 1.55 -2.12
CA GLY D 18 9.57 1.06 -1.08
C GLY D 18 9.64 -0.45 -0.97
N GLU D 19 8.51 -1.09 -0.69
CA GLU D 19 8.52 -2.53 -0.46
C GLU D 19 8.55 -3.28 -1.79
N PRO D 20 9.51 -4.17 -2.00
CA PRO D 20 9.48 -5.02 -3.19
C PRO D 20 8.35 -6.02 -3.12
N ARG D 21 7.91 -6.47 -4.29
CA ARG D 21 6.88 -7.50 -4.35
C ARG D 21 7.50 -8.86 -4.10
N PHE D 22 6.91 -9.63 -3.18
CA PHE D 22 7.43 -10.93 -2.76
C PHE D 22 6.35 -11.97 -2.98
N ILE D 23 6.68 -13.01 -3.75
CA ILE D 23 5.75 -14.10 -4.06
C ILE D 23 6.38 -15.41 -3.63
N ALA D 24 5.62 -16.22 -2.91
CA ALA D 24 6.05 -17.54 -2.46
C ALA D 24 4.94 -18.54 -2.71
N VAL D 25 5.28 -19.66 -3.34
CA VAL D 25 4.30 -20.70 -3.66
C VAL D 25 4.91 -22.06 -3.35
N GLY D 26 4.08 -22.98 -2.89
CA GLY D 26 4.51 -24.33 -2.59
C GLY D 26 3.79 -25.33 -3.48
N TYR D 27 4.54 -26.32 -3.97
CA TYR D 27 4.01 -27.31 -4.89
C TYR D 27 4.28 -28.72 -4.38
N VAL D 28 3.22 -29.53 -4.35
CA VAL D 28 3.31 -30.96 -4.11
C VAL D 28 3.00 -31.63 -5.43
N ASP D 29 4.04 -32.18 -6.06
CA ASP D 29 3.96 -32.67 -7.46
C ASP D 29 3.49 -31.48 -8.31
N ASP D 30 2.59 -31.70 -9.27
CA ASP D 30 2.06 -30.60 -10.07
C ASP D 30 0.79 -30.02 -9.47
N THR D 31 0.73 -29.88 -8.14
CA THR D 31 -0.45 -29.36 -7.46
C THR D 31 -0.03 -28.28 -6.47
N GLN D 32 -0.45 -27.05 -6.75
CA GLN D 32 -0.19 -25.93 -5.84
C GLN D 32 -1.08 -26.02 -4.61
N PHE D 33 -0.53 -25.71 -3.45
CA PHE D 33 -1.32 -25.83 -2.23
C PHE D 33 -1.23 -24.62 -1.32
N VAL D 34 -0.14 -23.86 -1.38
CA VAL D 34 -0.03 -22.63 -0.60
C VAL D 34 0.58 -21.54 -1.49
N ARG D 35 0.29 -20.29 -1.12
CA ARG D 35 0.85 -19.14 -1.81
C ARG D 35 0.84 -17.95 -0.86
N PHE D 36 1.65 -16.94 -1.21
CA PHE D 36 1.69 -15.71 -0.44
C PHE D 36 2.16 -14.59 -1.36
N ASP D 37 1.45 -13.47 -1.33
CA ASP D 37 1.77 -12.30 -2.15
C ASP D 37 1.76 -11.06 -1.27
N SER D 38 2.87 -10.31 -1.29
CA SER D 38 2.96 -9.10 -0.48
C SER D 38 2.01 -8.01 -0.95
N ASP D 39 1.47 -8.13 -2.17
CA ASP D 39 0.51 -7.17 -2.69
C ASP D 39 -0.93 -7.65 -2.53
N ALA D 40 -1.15 -8.72 -1.77
CA ALA D 40 -2.47 -9.23 -1.49
C ALA D 40 -2.92 -8.77 -0.10
N ALA D 41 -4.22 -8.58 0.05
CA ALA D 41 -4.77 -8.06 1.30
C ALA D 41 -4.80 -9.11 2.41
N SER D 42 -4.70 -10.39 2.06
CA SER D 42 -4.76 -11.43 3.09
C SER D 42 -3.58 -11.34 4.06
N GLN D 43 -2.39 -11.08 3.54
CA GLN D 43 -1.16 -10.99 4.34
C GLN D 43 -0.92 -12.26 5.16
N ARG D 44 -1.45 -13.37 4.67
CA ARG D 44 -1.36 -14.67 5.33
C ARG D 44 -0.95 -15.71 4.30
N MET D 45 -0.65 -16.91 4.78
CA MET D 45 -0.39 -18.03 3.89
C MET D 45 -1.72 -18.59 3.41
N GLU D 46 -2.04 -18.39 2.14
CA GLU D 46 -3.36 -18.77 1.68
C GLU D 46 -3.33 -20.17 1.07
N PRO D 47 -4.33 -21.00 1.38
CA PRO D 47 -4.36 -22.35 0.81
C PRO D 47 -4.98 -22.34 -0.58
N ARG D 48 -4.32 -23.06 -1.51
CA ARG D 48 -4.80 -23.20 -2.88
C ARG D 48 -5.13 -24.66 -3.21
N ALA D 49 -5.31 -25.49 -2.20
CA ALA D 49 -5.69 -26.89 -2.36
C ALA D 49 -6.58 -27.27 -1.19
N PRO D 50 -7.50 -28.23 -1.37
CA PRO D 50 -8.42 -28.56 -0.26
C PRO D 50 -7.75 -29.25 0.91
N TRP D 51 -6.79 -30.16 0.65
CA TRP D 51 -6.23 -30.97 1.73
C TRP D 51 -5.48 -30.12 2.75
N ILE D 52 -4.72 -29.11 2.29
CA ILE D 52 -3.93 -28.29 3.21
C ILE D 52 -4.80 -27.36 4.03
N GLU D 53 -6.06 -27.17 3.65
CA GLU D 53 -6.95 -26.25 4.38
C GLU D 53 -7.17 -26.73 5.80
N GLN D 54 -7.45 -28.03 5.97
CA GLN D 54 -7.71 -28.60 7.29
C GLN D 54 -6.40 -29.06 7.92
N GLU D 55 -5.58 -28.07 8.29
CA GLU D 55 -4.31 -28.33 8.95
C GLU D 55 -4.21 -27.65 10.31
N GLY D 56 -5.26 -26.94 10.73
CA GLY D 56 -5.31 -26.36 12.06
C GLY D 56 -4.80 -24.94 12.12
N PRO D 57 -4.97 -24.30 13.27
CA PRO D 57 -4.49 -22.92 13.43
C PRO D 57 -2.99 -22.88 13.66
N GLU D 58 -2.46 -23.92 14.29
CA GLU D 58 -1.04 -23.98 14.59
C GLU D 58 -0.19 -23.98 13.32
N TYR D 59 -0.67 -24.66 12.28
CA TYR D 59 0.07 -24.72 11.03
C TYR D 59 0.19 -23.35 10.38
N TRP D 60 -0.96 -22.69 10.15
CA TRP D 60 -0.95 -21.43 9.41
C TRP D 60 -0.20 -20.34 10.16
N ASP D 61 -0.29 -20.31 11.49
CA ASP D 61 0.45 -19.31 12.25
C ASP D 61 1.95 -19.51 12.10
N GLY D 62 2.41 -20.75 12.20
CA GLY D 62 3.82 -21.02 11.99
C GLY D 62 4.26 -20.77 10.56
N GLU D 63 3.40 -21.08 9.59
CA GLU D 63 3.74 -20.85 8.19
C GLU D 63 3.77 -19.36 7.86
N THR D 64 2.88 -18.58 8.46
CA THR D 64 2.87 -17.14 8.19
C THR D 64 4.10 -16.46 8.78
N ARG D 65 4.51 -16.86 9.99
CA ARG D 65 5.71 -16.32 10.60
C ARG D 65 6.98 -16.71 9.86
N LYS D 66 6.95 -17.80 9.09
CA LYS D 66 8.13 -18.24 8.36
C LYS D 66 8.21 -17.63 6.96
N VAL D 67 7.08 -17.45 6.28
CA VAL D 67 7.11 -16.79 4.97
C VAL D 67 7.47 -15.32 5.11
N LYS D 68 7.12 -14.69 6.24
CA LYS D 68 7.57 -13.34 6.50
C LYS D 68 9.07 -13.29 6.77
N ALA D 69 9.63 -14.38 7.30
CA ALA D 69 11.07 -14.46 7.50
C ALA D 69 11.80 -14.73 6.20
N HIS D 70 11.21 -15.52 5.30
CA HIS D 70 11.76 -15.67 3.96
C HIS D 70 11.67 -14.36 3.18
N SER D 71 10.61 -13.58 3.42
CA SER D 71 10.50 -12.27 2.79
C SER D 71 11.56 -11.31 3.31
N GLN D 72 11.73 -11.25 4.64
CA GLN D 72 12.74 -10.38 5.22
C GLN D 72 14.14 -10.76 4.76
N THR D 73 14.33 -12.02 4.37
CA THR D 73 15.62 -12.45 3.83
C THR D 73 15.82 -11.93 2.40
N HIS D 74 14.76 -11.94 1.59
CA HIS D 74 14.87 -11.48 0.22
C HIS D 74 14.94 -9.95 0.10
N ARG D 75 14.43 -9.22 1.08
CA ARG D 75 14.65 -7.77 1.10
C ARG D 75 16.14 -7.45 1.22
N VAL D 76 16.85 -8.16 2.11
CA VAL D 76 18.28 -7.96 2.25
C VAL D 76 19.02 -8.56 1.06
N ASP D 77 18.53 -9.68 0.52
CA ASP D 77 19.20 -10.31 -0.61
C ASP D 77 19.12 -9.46 -1.88
N LEU D 78 18.05 -8.68 -2.04
CA LEU D 78 17.96 -7.78 -3.18
C LEU D 78 19.05 -6.73 -3.14
N GLY D 79 19.19 -6.04 -2.00
CA GLY D 79 20.23 -5.03 -1.88
C GLY D 79 21.63 -5.61 -1.88
N THR D 80 21.78 -6.85 -1.38
CA THR D 80 23.10 -7.48 -1.36
C THR D 80 23.57 -7.82 -2.77
N LEU D 81 22.69 -8.45 -3.57
CA LEU D 81 23.05 -8.74 -4.96
C LEU D 81 23.20 -7.47 -5.77
N ARG D 82 22.49 -6.40 -5.40
CA ARG D 82 22.69 -5.12 -6.05
C ARG D 82 24.12 -4.63 -5.89
N GLY D 83 24.68 -4.76 -4.68
CA GLY D 83 26.05 -4.37 -4.44
C GLY D 83 27.06 -5.33 -5.04
N TYR D 84 26.73 -6.63 -5.07
CA TYR D 84 27.64 -7.61 -5.66
C TYR D 84 27.88 -7.34 -7.14
N TYR D 85 26.83 -7.02 -7.88
CA TYR D 85 26.94 -6.72 -9.30
C TYR D 85 27.10 -5.23 -9.58
N ASN D 86 27.16 -4.40 -8.54
CA ASN D 86 27.32 -2.95 -8.67
C ASN D 86 26.22 -2.36 -9.56
N GLN D 87 25.00 -2.46 -9.04
CA GLN D 87 23.81 -1.98 -9.72
C GLN D 87 23.18 -0.85 -8.91
N SER D 88 22.30 -0.10 -9.57
CA SER D 88 21.62 1.01 -8.91
C SER D 88 20.27 0.57 -8.36
N GLU D 89 19.78 1.34 -7.39
CA GLU D 89 18.47 1.06 -6.80
C GLU D 89 17.33 1.46 -7.72
N ALA D 90 17.61 2.28 -8.74
CA ALA D 90 16.59 2.70 -9.69
C ALA D 90 16.20 1.61 -10.68
N GLY D 91 16.86 0.45 -10.64
CA GLY D 91 16.54 -0.64 -11.52
C GLY D 91 15.62 -1.65 -10.86
N SER D 92 15.09 -2.56 -11.69
CA SER D 92 14.19 -3.62 -11.24
C SER D 92 14.82 -4.96 -11.60
N HIS D 93 15.05 -5.79 -10.58
CA HIS D 93 15.70 -7.08 -10.76
C HIS D 93 14.87 -8.17 -10.11
N THR D 94 15.04 -9.39 -10.61
CA THR D 94 14.25 -10.54 -10.18
C THR D 94 15.14 -11.57 -9.50
N VAL D 95 14.73 -12.01 -8.32
CA VAL D 95 15.41 -13.06 -7.56
C VAL D 95 14.48 -14.25 -7.46
N GLN D 96 14.99 -15.44 -7.79
CA GLN D 96 14.20 -16.66 -7.81
C GLN D 96 14.88 -17.70 -6.94
N ARG D 97 14.15 -18.21 -5.94
CA ARG D 97 14.67 -19.19 -5.01
C ARG D 97 13.77 -20.42 -5.02
N MET D 98 14.40 -21.60 -5.04
CA MET D 98 13.66 -22.86 -5.08
C MET D 98 14.41 -23.92 -4.30
N TYR D 99 13.71 -24.55 -3.35
CA TYR D 99 14.21 -25.73 -2.66
C TYR D 99 13.06 -26.71 -2.50
N GLY D 100 13.36 -28.00 -2.65
CA GLY D 100 12.32 -29.00 -2.60
C GLY D 100 12.86 -30.38 -2.33
N CYS D 101 11.97 -31.37 -2.43
CA CYS D 101 12.31 -32.76 -2.18
C CYS D 101 11.75 -33.62 -3.29
N ASP D 102 12.47 -34.69 -3.60
CA ASP D 102 12.04 -35.69 -4.57
C ASP D 102 11.98 -37.05 -3.90
N VAL D 103 10.97 -37.84 -4.28
CA VAL D 103 10.67 -39.10 -3.60
C VAL D 103 10.10 -40.07 -4.61
N GLY D 104 10.56 -41.33 -4.55
CA GLY D 104 10.15 -42.35 -5.48
C GLY D 104 8.96 -43.14 -4.97
N SER D 105 8.71 -44.27 -5.64
CA SER D 105 7.62 -45.16 -5.21
C SER D 105 7.89 -45.72 -3.81
N ASP D 106 9.16 -45.82 -3.42
CA ASP D 106 9.52 -46.27 -2.08
C ASP D 106 9.25 -45.23 -1.01
N TRP D 107 8.95 -43.99 -1.39
CA TRP D 107 8.76 -42.89 -0.44
C TRP D 107 10.00 -42.65 0.41
N ARG D 108 11.17 -42.84 -0.19
CA ARG D 108 12.45 -42.51 0.42
C ARG D 108 13.09 -41.34 -0.31
N PHE D 109 13.97 -40.63 0.39
CA PHE D 109 14.66 -39.50 -0.19
C PHE D 109 15.59 -39.97 -1.32
N LEU D 110 15.65 -39.19 -2.38
CA LEU D 110 16.53 -39.51 -3.51
C LEU D 110 17.34 -38.33 -3.99
N ARG D 111 16.73 -37.14 -4.09
CA ARG D 111 17.45 -35.95 -4.54
C ARG D 111 16.90 -34.74 -3.81
N GLY D 112 17.78 -33.77 -3.58
CA GLY D 112 17.40 -32.53 -2.93
C GLY D 112 17.87 -31.34 -3.72
N TYR D 113 17.03 -30.32 -3.78
CA TYR D 113 17.32 -29.11 -4.54
C TYR D 113 17.31 -27.89 -3.63
N HIS D 114 18.14 -26.92 -3.97
CA HIS D 114 18.20 -25.64 -3.28
C HIS D 114 19.02 -24.67 -4.11
N GLN D 115 18.36 -23.87 -4.94
CA GLN D 115 19.02 -23.07 -5.95
C GLN D 115 18.47 -21.66 -5.95
N TYR D 116 19.31 -20.71 -6.39
CA TYR D 116 18.95 -19.31 -6.53
C TYR D 116 19.16 -18.87 -7.97
N ALA D 117 18.61 -17.71 -8.29
CA ALA D 117 18.77 -17.11 -9.61
C ALA D 117 18.51 -15.61 -9.49
N TYR D 118 19.31 -14.82 -10.22
CA TYR D 118 19.22 -13.37 -10.19
C TYR D 118 19.04 -12.87 -11.62
N ASP D 119 17.91 -12.21 -11.89
CA ASP D 119 17.59 -11.72 -13.22
C ASP D 119 17.58 -12.84 -14.26
N GLY D 120 16.93 -13.95 -13.89
CA GLY D 120 16.75 -15.06 -14.81
C GLY D 120 17.97 -15.91 -15.08
N LYS D 121 19.14 -15.51 -14.60
CA LYS D 121 20.35 -16.30 -14.76
C LYS D 121 20.66 -17.04 -13.47
N ASP D 122 21.31 -18.20 -13.59
CA ASP D 122 21.68 -18.97 -12.42
C ASP D 122 22.60 -18.16 -11.52
N TYR D 123 22.52 -18.43 -10.22
CA TYR D 123 23.38 -17.76 -9.26
C TYR D 123 24.17 -18.80 -8.46
N ILE D 124 23.53 -19.38 -7.45
CA ILE D 124 24.14 -20.44 -6.65
C ILE D 124 23.15 -21.59 -6.57
N ALA D 125 23.69 -22.81 -6.55
CA ALA D 125 22.87 -24.00 -6.55
C ALA D 125 23.54 -25.09 -5.71
N LEU D 126 22.73 -25.87 -5.00
CA LEU D 126 23.22 -26.96 -4.19
C LEU D 126 23.32 -28.22 -5.03
N LYS D 127 24.50 -28.83 -5.07
CA LYS D 127 24.72 -30.00 -5.91
C LYS D 127 23.95 -31.20 -5.36
N GLU D 128 24.01 -32.30 -6.12
CA GLU D 128 23.30 -33.52 -5.75
C GLU D 128 23.91 -34.18 -4.52
N ASP D 129 25.22 -34.00 -4.31
CA ASP D 129 25.88 -34.60 -3.15
C ASP D 129 25.54 -33.89 -1.84
N LEU D 130 24.85 -32.74 -1.91
CA LEU D 130 24.33 -32.04 -0.74
C LEU D 130 25.43 -31.55 0.20
N ARG D 131 26.67 -31.52 -0.27
CA ARG D 131 27.78 -30.99 0.52
C ARG D 131 28.66 -30.03 -0.27
N SER D 132 28.32 -29.72 -1.51
CA SER D 132 29.06 -28.77 -2.32
C SER D 132 28.08 -27.91 -3.11
N TRP D 133 28.51 -26.69 -3.42
CA TRP D 133 27.68 -25.71 -4.10
C TRP D 133 28.16 -25.50 -5.53
N THR D 134 27.36 -24.77 -6.30
CA THR D 134 27.69 -24.42 -7.67
C THR D 134 27.49 -22.91 -7.84
N ALA D 135 28.55 -22.21 -8.20
CA ALA D 135 28.51 -20.77 -8.40
C ALA D 135 28.56 -20.47 -9.89
N ALA D 136 27.61 -19.66 -10.36
CA ALA D 136 27.53 -19.36 -11.78
C ALA D 136 28.57 -18.33 -12.20
N ASP D 137 28.50 -17.13 -11.61
CA ASP D 137 29.38 -16.03 -11.96
C ASP D 137 30.34 -15.75 -10.80
N MET D 138 30.98 -14.59 -10.84
CA MET D 138 31.94 -14.22 -9.79
C MET D 138 31.23 -13.80 -8.51
N ALA D 139 30.13 -13.06 -8.63
CA ALA D 139 29.41 -12.60 -7.45
C ALA D 139 28.88 -13.78 -6.62
N ALA D 140 28.48 -14.86 -7.30
CA ALA D 140 27.99 -16.03 -6.59
C ALA D 140 29.11 -16.71 -5.79
N GLN D 141 30.36 -16.56 -6.24
CA GLN D 141 31.49 -17.13 -5.51
C GLN D 141 31.61 -16.49 -4.12
N THR D 142 31.13 -15.26 -3.96
CA THR D 142 31.17 -14.62 -2.65
C THR D 142 30.23 -15.33 -1.67
N THR D 143 29.05 -15.72 -2.13
CA THR D 143 28.11 -16.45 -1.28
C THR D 143 28.37 -17.95 -1.28
N LYS D 144 29.07 -18.46 -2.29
CA LYS D 144 29.45 -19.86 -2.29
C LYS D 144 30.40 -20.18 -1.14
N HIS D 145 31.40 -19.31 -0.94
CA HIS D 145 32.38 -19.52 0.14
C HIS D 145 31.91 -18.99 1.48
N LYS D 146 30.90 -18.12 1.50
CA LYS D 146 30.32 -17.71 2.78
C LYS D 146 29.40 -18.80 3.35
N TRP D 147 28.77 -19.59 2.47
CA TRP D 147 27.93 -20.70 2.90
C TRP D 147 28.74 -21.97 3.13
N GLU D 148 29.93 -22.08 2.54
CA GLU D 148 30.82 -23.17 2.89
C GLU D 148 31.37 -22.99 4.30
N ALA D 149 31.69 -21.75 4.68
CA ALA D 149 32.21 -21.48 6.01
C ALA D 149 31.14 -21.59 7.09
N ALA D 150 29.89 -21.31 6.75
CA ALA D 150 28.80 -21.35 7.71
C ALA D 150 28.06 -22.68 7.70
N HIS D 151 28.50 -23.63 6.89
CA HIS D 151 27.89 -24.95 6.79
C HIS D 151 26.38 -24.85 6.56
N VAL D 152 26.02 -24.10 5.51
CA VAL D 152 24.60 -23.88 5.21
C VAL D 152 23.97 -25.14 4.63
N ALA D 153 24.74 -25.92 3.89
CA ALA D 153 24.21 -27.14 3.30
C ALA D 153 24.05 -28.24 4.34
N GLU D 154 24.87 -28.22 5.39
CA GLU D 154 24.71 -29.17 6.48
C GLU D 154 23.41 -28.91 7.24
N GLN D 155 23.03 -27.64 7.38
CA GLN D 155 21.75 -27.29 7.99
C GLN D 155 20.59 -27.47 7.02
N LEU D 156 20.83 -27.29 5.72
CA LEU D 156 19.80 -27.51 4.72
C LEU D 156 19.56 -29.00 4.48
N ARG D 157 20.60 -29.82 4.59
CA ARG D 157 20.42 -31.26 4.44
C ARG D 157 19.48 -31.81 5.52
N ALA D 158 19.50 -31.22 6.71
CA ALA D 158 18.60 -31.64 7.78
C ALA D 158 17.13 -31.34 7.44
N TYR D 159 16.88 -30.48 6.46
CA TYR D 159 15.53 -30.19 6.02
C TYR D 159 15.15 -31.07 4.84
N LEU D 160 15.94 -31.01 3.76
CA LEU D 160 15.66 -31.80 2.57
C LEU D 160 15.59 -33.29 2.89
N GLU D 161 16.51 -33.78 3.72
CA GLU D 161 16.51 -35.19 4.11
C GLU D 161 15.72 -35.47 5.38
N GLY D 162 15.23 -34.44 6.05
CA GLY D 162 14.56 -34.62 7.32
C GLY D 162 13.14 -34.12 7.37
N THR D 163 12.95 -32.84 7.67
CA THR D 163 11.60 -32.29 7.85
C THR D 163 10.82 -32.29 6.55
N CYS D 164 11.48 -31.99 5.44
CA CYS D 164 10.79 -31.82 4.16
C CYS D 164 10.18 -33.14 3.68
N VAL D 165 10.92 -34.24 3.76
CA VAL D 165 10.39 -35.52 3.34
C VAL D 165 9.30 -36.00 4.30
N GLU D 166 9.45 -35.71 5.60
CA GLU D 166 8.42 -36.10 6.56
C GLU D 166 7.10 -35.40 6.26
N TRP D 167 7.14 -34.10 5.96
CA TRP D 167 5.91 -33.39 5.62
C TRP D 167 5.44 -33.74 4.21
N LEU D 168 6.37 -34.10 3.32
CA LEU D 168 5.95 -34.57 2.00
C LEU D 168 5.11 -35.84 2.10
N ARG D 169 5.54 -36.79 2.93
CA ARG D 169 4.75 -38.00 3.14
C ARG D 169 3.39 -37.66 3.73
N ARG D 170 3.34 -36.66 4.61
CA ARG D 170 2.06 -36.23 5.17
C ARG D 170 1.17 -35.60 4.12
N TYR D 171 1.74 -34.75 3.25
CA TYR D 171 0.94 -34.08 2.24
C TYR D 171 0.38 -35.05 1.22
N LEU D 172 1.13 -36.11 0.91
CA LEU D 172 0.62 -37.12 -0.02
C LEU D 172 -0.54 -37.90 0.59
N GLU D 173 -0.45 -38.21 1.88
CA GLU D 173 -1.52 -38.96 2.53
C GLU D 173 -2.78 -38.12 2.70
N ASN D 174 -2.62 -36.85 3.10
CA ASN D 174 -3.79 -35.99 3.32
C ASN D 174 -4.52 -35.70 2.03
N GLY D 175 -3.82 -35.73 0.89
CA GLY D 175 -4.46 -35.46 -0.39
C GLY D 175 -4.37 -36.63 -1.33
N LYS D 176 -4.27 -37.85 -0.77
CA LYS D 176 -4.18 -39.06 -1.57
C LYS D 176 -5.36 -39.22 -2.52
N GLU D 177 -6.49 -38.59 -2.21
CA GLU D 177 -7.67 -38.72 -3.06
C GLU D 177 -7.50 -38.03 -4.39
N THR D 178 -6.65 -36.99 -4.45
CA THR D 178 -6.47 -36.20 -5.66
C THR D 178 -5.01 -36.07 -6.09
N LEU D 179 -4.09 -36.85 -5.52
CA LEU D 179 -2.67 -36.70 -5.81
C LEU D 179 -2.08 -37.91 -6.51
N GLN D 180 -2.15 -39.09 -5.91
CA GLN D 180 -1.46 -40.27 -6.43
C GLN D 180 -2.25 -41.01 -7.50
N ARG D 181 -3.34 -40.44 -8.00
CA ARG D 181 -4.12 -41.12 -9.02
C ARG D 181 -3.30 -41.26 -10.31
N THR D 182 -3.61 -42.31 -11.07
CA THR D 182 -2.96 -42.59 -12.35
C THR D 182 -4.04 -42.74 -13.41
N ASP D 183 -4.38 -41.63 -14.07
CA ASP D 183 -5.36 -41.65 -15.14
C ASP D 183 -4.72 -42.14 -16.44
N ALA D 184 -5.55 -42.70 -17.31
CA ALA D 184 -4.93 -43.32 -18.47
C ALA D 184 -5.08 -42.44 -19.70
N PRO D 185 -4.03 -42.35 -20.53
CA PRO D 185 -4.09 -41.51 -21.74
C PRO D 185 -5.13 -42.04 -22.73
N LYS D 186 -6.16 -41.23 -22.97
CA LYS D 186 -7.17 -41.54 -23.98
C LYS D 186 -6.60 -41.27 -25.36
N THR D 187 -5.64 -42.10 -25.75
CA THR D 187 -4.92 -41.90 -27.00
C THR D 187 -5.82 -42.12 -28.20
N HIS D 188 -5.57 -41.35 -29.25
CA HIS D 188 -6.23 -41.54 -30.54
C HIS D 188 -5.30 -40.99 -31.62
N MET D 189 -5.77 -40.98 -32.86
CA MET D 189 -4.96 -40.56 -33.99
C MET D 189 -5.82 -39.79 -34.98
N THR D 190 -5.24 -38.77 -35.60
CA THR D 190 -5.94 -37.98 -36.60
C THR D 190 -5.09 -37.92 -37.88
N HIS D 191 -5.78 -37.67 -38.99
CA HIS D 191 -5.17 -37.63 -40.32
C HIS D 191 -5.63 -36.37 -41.04
N HIS D 192 -4.75 -35.39 -41.14
CA HIS D 192 -5.04 -34.14 -41.84
C HIS D 192 -4.15 -34.09 -43.08
N ALA D 193 -4.77 -34.07 -44.26
CA ALA D 193 -4.06 -34.01 -45.53
C ALA D 193 -3.95 -32.55 -45.95
N VAL D 194 -2.73 -32.02 -45.96
CA VAL D 194 -2.52 -30.62 -46.35
C VAL D 194 -2.74 -30.46 -47.85
N SER D 195 -2.36 -31.46 -48.65
CA SER D 195 -2.54 -31.42 -50.08
C SER D 195 -2.89 -32.82 -50.56
N ASP D 196 -2.95 -32.99 -51.88
CA ASP D 196 -3.22 -34.29 -52.48
C ASP D 196 -1.97 -35.15 -52.59
N HIS D 197 -0.82 -34.68 -52.10
CA HIS D 197 0.44 -35.41 -52.18
C HIS D 197 1.03 -35.77 -50.82
N GLU D 198 0.78 -34.97 -49.78
CA GLU D 198 1.30 -35.24 -48.45
C GLU D 198 0.17 -35.14 -47.43
N ALA D 199 0.40 -35.73 -46.26
CA ALA D 199 -0.57 -35.75 -45.19
C ALA D 199 0.15 -35.76 -43.85
N THR D 200 -0.53 -35.21 -42.83
CA THR D 200 0.04 -35.06 -41.50
C THR D 200 -0.61 -36.05 -40.55
N LEU D 201 0.06 -37.15 -40.29
CA LEU D 201 -0.35 -38.04 -39.21
C LEU D 201 -0.08 -37.37 -37.87
N ARG D 202 -0.95 -37.62 -36.89
CA ARG D 202 -0.84 -36.95 -35.60
C ARG D 202 -1.29 -37.89 -34.50
N CYS D 203 -0.47 -38.00 -33.46
CA CYS D 203 -0.69 -38.93 -32.35
C CYS D 203 -1.05 -38.14 -31.10
N TRP D 204 -2.29 -38.27 -30.64
CA TRP D 204 -2.79 -37.51 -29.50
C TRP D 204 -2.70 -38.34 -28.22
N ALA D 205 -2.57 -37.64 -27.10
CA ALA D 205 -2.63 -38.26 -25.77
C ALA D 205 -3.37 -37.30 -24.85
N LEU D 206 -4.52 -37.73 -24.34
CA LEU D 206 -5.40 -36.85 -23.59
C LEU D 206 -5.79 -37.47 -22.25
N SER D 207 -6.06 -36.60 -21.29
CA SER D 207 -6.55 -36.96 -19.96
C SER D 207 -5.67 -38.02 -19.30
N PHE D 208 -4.44 -37.59 -18.98
CA PHE D 208 -3.48 -38.44 -18.28
C PHE D 208 -2.83 -37.66 -17.15
N TYR D 209 -2.50 -38.37 -16.08
CA TYR D 209 -1.83 -37.82 -14.91
C TYR D 209 -0.95 -38.93 -14.35
N PRO D 210 0.35 -38.68 -14.13
CA PRO D 210 0.98 -37.36 -14.22
C PRO D 210 1.38 -36.97 -15.64
N ALA D 211 2.05 -35.82 -15.77
CA ALA D 211 2.42 -35.30 -17.07
C ALA D 211 3.58 -36.03 -17.72
N GLU D 212 4.12 -37.07 -17.08
CA GLU D 212 5.30 -37.78 -17.59
C GLU D 212 4.84 -38.85 -18.58
N ILE D 213 5.03 -38.59 -19.88
CA ILE D 213 4.73 -39.53 -20.95
C ILE D 213 5.85 -39.44 -21.99
N THR D 214 5.82 -40.38 -22.94
CA THR D 214 6.83 -40.45 -23.99
C THR D 214 6.13 -40.74 -25.31
N LEU D 215 6.17 -39.79 -26.23
CA LEU D 215 5.62 -39.94 -27.58
C LEU D 215 6.76 -39.99 -28.58
N THR D 216 6.86 -41.09 -29.32
CA THR D 216 7.91 -41.29 -30.31
C THR D 216 7.30 -41.81 -31.60
N TRP D 217 7.71 -41.21 -32.72
CA TRP D 217 7.26 -41.64 -34.04
C TRP D 217 8.24 -42.65 -34.62
N GLN D 218 7.71 -43.76 -35.12
CA GLN D 218 8.52 -44.79 -35.76
C GLN D 218 7.90 -45.19 -37.09
N ARG D 219 8.73 -45.28 -38.12
CA ARG D 219 8.33 -45.65 -39.47
C ARG D 219 8.85 -47.06 -39.75
N ASP D 220 7.94 -48.03 -39.83
CA ASP D 220 8.30 -49.42 -40.10
C ASP D 220 9.34 -49.94 -39.11
N GLY D 221 9.25 -49.48 -37.86
CA GLY D 221 10.19 -49.87 -36.83
C GLY D 221 11.43 -49.01 -36.69
N GLU D 222 11.53 -47.92 -37.45
CA GLU D 222 12.70 -47.05 -37.42
C GLU D 222 12.39 -45.79 -36.63
N ASP D 223 13.29 -45.45 -35.69
CA ASP D 223 13.14 -44.20 -34.95
C ASP D 223 13.22 -43.01 -35.90
N GLN D 224 12.55 -41.92 -35.51
CA GLN D 224 12.41 -40.79 -36.42
C GLN D 224 12.36 -39.50 -35.62
N THR D 225 13.44 -38.71 -35.69
CA THR D 225 13.44 -37.34 -35.22
C THR D 225 13.50 -36.34 -36.37
N GLN D 226 13.34 -36.80 -37.60
CA GLN D 226 13.38 -35.96 -38.78
C GLN D 226 11.95 -35.62 -39.20
N ASP D 227 11.65 -34.32 -39.24
CA ASP D 227 10.33 -33.81 -39.62
C ASP D 227 9.21 -34.39 -38.77
N THR D 228 9.43 -34.45 -37.46
CA THR D 228 8.40 -34.84 -36.51
C THR D 228 8.11 -33.66 -35.59
N GLU D 229 6.86 -33.26 -35.52
CA GLU D 229 6.46 -32.12 -34.68
C GLU D 229 6.10 -32.62 -33.29
N LEU D 230 6.88 -32.23 -32.28
CA LEU D 230 6.60 -32.58 -30.90
C LEU D 230 6.36 -31.31 -30.10
N VAL D 231 5.31 -31.31 -29.29
CA VAL D 231 4.96 -30.17 -28.47
C VAL D 231 5.12 -30.52 -27.00
N GLU D 232 5.34 -29.50 -26.18
CA GLU D 232 5.47 -29.69 -24.74
C GLU D 232 4.16 -30.20 -24.14
N THR D 233 4.29 -30.99 -23.08
CA THR D 233 3.12 -31.49 -22.35
C THR D 233 2.35 -30.33 -21.76
N ARG D 234 1.14 -30.07 -22.28
CA ARG D 234 0.31 -28.93 -21.93
C ARG D 234 -0.81 -29.35 -20.98
N PRO D 235 -1.24 -28.43 -20.11
CA PRO D 235 -2.36 -28.74 -19.21
C PRO D 235 -3.70 -28.45 -19.87
N ALA D 236 -4.68 -29.30 -19.57
CA ALA D 236 -6.05 -29.08 -20.04
C ALA D 236 -6.85 -28.18 -19.11
N GLY D 237 -6.43 -28.04 -17.85
CA GLY D 237 -7.11 -27.23 -16.87
C GLY D 237 -7.98 -28.01 -15.90
N ASP D 238 -8.57 -29.12 -16.36
CA ASP D 238 -9.42 -29.95 -15.53
C ASP D 238 -8.63 -30.90 -14.62
N GLY D 239 -7.32 -30.70 -14.50
CA GLY D 239 -6.48 -31.57 -13.71
C GLY D 239 -5.67 -32.56 -14.53
N THR D 240 -5.99 -32.72 -15.81
CA THR D 240 -5.30 -33.64 -16.69
C THR D 240 -4.45 -32.87 -17.69
N PHE D 241 -3.54 -33.60 -18.35
CA PHE D 241 -2.58 -33.01 -19.27
C PHE D 241 -2.80 -33.55 -20.67
N GLN D 242 -2.07 -32.96 -21.63
CA GLN D 242 -2.17 -33.34 -23.04
C GLN D 242 -0.78 -33.32 -23.67
N LYS D 243 -0.68 -33.97 -24.83
CA LYS D 243 0.54 -33.98 -25.63
C LYS D 243 0.24 -34.68 -26.95
N TRP D 244 0.74 -34.11 -28.05
CA TRP D 244 0.54 -34.70 -29.36
C TRP D 244 1.83 -34.60 -30.18
N ALA D 245 2.06 -35.64 -30.99
CA ALA D 245 3.21 -35.71 -31.88
C ALA D 245 2.72 -35.97 -33.30
N ALA D 246 3.15 -35.13 -34.24
CA ALA D 246 2.72 -35.22 -35.63
C ALA D 246 3.91 -35.38 -36.56
N VAL D 247 3.72 -36.14 -37.62
CA VAL D 247 4.72 -36.36 -38.66
C VAL D 247 4.07 -36.22 -40.02
N VAL D 248 4.77 -35.56 -40.94
CA VAL D 248 4.28 -35.38 -42.31
C VAL D 248 4.67 -36.60 -43.13
N VAL D 249 3.68 -37.30 -43.68
CA VAL D 249 3.91 -38.54 -44.41
C VAL D 249 3.38 -38.39 -45.84
N PRO D 250 4.00 -39.04 -46.82
CA PRO D 250 3.44 -39.01 -48.18
C PRO D 250 2.11 -39.73 -48.25
N SER D 251 1.23 -39.22 -49.11
CA SER D 251 -0.10 -39.82 -49.25
C SER D 251 0.00 -41.24 -49.79
N GLY D 252 -0.67 -42.17 -49.11
CA GLY D 252 -0.65 -43.57 -49.47
C GLY D 252 0.28 -44.42 -48.65
N GLN D 253 1.30 -43.80 -48.03
CA GLN D 253 2.28 -44.51 -47.22
C GLN D 253 2.05 -44.34 -45.73
N GLU D 254 0.82 -44.00 -45.32
CA GLU D 254 0.53 -43.85 -43.89
C GLU D 254 0.62 -45.18 -43.15
N GLN D 255 0.47 -46.31 -43.85
CA GLN D 255 0.52 -47.61 -43.21
C GLN D 255 1.90 -47.93 -42.65
N ARG D 256 2.94 -47.23 -43.08
CA ARG D 256 4.28 -47.51 -42.60
C ARG D 256 4.55 -46.95 -41.21
N TYR D 257 3.92 -45.83 -40.86
CA TYR D 257 4.24 -45.11 -39.64
C TYR D 257 3.35 -45.55 -38.50
N THR D 258 3.93 -45.58 -37.30
CA THR D 258 3.22 -45.96 -36.09
C THR D 258 3.67 -45.08 -34.94
N CYS D 259 2.77 -44.84 -34.00
CA CYS D 259 3.04 -44.04 -32.82
C CYS D 259 3.14 -44.93 -31.59
N HIS D 260 4.14 -44.66 -30.76
CA HIS D 260 4.40 -45.45 -29.55
C HIS D 260 4.21 -44.55 -28.34
N VAL D 261 3.16 -44.82 -27.56
CA VAL D 261 2.83 -44.04 -26.38
C VAL D 261 3.30 -44.83 -25.17
N GLN D 262 4.14 -44.20 -24.35
CA GLN D 262 4.70 -44.82 -23.16
C GLN D 262 4.34 -43.98 -21.94
N HIS D 263 3.81 -44.64 -20.90
CA HIS D 263 3.34 -43.95 -19.72
C HIS D 263 3.44 -44.87 -18.52
N GLU D 264 3.58 -44.28 -17.33
CA GLU D 264 3.60 -45.06 -16.11
C GLU D 264 2.26 -45.76 -15.87
N GLY D 265 1.15 -45.06 -16.17
CA GLY D 265 -0.15 -45.64 -15.97
C GLY D 265 -0.49 -46.73 -16.96
N LEU D 266 0.13 -46.70 -18.14
CA LEU D 266 -0.11 -47.70 -19.17
C LEU D 266 0.65 -48.98 -18.83
N PRO D 267 -0.06 -50.08 -18.56
CA PRO D 267 0.66 -51.35 -18.31
C PRO D 267 1.39 -51.87 -19.53
N LYS D 268 0.84 -51.67 -20.72
CA LYS D 268 1.44 -52.10 -21.97
C LYS D 268 1.78 -50.89 -22.81
N PRO D 269 3.02 -50.76 -23.29
CA PRO D 269 3.35 -49.64 -24.19
C PRO D 269 2.51 -49.70 -25.46
N LEU D 270 1.71 -48.65 -25.66
CA LEU D 270 0.75 -48.64 -26.75
C LEU D 270 1.43 -48.32 -28.07
N THR D 271 0.93 -48.95 -29.14
CA THR D 271 1.38 -48.68 -30.51
C THR D 271 0.16 -48.40 -31.36
N LEU D 272 0.08 -47.18 -31.90
CA LEU D 272 -1.07 -46.74 -32.68
C LEU D 272 -0.74 -46.76 -34.16
N ARG D 273 -1.71 -47.18 -34.97
CA ARG D 273 -1.54 -47.30 -36.41
C ARG D 273 -2.77 -46.74 -37.11
N TRP D 274 -2.54 -46.10 -38.25
CA TRP D 274 -3.65 -45.56 -39.05
C TRP D 274 -4.12 -46.57 -40.07
N ILE E 2 19.01 -11.79 -19.19
CA ILE E 2 18.42 -12.87 -19.98
C ILE E 2 16.97 -12.56 -20.33
N GLN E 3 16.64 -12.72 -21.61
CA GLN E 3 15.27 -12.58 -22.08
C GLN E 3 14.91 -13.83 -22.87
N ARG E 4 13.84 -14.51 -22.48
CA ARG E 4 13.39 -15.74 -23.12
C ARG E 4 12.06 -15.49 -23.82
N THR E 5 11.98 -15.90 -25.08
CA THR E 5 10.73 -15.73 -25.82
C THR E 5 9.71 -16.78 -25.38
N PRO E 6 8.44 -16.43 -25.30
CA PRO E 6 7.44 -17.39 -24.80
C PRO E 6 7.08 -18.46 -25.83
N LYS E 7 6.70 -19.62 -25.32
CA LYS E 7 6.21 -20.72 -26.13
C LYS E 7 4.69 -20.76 -26.05
N ILE E 8 4.02 -20.55 -27.17
CA ILE E 8 2.57 -20.41 -27.21
C ILE E 8 1.96 -21.70 -27.76
N GLN E 9 0.83 -22.11 -27.20
CA GLN E 9 0.07 -23.25 -27.70
C GLN E 9 -1.41 -22.93 -27.57
N VAL E 10 -2.13 -23.02 -28.69
CA VAL E 10 -3.57 -22.78 -28.72
C VAL E 10 -4.25 -24.11 -29.01
N TYR E 11 -5.11 -24.54 -28.09
CA TYR E 11 -5.72 -25.86 -28.18
C TYR E 11 -7.00 -25.85 -27.35
N SER E 12 -7.60 -27.03 -27.17
CA SER E 12 -8.82 -27.18 -26.40
C SER E 12 -8.64 -28.29 -25.37
N ARG E 13 -9.44 -28.22 -24.31
CA ARG E 13 -9.37 -29.22 -23.25
C ARG E 13 -9.76 -30.60 -23.77
N HIS E 14 -10.92 -30.69 -24.40
CA HIS E 14 -11.42 -31.93 -24.99
C HIS E 14 -11.37 -31.82 -26.51
N PRO E 15 -11.44 -32.95 -27.22
CA PRO E 15 -11.53 -32.89 -28.69
C PRO E 15 -12.67 -31.99 -29.14
N ALA E 16 -12.32 -30.93 -29.86
CA ALA E 16 -13.28 -29.89 -30.24
C ALA E 16 -14.41 -30.46 -31.09
N GLU E 17 -15.61 -30.52 -30.52
CA GLU E 17 -16.81 -30.97 -31.21
C GLU E 17 -17.76 -29.79 -31.36
N ASN E 18 -18.33 -29.65 -32.56
CA ASN E 18 -19.23 -28.54 -32.84
C ASN E 18 -20.45 -28.60 -31.92
N GLY E 19 -20.81 -27.47 -31.34
CA GLY E 19 -21.94 -27.38 -30.45
C GLY E 19 -21.72 -27.90 -29.05
N LYS E 20 -20.58 -28.53 -28.78
CA LYS E 20 -20.30 -29.12 -27.48
C LYS E 20 -19.61 -28.10 -26.59
N SER E 21 -20.11 -27.94 -25.37
CA SER E 21 -19.48 -27.06 -24.39
C SER E 21 -18.07 -27.52 -24.07
N ASN E 22 -17.07 -26.74 -24.48
CA ASN E 22 -15.67 -27.11 -24.33
C ASN E 22 -14.91 -25.95 -23.69
N PHE E 23 -13.60 -26.11 -23.57
CA PHE E 23 -12.73 -25.10 -22.99
C PHE E 23 -11.64 -24.74 -23.97
N LEU E 24 -11.34 -23.44 -24.07
CA LEU E 24 -10.26 -22.94 -24.92
C LEU E 24 -9.09 -22.55 -24.04
N ASN E 25 -7.96 -23.25 -24.19
CA ASN E 25 -6.78 -23.03 -23.37
C ASN E 25 -5.65 -22.48 -24.22
N CYS E 26 -4.95 -21.48 -23.68
CA CYS E 26 -3.72 -20.96 -24.26
C CYS E 26 -2.62 -21.11 -23.22
N TYR E 27 -1.62 -21.94 -23.53
CA TYR E 27 -0.58 -22.31 -22.58
C TYR E 27 0.73 -21.68 -23.02
N VAL E 28 1.16 -20.64 -22.31
CA VAL E 28 2.42 -19.96 -22.57
C VAL E 28 3.42 -20.42 -21.51
N SER E 29 4.61 -20.83 -21.96
CA SER E 29 5.60 -21.40 -21.07
C SER E 29 7.00 -21.05 -21.57
N GLY E 30 7.96 -21.14 -20.66
CA GLY E 30 9.35 -20.93 -21.02
C GLY E 30 9.70 -19.50 -21.38
N PHE E 31 9.20 -18.53 -20.63
CA PHE E 31 9.45 -17.12 -20.91
C PHE E 31 10.02 -16.44 -19.69
N HIS E 32 10.80 -15.38 -19.92
CA HIS E 32 11.41 -14.58 -18.88
C HIS E 32 11.62 -13.19 -19.45
N PRO E 33 11.31 -12.12 -18.71
CA PRO E 33 10.82 -12.10 -17.32
C PRO E 33 9.35 -12.47 -17.17
N SER E 34 8.81 -12.26 -15.96
CA SER E 34 7.45 -12.67 -15.64
C SER E 34 6.39 -11.75 -16.24
N ASP E 35 6.79 -10.62 -16.83
CA ASP E 35 5.83 -9.68 -17.41
C ASP E 35 5.42 -10.21 -18.78
N ILE E 36 4.18 -10.66 -18.91
CA ILE E 36 3.68 -11.24 -20.15
C ILE E 36 2.22 -10.81 -20.33
N GLU E 37 1.85 -10.57 -21.59
CA GLU E 37 0.50 -10.15 -21.95
C GLU E 37 -0.10 -11.19 -22.88
N VAL E 38 -1.23 -11.76 -22.48
CA VAL E 38 -1.90 -12.81 -23.26
C VAL E 38 -3.36 -12.40 -23.45
N ASP E 39 -3.84 -12.52 -24.69
CA ASP E 39 -5.22 -12.22 -25.02
C ASP E 39 -5.76 -13.30 -25.94
N LEU E 40 -7.06 -13.56 -25.83
CA LEU E 40 -7.73 -14.56 -26.65
C LEU E 40 -8.69 -13.85 -27.61
N LEU E 41 -8.55 -14.16 -28.90
CA LEU E 41 -9.25 -13.44 -29.96
C LEU E 41 -10.41 -14.29 -30.48
N LYS E 42 -11.62 -13.98 -30.01
CA LYS E 42 -12.83 -14.58 -30.55
C LYS E 42 -13.26 -13.80 -31.78
N ASN E 43 -13.04 -14.39 -32.96
CA ASN E 43 -13.35 -13.75 -34.25
C ASN E 43 -12.59 -12.44 -34.41
N GLY E 44 -11.29 -12.47 -34.09
CA GLY E 44 -10.43 -11.34 -34.27
C GLY E 44 -10.44 -10.32 -33.16
N GLU E 45 -11.43 -10.36 -32.27
CA GLU E 45 -11.57 -9.40 -31.19
C GLU E 45 -11.34 -10.08 -29.85
N ARG E 46 -10.89 -9.29 -28.88
CA ARG E 46 -10.56 -9.82 -27.56
C ARG E 46 -11.82 -10.28 -26.84
N ILE E 47 -11.65 -11.22 -25.91
CA ILE E 47 -12.74 -11.74 -25.10
C ILE E 47 -12.71 -11.01 -23.76
N GLU E 48 -13.89 -10.56 -23.31
CA GLU E 48 -13.96 -9.74 -22.11
C GLU E 48 -13.70 -10.54 -20.84
N LYS E 49 -14.11 -11.80 -20.81
CA LYS E 49 -14.02 -12.63 -19.60
C LYS E 49 -13.15 -13.85 -19.90
N VAL E 50 -11.87 -13.78 -19.55
CA VAL E 50 -10.94 -14.89 -19.69
C VAL E 50 -10.18 -15.03 -18.38
N GLU E 51 -10.41 -16.13 -17.67
CA GLU E 51 -9.67 -16.41 -16.46
C GLU E 51 -8.37 -17.13 -16.80
N HIS E 52 -7.40 -17.02 -15.90
CA HIS E 52 -6.09 -17.62 -16.10
C HIS E 52 -5.59 -18.22 -14.80
N SER E 53 -4.54 -19.03 -14.91
CA SER E 53 -3.96 -19.72 -13.77
C SER E 53 -2.95 -18.83 -13.05
N ASP E 54 -2.47 -19.32 -11.91
CA ASP E 54 -1.47 -18.60 -11.15
C ASP E 54 -0.11 -18.69 -11.84
N LEU E 55 0.68 -17.63 -11.69
CA LEU E 55 1.99 -17.55 -12.32
C LEU E 55 2.99 -18.40 -11.56
N SER E 56 3.76 -19.20 -12.30
CA SER E 56 4.80 -20.03 -11.72
C SER E 56 5.90 -20.22 -12.76
N PHE E 57 7.01 -20.80 -12.33
CA PHE E 57 8.15 -21.05 -13.21
C PHE E 57 8.63 -22.49 -13.03
N SER E 58 9.35 -22.97 -14.04
CA SER E 58 9.85 -24.33 -14.05
C SER E 58 11.19 -24.39 -13.32
N LYS E 59 11.95 -25.47 -13.52
CA LYS E 59 13.24 -25.62 -12.85
C LYS E 59 14.28 -24.68 -13.44
N ASP E 60 14.21 -24.40 -14.75
CA ASP E 60 15.17 -23.53 -15.41
C ASP E 60 14.85 -22.05 -15.23
N TRP E 61 14.04 -21.71 -14.24
CA TRP E 61 13.66 -20.34 -13.88
C TRP E 61 12.77 -19.67 -14.91
N SER E 62 12.30 -20.41 -15.92
CA SER E 62 11.42 -19.86 -16.94
C SER E 62 9.97 -20.01 -16.51
N PHE E 63 9.22 -18.92 -16.59
CA PHE E 63 7.84 -18.91 -16.11
C PHE E 63 6.91 -19.60 -17.11
N TYR E 64 5.71 -19.91 -16.64
CA TYR E 64 4.69 -20.51 -17.49
C TYR E 64 3.32 -20.15 -16.96
N LEU E 65 2.38 -19.93 -17.89
CA LEU E 65 1.01 -19.57 -17.55
C LEU E 65 0.03 -20.40 -18.37
N LEU E 66 -1.22 -20.39 -17.93
CA LEU E 66 -2.31 -21.07 -18.64
C LEU E 66 -3.54 -20.18 -18.61
N TYR E 67 -4.00 -19.78 -19.79
CA TYR E 67 -5.21 -18.98 -19.95
C TYR E 67 -6.32 -19.88 -20.50
N TYR E 68 -7.50 -19.81 -19.89
CA TYR E 68 -8.61 -20.65 -20.31
C TYR E 68 -9.90 -19.85 -20.33
N THR E 69 -10.85 -20.33 -21.13
CA THR E 69 -12.17 -19.72 -21.22
C THR E 69 -13.17 -20.79 -21.61
N GLU E 70 -14.41 -20.63 -21.15
CA GLU E 70 -15.49 -21.53 -21.55
C GLU E 70 -16.06 -21.04 -22.88
N PHE E 71 -16.17 -21.96 -23.85
CA PHE E 71 -16.66 -21.59 -25.17
C PHE E 71 -17.26 -22.82 -25.83
N THR E 72 -18.17 -22.55 -26.78
CA THR E 72 -18.78 -23.60 -27.59
C THR E 72 -18.27 -23.49 -29.01
N PRO E 73 -17.35 -24.35 -29.45
CA PRO E 73 -16.76 -24.17 -30.78
C PRO E 73 -17.76 -24.39 -31.90
N THR E 74 -17.66 -23.55 -32.92
CA THR E 74 -18.49 -23.64 -34.12
C THR E 74 -17.60 -23.58 -35.35
N GLU E 75 -18.21 -23.70 -36.53
CA GLU E 75 -17.47 -23.55 -37.77
C GLU E 75 -17.27 -22.09 -38.14
N LYS E 76 -18.29 -21.25 -37.89
CA LYS E 76 -18.18 -19.84 -38.23
C LYS E 76 -17.25 -19.10 -37.29
N ASP E 77 -17.20 -19.48 -36.02
CA ASP E 77 -16.34 -18.81 -35.06
C ASP E 77 -14.87 -19.17 -35.30
N GLU E 78 -14.01 -18.17 -35.29
CA GLU E 78 -12.57 -18.35 -35.36
C GLU E 78 -11.95 -17.87 -34.06
N TYR E 79 -11.11 -18.69 -33.46
CA TYR E 79 -10.46 -18.37 -32.20
C TYR E 79 -8.95 -18.32 -32.38
N ALA E 80 -8.29 -17.61 -31.48
CA ALA E 80 -6.84 -17.44 -31.53
C ALA E 80 -6.36 -17.03 -30.14
N CYS E 81 -5.05 -16.85 -30.01
CA CYS E 81 -4.45 -16.39 -28.76
C CYS E 81 -3.43 -15.31 -29.10
N ARG E 82 -3.69 -14.09 -28.66
CA ARG E 82 -2.79 -12.95 -28.90
C ARG E 82 -1.89 -12.78 -27.68
N VAL E 83 -0.59 -13.00 -27.87
CA VAL E 83 0.39 -12.95 -26.79
C VAL E 83 1.44 -11.91 -27.14
N ASN E 84 1.76 -11.03 -26.19
CA ASN E 84 2.80 -10.04 -26.34
C ASN E 84 3.82 -10.19 -25.21
N HIS E 85 5.06 -9.79 -25.48
CA HIS E 85 6.14 -9.92 -24.51
C HIS E 85 7.19 -8.86 -24.80
N VAL E 86 8.17 -8.75 -23.91
CA VAL E 86 9.25 -7.79 -24.10
C VAL E 86 10.19 -8.23 -25.21
N THR E 87 10.14 -9.51 -25.61
CA THR E 87 10.94 -10.02 -26.71
C THR E 87 10.19 -10.02 -28.03
N LEU E 88 8.94 -9.55 -28.03
CA LEU E 88 8.10 -9.52 -29.21
C LEU E 88 7.95 -8.07 -29.64
N SER E 89 8.39 -7.75 -30.86
CA SER E 89 8.23 -6.39 -31.38
C SER E 89 6.75 -6.02 -31.49
N GLN E 90 5.93 -6.95 -31.97
CA GLN E 90 4.49 -6.79 -32.05
C GLN E 90 3.83 -7.99 -31.40
N PRO E 91 2.60 -7.84 -30.90
CA PRO E 91 1.89 -8.98 -30.31
C PRO E 91 1.76 -10.15 -31.29
N LYS E 92 1.85 -11.36 -30.75
CA LYS E 92 1.77 -12.59 -31.53
C LYS E 92 0.36 -13.15 -31.48
N ILE E 93 -0.21 -13.39 -32.67
CA ILE E 93 -1.57 -13.92 -32.79
C ILE E 93 -1.46 -15.31 -33.41
N VAL E 94 -1.69 -16.34 -32.59
CA VAL E 94 -1.61 -17.73 -33.03
C VAL E 94 -3.04 -18.25 -33.20
N LYS E 95 -3.42 -18.51 -34.44
CA LYS E 95 -4.77 -18.99 -34.72
C LYS E 95 -4.98 -20.40 -34.17
N TRP E 96 -6.20 -20.68 -33.74
CA TRP E 96 -6.54 -21.98 -33.18
C TRP E 96 -6.96 -22.94 -34.29
N ASP E 97 -6.56 -24.20 -34.15
CA ASP E 97 -6.91 -25.24 -35.10
C ASP E 97 -7.38 -26.48 -34.36
N ARG E 98 -8.50 -27.06 -34.82
CA ARG E 98 -8.99 -28.30 -34.24
C ARG E 98 -8.03 -29.46 -34.46
N ASP E 99 -7.15 -29.35 -35.45
CA ASP E 99 -6.18 -30.39 -35.76
C ASP E 99 -4.87 -30.20 -35.02
N MET E 100 -4.72 -29.13 -34.25
CA MET E 100 -3.51 -28.88 -33.50
C MET E 100 -3.82 -28.53 -32.05
N TYR F 1 5.54 -27.18 3.94
CA TYR F 1 6.20 -26.76 5.17
C TYR F 1 7.48 -26.02 4.86
N LEU F 2 7.46 -24.70 5.01
CA LEU F 2 8.64 -23.89 4.81
C LEU F 2 9.71 -24.24 5.84
N GLN F 3 10.96 -24.22 5.42
CA GLN F 3 12.05 -24.56 6.34
C GLN F 3 12.16 -23.47 7.41
N PRO F 4 12.28 -23.85 8.68
CA PRO F 4 12.28 -22.83 9.75
C PRO F 4 13.44 -21.87 9.68
N ARG F 5 14.52 -22.20 8.97
CA ARG F 5 15.72 -21.39 8.93
C ARG F 5 15.85 -20.70 7.58
N THR F 6 16.25 -19.43 7.61
CA THR F 6 16.45 -18.63 6.42
C THR F 6 17.92 -18.24 6.33
N PHE F 7 18.49 -18.36 5.13
CA PHE F 7 19.91 -18.12 4.92
C PHE F 7 20.08 -16.93 3.97
N LEU F 8 20.96 -16.02 4.34
CA LEU F 8 21.15 -14.79 3.58
C LEU F 8 22.17 -14.96 2.48
N LEU F 9 21.96 -14.25 1.38
CA LEU F 9 22.94 -14.18 0.31
C LEU F 9 24.05 -13.21 0.70
N ARG G 1 6.90 -30.75 30.42
CA ARG G 1 7.66 -30.86 29.19
C ARG G 1 8.56 -29.64 28.98
N LYS G 2 9.74 -29.87 28.43
CA LYS G 2 10.70 -28.81 28.13
C LYS G 2 11.24 -29.03 26.74
N GLU G 3 11.26 -27.96 25.93
CA GLU G 3 11.71 -28.09 24.55
C GLU G 3 13.18 -28.47 24.47
N VAL G 4 14.02 -27.84 25.28
CA VAL G 4 15.45 -28.14 25.36
C VAL G 4 15.72 -28.66 26.77
N GLU G 5 16.08 -29.93 26.87
CA GLU G 5 16.30 -30.58 28.16
C GLU G 5 17.74 -31.05 28.26
N GLN G 6 18.39 -30.72 29.37
CA GLN G 6 19.78 -31.13 29.59
C GLN G 6 19.90 -31.90 30.89
N ASP G 7 21.13 -32.01 31.40
CA ASP G 7 21.37 -32.71 32.65
C ASP G 7 21.24 -31.75 33.82
N PRO G 8 20.61 -32.17 34.92
CA PRO G 8 20.47 -31.27 36.08
C PRO G 8 21.81 -30.92 36.71
N GLY G 9 22.67 -31.92 36.91
CA GLY G 9 23.96 -31.69 37.51
C GLY G 9 23.88 -31.30 38.96
N PRO G 10 24.90 -30.59 39.48
CA PRO G 10 26.08 -30.16 38.71
C PRO G 10 27.11 -31.27 38.54
N PHE G 11 28.18 -30.98 37.79
CA PHE G 11 29.24 -31.93 37.52
C PHE G 11 30.50 -31.45 38.24
N ASN G 12 30.96 -32.23 39.22
CA ASN G 12 32.17 -31.91 39.97
C ASN G 12 33.19 -33.03 39.69
N VAL G 13 34.11 -32.77 38.78
CA VAL G 13 35.08 -33.77 38.37
C VAL G 13 36.49 -33.25 38.65
N PRO G 14 37.48 -34.12 38.85
CA PRO G 14 38.85 -33.65 39.05
C PRO G 14 39.49 -33.19 37.76
N GLU G 15 40.54 -32.40 37.91
CA GLU G 15 41.28 -31.89 36.75
C GLU G 15 41.79 -33.04 35.89
N GLY G 16 41.74 -32.84 34.57
CA GLY G 16 42.17 -33.86 33.63
C GLY G 16 41.14 -34.92 33.31
N ALA G 17 40.05 -35.01 34.07
CA ALA G 17 39.04 -36.02 33.81
C ALA G 17 38.21 -35.62 32.59
N THR G 18 37.45 -36.59 32.08
CA THR G 18 36.60 -36.38 30.91
C THR G 18 35.15 -36.25 31.35
N VAL G 19 34.49 -35.19 30.91
CA VAL G 19 33.10 -34.91 31.24
C VAL G 19 32.28 -34.98 29.96
N ALA G 20 31.13 -35.65 30.02
CA ALA G 20 30.25 -35.81 28.88
C ALA G 20 28.90 -35.17 29.19
N PHE G 21 28.47 -34.28 28.33
CA PHE G 21 27.17 -33.62 28.46
C PHE G 21 26.19 -34.20 27.46
N ASN G 22 24.90 -34.07 27.78
CA ASN G 22 23.84 -34.61 26.94
C ASN G 22 22.70 -33.60 26.86
N CYS G 23 21.98 -33.64 25.75
CA CYS G 23 20.88 -32.70 25.51
C CYS G 23 19.93 -33.30 24.50
N THR G 24 18.63 -33.21 24.79
CA THR G 24 17.59 -33.72 23.91
C THR G 24 16.62 -32.57 23.59
N TYR G 25 16.45 -32.29 22.30
CA TYR G 25 15.57 -31.22 21.85
C TYR G 25 14.25 -31.80 21.34
N SER G 26 13.15 -31.11 21.65
CA SER G 26 11.83 -31.62 21.31
C SER G 26 11.43 -31.30 19.88
N ASN G 27 11.89 -30.16 19.34
CA ASN G 27 11.50 -29.73 18.00
C ASN G 27 12.25 -30.58 16.98
N SER G 28 11.53 -31.51 16.35
CA SER G 28 12.17 -32.43 15.41
C SER G 28 12.64 -31.73 14.14
N ALA G 29 12.10 -30.54 13.85
CA ALA G 29 12.46 -29.81 12.64
C ALA G 29 13.67 -28.90 12.84
N SER G 30 14.27 -28.89 14.03
CA SER G 30 15.44 -28.06 14.28
C SER G 30 16.61 -28.46 13.39
N GLN G 31 17.39 -27.46 12.96
CA GLN G 31 18.52 -27.68 12.07
C GLN G 31 19.79 -26.98 12.51
N SER G 32 19.73 -26.03 13.44
CA SER G 32 20.89 -25.32 13.96
C SER G 32 21.09 -25.67 15.43
N PHE G 33 22.26 -26.21 15.75
CA PHE G 33 22.57 -26.64 17.11
C PHE G 33 23.92 -26.06 17.54
N PHE G 34 24.01 -25.66 18.80
CA PHE G 34 25.22 -25.05 19.32
C PHE G 34 25.36 -25.41 20.79
N TRP G 35 26.61 -25.45 21.25
CA TRP G 35 26.94 -25.53 22.67
C TRP G 35 27.52 -24.19 23.11
N TYR G 36 26.93 -23.61 24.15
CA TYR G 36 27.36 -22.33 24.67
C TYR G 36 27.89 -22.48 26.09
N ARG G 37 28.94 -21.73 26.41
CA ARG G 37 29.54 -21.72 27.73
C ARG G 37 29.18 -20.41 28.43
N GLN G 38 28.80 -20.52 29.71
CA GLN G 38 28.42 -19.37 30.50
C GLN G 38 29.05 -19.47 31.88
N ASP G 39 29.87 -18.47 32.23
CA ASP G 39 30.43 -18.39 33.57
C ASP G 39 29.41 -17.81 34.53
N CYS G 40 29.78 -17.74 35.81
CA CYS G 40 28.86 -17.24 36.83
C CYS G 40 28.76 -15.72 36.74
N ARG G 41 27.52 -15.23 36.60
CA ARG G 41 27.23 -13.80 36.49
C ARG G 41 27.92 -13.18 35.26
N LYS G 42 28.05 -13.96 34.19
CA LYS G 42 28.67 -13.53 32.95
C LYS G 42 27.75 -13.87 31.78
N GLU G 43 28.15 -13.44 30.56
CA GLU G 43 27.34 -13.70 29.38
C GLU G 43 27.77 -15.00 28.70
N PRO G 44 26.86 -15.66 28.00
CA PRO G 44 27.23 -16.87 27.25
C PRO G 44 28.11 -16.53 26.06
N LYS G 45 29.15 -17.34 25.87
CA LYS G 45 30.07 -17.21 24.75
C LYS G 45 30.05 -18.50 23.95
N LEU G 46 29.95 -18.38 22.63
CA LEU G 46 29.84 -19.54 21.76
C LEU G 46 31.05 -20.46 21.92
N LEU G 47 30.79 -21.73 22.22
CA LEU G 47 31.84 -22.72 22.32
C LEU G 47 32.11 -23.41 20.98
N MET G 48 31.06 -23.95 20.36
CA MET G 48 31.19 -24.63 19.08
C MET G 48 29.81 -24.91 18.51
N SER G 49 29.75 -25.03 17.18
CA SER G 49 28.55 -25.46 16.50
C SER G 49 28.55 -26.99 16.41
N VAL G 50 27.35 -27.57 16.33
CA VAL G 50 27.17 -29.01 16.31
C VAL G 50 26.70 -29.44 14.93
N TYR G 51 27.40 -30.42 14.36
CA TYR G 51 27.03 -30.99 13.07
C TYR G 51 27.16 -32.50 13.14
N SER G 52 26.42 -33.19 12.25
CA SER G 52 26.49 -34.65 12.20
C SER G 52 27.89 -35.16 11.94
N SER G 53 28.79 -34.33 11.42
CA SER G 53 30.17 -34.76 11.18
C SER G 53 30.87 -35.11 12.48
N GLY G 54 30.72 -34.28 13.51
CA GLY G 54 31.42 -34.50 14.75
C GLY G 54 32.70 -33.70 14.81
N ASN G 55 32.60 -32.45 15.25
CA ASN G 55 33.74 -31.54 15.17
C ASN G 55 34.68 -31.76 16.35
N GLU G 56 35.96 -31.96 16.05
CA GLU G 56 36.99 -32.04 17.07
C GLU G 56 37.74 -30.71 17.07
N ASP G 57 37.64 -29.98 18.18
CA ASP G 57 38.30 -28.69 18.37
C ASP G 57 39.18 -28.82 19.61
N GLY G 58 40.33 -29.46 19.44
CA GLY G 58 41.22 -29.68 20.57
C GLY G 58 40.64 -30.67 21.57
N ARG G 59 40.28 -30.16 22.75
CA ARG G 59 39.73 -30.99 23.81
C ARG G 59 38.21 -31.13 23.75
N PHE G 60 37.53 -30.37 22.90
CA PHE G 60 36.07 -30.35 22.85
C PHE G 60 35.59 -31.09 21.61
N THR G 61 34.61 -32.00 21.80
CA THR G 61 34.02 -32.77 20.73
C THR G 61 32.50 -32.75 20.87
N ALA G 62 31.81 -32.41 19.79
CA ALA G 62 30.34 -32.34 19.78
C ALA G 62 29.78 -33.31 18.74
N GLN G 63 28.69 -33.98 19.10
CA GLN G 63 28.02 -34.93 18.22
C GLN G 63 26.52 -34.66 18.20
N LEU G 64 25.91 -34.98 17.07
CA LEU G 64 24.49 -34.77 16.84
C LEU G 64 23.88 -36.02 16.22
N ASN G 65 22.71 -36.41 16.73
CA ASN G 65 21.95 -37.54 16.18
C ASN G 65 20.53 -37.06 15.91
N ARG G 66 20.26 -36.70 14.65
CA ARG G 66 18.94 -36.19 14.29
C ARG G 66 17.86 -37.24 14.51
N ALA G 67 18.21 -38.53 14.40
CA ALA G 67 17.22 -39.58 14.62
C ALA G 67 16.74 -39.58 16.06
N SER G 68 17.65 -39.73 17.01
CA SER G 68 17.30 -39.69 18.42
C SER G 68 17.08 -38.27 18.93
N GLN G 69 17.40 -37.26 18.11
CA GLN G 69 17.24 -35.85 18.49
C GLN G 69 18.00 -35.54 19.77
N TYR G 70 19.28 -35.91 19.78
CA TYR G 70 20.10 -35.77 20.96
C TYR G 70 21.46 -35.19 20.58
N ILE G 71 21.99 -34.32 21.43
CA ILE G 71 23.25 -33.63 21.20
C ILE G 71 24.16 -33.93 22.39
N SER G 72 25.41 -34.27 22.11
CA SER G 72 26.37 -34.63 23.14
C SER G 72 27.63 -33.79 23.00
N LEU G 73 28.10 -33.24 24.11
CA LEU G 73 29.36 -32.52 24.17
C LEU G 73 30.34 -33.33 25.02
N LEU G 74 31.57 -33.47 24.54
CA LEU G 74 32.59 -34.25 25.21
C LEU G 74 33.81 -33.37 25.44
N ILE G 75 34.23 -33.24 26.69
CA ILE G 75 35.38 -32.43 27.07
C ILE G 75 36.40 -33.35 27.72
N ARG G 76 37.58 -33.45 27.12
CA ARG G 76 38.66 -34.28 27.62
C ARG G 76 39.74 -33.42 28.23
N ASP G 77 40.42 -33.98 29.25
CA ASP G 77 41.44 -33.27 30.01
C ASP G 77 40.86 -31.97 30.59
N SER G 78 39.86 -32.13 31.45
CA SER G 78 39.18 -30.98 32.03
C SER G 78 40.16 -30.17 32.88
N LYS G 79 40.26 -28.88 32.57
CA LYS G 79 41.10 -27.97 33.34
C LYS G 79 40.23 -27.08 34.21
N LEU G 80 40.86 -26.33 35.11
CA LEU G 80 40.13 -25.38 35.93
C LEU G 80 39.53 -24.25 35.10
N SER G 81 40.08 -24.00 33.92
CA SER G 81 39.52 -23.03 32.99
C SER G 81 38.16 -23.46 32.43
N ASP G 82 37.77 -24.72 32.63
CA ASP G 82 36.51 -25.23 32.10
C ASP G 82 35.34 -25.06 33.07
N SER G 83 35.59 -24.57 34.27
CA SER G 83 34.55 -24.43 35.29
C SER G 83 33.56 -23.35 34.84
N ALA G 84 32.42 -23.78 34.31
CA ALA G 84 31.37 -22.88 33.86
C ALA G 84 30.12 -23.71 33.56
N THR G 85 29.04 -23.03 33.22
CA THR G 85 27.79 -23.67 32.82
C THR G 85 27.73 -23.78 31.31
N TYR G 86 27.38 -24.97 30.82
CA TYR G 86 27.36 -25.26 29.39
C TYR G 86 25.91 -25.35 28.92
N LEU G 87 25.51 -24.39 28.09
CA LEU G 87 24.12 -24.28 27.65
C LEU G 87 23.91 -24.99 26.32
N CYS G 88 22.80 -25.71 26.22
CA CYS G 88 22.39 -26.36 24.98
C CYS G 88 21.44 -25.43 24.23
N VAL G 89 21.82 -25.06 23.01
CA VAL G 89 21.07 -24.08 22.22
C VAL G 89 20.59 -24.76 20.94
N VAL G 90 19.28 -24.81 20.75
CA VAL G 90 18.67 -25.34 19.53
C VAL G 90 17.71 -24.28 19.01
N ASN G 91 17.47 -24.30 17.70
CA ASN G 91 16.69 -23.27 17.05
C ASN G 91 15.19 -23.56 17.09
N ARG G 92 14.40 -22.51 16.93
CA ARG G 92 12.96 -22.59 16.76
C ARG G 92 12.60 -22.33 15.30
N ASN G 93 12.72 -21.07 14.86
CA ASN G 93 12.75 -20.73 13.44
C ASN G 93 14.18 -20.31 13.15
N ASN G 94 14.47 -19.02 13.04
CA ASN G 94 15.84 -18.53 13.09
C ASN G 94 16.26 -18.12 14.49
N ASP G 95 15.30 -18.04 15.42
CA ASP G 95 15.58 -17.69 16.81
C ASP G 95 16.09 -18.91 17.57
N MET G 96 17.04 -18.67 18.46
CA MET G 96 17.66 -19.73 19.25
C MET G 96 17.02 -19.82 20.63
N ARG G 97 16.73 -21.05 21.05
CA ARG G 97 16.16 -21.34 22.36
C ARG G 97 17.23 -21.97 23.23
N PHE G 98 17.38 -21.45 24.44
CA PHE G 98 18.46 -21.87 25.34
C PHE G 98 17.93 -22.89 26.34
N GLY G 99 18.74 -23.93 26.59
CA GLY G 99 18.42 -24.89 27.62
C GLY G 99 18.72 -24.38 29.01
N ALA G 100 18.24 -25.12 30.00
CA ALA G 100 18.46 -24.75 31.39
C ALA G 100 19.95 -24.79 31.75
N GLY G 101 20.74 -25.56 31.02
CA GLY G 101 22.18 -25.58 31.22
C GLY G 101 22.63 -26.70 32.14
N THR G 102 23.89 -27.07 31.99
CA THR G 102 24.57 -28.02 32.86
C THR G 102 25.82 -27.36 33.40
N ARG G 103 26.08 -27.55 34.68
CA ARG G 103 27.18 -26.88 35.36
C ARG G 103 28.35 -27.85 35.51
N LEU G 104 29.54 -27.38 35.16
CA LEU G 104 30.77 -28.15 35.34
C LEU G 104 31.69 -27.39 36.28
N THR G 105 32.04 -28.01 37.40
CA THR G 105 33.01 -27.45 38.33
C THR G 105 34.18 -28.41 38.45
N VAL G 106 35.35 -27.96 38.03
CA VAL G 106 36.55 -28.80 38.03
C VAL G 106 37.29 -28.60 39.34
N LYS G 107 37.57 -29.70 40.03
CA LYS G 107 38.27 -29.63 41.30
C LYS G 107 39.77 -29.81 41.09
N PRO G 108 40.60 -28.90 41.60
CA PRO G 108 42.04 -29.05 41.41
C PRO G 108 42.63 -30.11 42.32
N ASN G 109 43.57 -30.87 41.78
CA ASN G 109 44.28 -31.88 42.55
C ASN G 109 45.36 -31.19 43.38
N ILE G 110 45.10 -31.01 44.67
CA ILE G 110 46.06 -30.37 45.56
C ILE G 110 47.23 -31.33 45.77
N GLN G 111 48.39 -30.98 45.21
CA GLN G 111 49.52 -31.90 45.24
C GLN G 111 50.10 -32.03 46.64
N ASN G 112 50.26 -30.90 47.34
CA ASN G 112 50.81 -30.88 48.70
C ASN G 112 49.84 -30.12 49.60
N PRO G 113 48.89 -30.81 50.23
CA PRO G 113 47.97 -30.13 51.14
C PRO G 113 48.71 -29.57 52.35
N ASP G 114 48.27 -28.40 52.81
CA ASP G 114 48.84 -27.76 53.98
C ASP G 114 47.74 -26.96 54.69
N PRO G 115 46.72 -27.62 55.22
CA PRO G 115 45.57 -26.89 55.75
C PRO G 115 45.92 -26.07 56.98
N ALA G 116 45.39 -24.86 57.04
CA ALA G 116 45.67 -23.95 58.15
C ALA G 116 44.64 -22.83 58.16
N VAL G 117 44.52 -22.19 59.32
CA VAL G 117 43.61 -21.07 59.53
C VAL G 117 44.44 -19.90 60.04
N TYR G 118 44.74 -18.95 59.15
CA TYR G 118 45.53 -17.78 59.50
C TYR G 118 44.62 -16.59 59.78
N GLN G 119 45.02 -15.79 60.77
CA GLN G 119 44.30 -14.57 61.12
C GLN G 119 45.00 -13.39 60.46
N LEU G 120 44.27 -12.65 59.63
CA LEU G 120 44.82 -11.51 58.91
C LEU G 120 44.29 -10.21 59.51
N ARG G 121 45.16 -9.21 59.59
CA ARG G 121 44.80 -7.93 60.17
C ARG G 121 44.56 -6.89 59.08
N ASP G 122 43.75 -5.88 59.42
CA ASP G 122 43.42 -4.80 58.51
C ASP G 122 44.67 -4.02 58.13
N SER G 123 44.62 -3.35 56.98
CA SER G 123 45.73 -2.50 56.56
C SER G 123 45.90 -1.35 57.54
N LYS G 124 44.79 -0.75 57.98
CA LYS G 124 44.82 0.31 58.97
C LYS G 124 44.95 -0.26 60.38
N SER G 125 44.57 -1.53 60.55
CA SER G 125 44.66 -2.30 61.78
C SER G 125 43.65 -1.87 62.84
N SER G 126 43.43 -2.77 63.79
CA SER G 126 42.52 -2.67 64.93
C SER G 126 42.20 -4.08 65.40
N ASP G 127 41.03 -4.26 66.01
CA ASP G 127 40.53 -5.59 66.28
C ASP G 127 39.94 -6.23 65.03
N LYS G 128 39.90 -5.50 63.92
CA LYS G 128 39.36 -6.05 62.69
C LYS G 128 40.30 -7.14 62.19
N SER G 129 39.87 -8.38 62.33
CA SER G 129 40.65 -9.55 61.98
C SER G 129 39.80 -10.51 61.18
N VAL G 130 40.41 -11.19 60.23
CA VAL G 130 39.73 -12.11 59.33
C VAL G 130 40.47 -13.44 59.37
N CYS G 131 39.71 -14.53 59.33
CA CYS G 131 40.26 -15.87 59.29
C CYS G 131 40.30 -16.37 57.86
N LEU G 132 41.41 -17.02 57.51
CA LEU G 132 41.64 -17.53 56.15
C LEU G 132 41.94 -19.02 56.23
N PHE G 133 41.03 -19.83 55.68
CA PHE G 133 41.20 -21.28 55.59
C PHE G 133 41.68 -21.59 54.18
N THR G 134 42.96 -21.91 54.03
CA THR G 134 43.56 -22.12 52.72
C THR G 134 44.39 -23.40 52.72
N ASP G 135 44.73 -23.84 51.50
CA ASP G 135 45.62 -24.97 51.26
C ASP G 135 45.07 -26.29 51.78
N PHE G 136 43.76 -26.38 51.98
CA PHE G 136 43.16 -27.66 52.37
C PHE G 136 42.94 -28.53 51.13
N ASP G 137 42.70 -29.81 51.38
CA ASP G 137 42.50 -30.76 50.29
C ASP G 137 41.19 -30.47 49.57
N SER G 138 41.12 -30.91 48.31
CA SER G 138 39.96 -30.65 47.47
C SER G 138 38.73 -31.45 47.89
N GLN G 139 38.88 -32.43 48.78
CA GLN G 139 37.73 -33.16 49.29
C GLN G 139 36.98 -32.40 50.37
N THR G 140 37.56 -31.32 50.90
CA THR G 140 36.92 -30.55 51.95
C THR G 140 35.85 -29.64 51.37
N ASN G 141 34.65 -29.69 51.94
CA ASN G 141 33.55 -28.82 51.55
C ASN G 141 33.26 -27.84 52.68
N VAL G 142 33.40 -26.55 52.39
CA VAL G 142 33.14 -25.51 53.38
C VAL G 142 31.65 -25.23 53.43
N SER G 143 31.05 -25.41 54.60
CA SER G 143 29.62 -25.18 54.79
C SER G 143 29.38 -23.78 55.33
N GLN G 144 28.21 -23.23 55.00
CA GLN G 144 27.86 -21.90 55.48
C GLN G 144 27.71 -21.90 57.00
N SER G 145 27.78 -20.70 57.57
CA SER G 145 27.73 -20.54 59.02
C SER G 145 26.31 -20.71 59.53
N LYS G 146 26.18 -21.36 60.69
CA LYS G 146 24.90 -21.48 61.37
C LYS G 146 24.65 -20.31 62.33
N ASP G 147 25.26 -19.16 62.06
CA ASP G 147 25.08 -17.97 62.88
C ASP G 147 24.80 -16.79 61.96
N SER G 148 24.01 -15.84 62.48
CA SER G 148 23.61 -14.69 61.66
C SER G 148 24.72 -13.63 61.58
N ASP G 149 25.55 -13.52 62.61
CA ASP G 149 26.57 -12.48 62.69
C ASP G 149 27.94 -12.94 62.23
N VAL G 150 28.11 -14.22 61.90
CA VAL G 150 29.36 -14.74 61.37
C VAL G 150 29.16 -14.98 59.88
N TYR G 151 30.07 -14.46 59.07
CA TYR G 151 29.97 -14.51 57.62
C TYR G 151 31.10 -15.36 57.06
N ILE G 152 30.73 -16.42 56.33
CA ILE G 152 31.68 -17.35 55.74
C ILE G 152 31.43 -17.41 54.24
N THR G 153 32.50 -17.48 53.47
CA THR G 153 32.41 -17.56 52.01
C THR G 153 32.56 -19.02 51.57
N ASP G 154 32.43 -19.25 50.28
CA ASP G 154 32.53 -20.58 49.69
C ASP G 154 33.95 -20.82 49.18
N LYS G 155 34.28 -22.09 48.98
CA LYS G 155 35.62 -22.48 48.57
C LYS G 155 36.00 -21.79 47.26
N CYS G 156 37.11 -21.05 47.28
CA CYS G 156 37.62 -20.35 46.13
C CYS G 156 38.92 -21.00 45.68
N VAL G 157 39.01 -21.31 44.39
CA VAL G 157 40.15 -22.01 43.82
C VAL G 157 41.10 -20.99 43.22
N LEU G 158 42.28 -20.85 43.82
CA LEU G 158 43.29 -19.90 43.38
C LEU G 158 44.36 -20.61 42.55
N ASP G 159 44.82 -19.96 41.50
CA ASP G 159 45.76 -20.53 40.55
C ASP G 159 46.99 -19.64 40.46
N MET G 160 48.14 -20.16 40.92
CA MET G 160 49.42 -19.48 40.76
C MET G 160 50.20 -20.19 39.66
N ARG G 161 49.89 -19.80 38.42
CA ARG G 161 50.58 -20.39 37.26
C ARG G 161 52.06 -20.01 37.21
N SER G 162 52.49 -19.03 38.01
CA SER G 162 53.91 -18.72 38.10
C SER G 162 54.69 -19.84 38.79
N MET G 163 54.08 -20.50 39.77
CA MET G 163 54.71 -21.58 40.52
C MET G 163 54.09 -22.94 40.21
N ASP G 164 53.15 -23.02 39.28
CA ASP G 164 52.38 -24.24 39.02
C ASP G 164 51.77 -24.78 40.31
N PHE G 165 51.24 -23.87 41.12
CA PHE G 165 50.68 -24.19 42.43
C PHE G 165 49.22 -23.74 42.45
N LYS G 166 48.35 -24.62 42.94
CA LYS G 166 46.93 -24.33 43.04
C LYS G 166 46.46 -24.61 44.46
N SER G 167 45.63 -23.71 44.99
CA SER G 167 45.22 -23.78 46.39
C SER G 167 43.77 -23.32 46.53
N ASN G 168 43.02 -24.01 47.39
CA ASN G 168 41.68 -23.59 47.75
C ASN G 168 41.74 -22.57 48.89
N SER G 169 40.62 -21.88 49.09
CA SER G 169 40.57 -20.85 50.13
C SER G 169 39.13 -20.54 50.47
N ALA G 170 38.92 -20.11 51.71
CA ALA G 170 37.62 -19.69 52.19
C ALA G 170 37.83 -18.66 53.30
N VAL G 171 37.17 -17.50 53.16
CA VAL G 171 37.38 -16.37 54.06
C VAL G 171 36.16 -16.24 54.97
N ALA G 172 36.41 -15.99 56.25
CA ALA G 172 35.34 -15.84 57.23
C ALA G 172 35.73 -14.82 58.29
N TRP G 173 34.78 -13.96 58.65
CA TRP G 173 34.96 -12.98 59.71
C TRP G 173 33.65 -12.85 60.46
N SER G 174 33.68 -12.12 61.58
CA SER G 174 32.48 -11.94 62.38
C SER G 174 32.57 -10.65 63.18
N ASN G 175 31.39 -10.16 63.57
CA ASN G 175 31.29 -8.90 64.30
C ASN G 175 31.49 -9.09 65.80
N LYS G 176 31.03 -10.21 66.36
CA LYS G 176 31.05 -10.40 67.80
C LYS G 176 32.47 -10.66 68.31
N SER G 177 32.65 -10.46 69.62
CA SER G 177 33.96 -10.60 70.23
C SER G 177 34.31 -12.04 70.58
N ASP G 178 33.30 -12.90 70.78
CA ASP G 178 33.52 -14.31 71.10
C ASP G 178 33.75 -15.16 69.86
N PHE G 179 34.56 -14.67 68.93
CA PHE G 179 34.81 -15.30 67.64
C PHE G 179 36.32 -15.48 67.47
N ALA G 180 36.82 -16.63 67.91
CA ALA G 180 38.22 -16.98 67.74
C ALA G 180 38.40 -17.86 66.50
N CYS G 181 39.67 -18.02 66.10
CA CYS G 181 39.98 -18.61 64.80
C CYS G 181 39.69 -20.10 64.74
N ALA G 182 39.60 -20.79 65.88
CA ALA G 182 39.19 -22.18 65.86
C ALA G 182 37.68 -22.35 65.97
N ASN G 183 36.97 -21.32 66.43
CA ASN G 183 35.52 -21.33 66.43
C ASN G 183 34.93 -20.87 65.10
N ALA G 184 35.77 -20.39 64.17
CA ALA G 184 35.29 -19.89 62.89
C ALA G 184 34.66 -21.01 62.07
N PHE G 185 35.45 -22.01 61.69
CA PHE G 185 35.02 -23.12 60.85
C PHE G 185 34.54 -24.32 61.67
N ASN G 186 33.70 -24.05 62.68
CA ASN G 186 33.18 -25.14 63.50
C ASN G 186 32.16 -25.97 62.73
N ASN G 187 31.45 -25.36 61.78
CA ASN G 187 30.44 -26.06 61.01
C ASN G 187 31.02 -26.89 59.85
N SER G 188 32.34 -26.87 59.66
CA SER G 188 32.96 -27.58 58.56
C SER G 188 33.71 -28.81 59.06
N ILE G 189 33.97 -29.74 58.14
CA ILE G 189 34.74 -30.95 58.44
C ILE G 189 36.19 -30.67 58.06
N ILE G 190 36.87 -29.92 58.91
CA ILE G 190 38.27 -29.57 58.64
C ILE G 190 39.17 -30.77 58.95
N PRO G 191 40.28 -30.94 58.23
CA PRO G 191 41.15 -32.10 58.48
C PRO G 191 41.83 -32.09 59.85
N GLU G 192 42.56 -33.16 60.16
CA GLU G 192 43.21 -33.29 61.45
C GLU G 192 44.49 -32.47 61.55
N ASP G 193 45.26 -32.40 60.47
CA ASP G 193 46.54 -31.70 60.47
C ASP G 193 46.41 -30.20 60.24
N THR G 194 45.21 -29.64 60.35
CA THR G 194 45.01 -28.22 60.13
C THR G 194 45.81 -27.41 61.14
N PHE G 195 46.59 -26.45 60.65
CA PHE G 195 47.48 -25.64 61.46
C PHE G 195 46.74 -24.41 61.97
N PHE G 196 46.76 -24.21 63.29
CA PHE G 196 46.09 -23.07 63.93
C PHE G 196 47.13 -22.24 64.68
N PRO G 197 47.69 -21.21 64.04
CA PRO G 197 48.65 -20.35 64.74
C PRO G 197 47.97 -19.39 65.70
N SER G 198 48.69 -19.06 66.76
CA SER G 198 48.15 -18.16 67.79
C SER G 198 49.28 -17.67 68.70
N ARG H 1 -21.06 38.43 -1.14
CA ARG H 1 -22.09 37.75 -1.93
C ARG H 1 -22.03 36.24 -1.72
N LYS H 2 -22.32 35.50 -2.78
CA LYS H 2 -22.27 34.04 -2.78
C LYS H 2 -21.56 33.58 -4.03
N GLU H 3 -21.43 32.26 -4.17
CA GLU H 3 -20.78 31.69 -5.36
C GLU H 3 -21.67 31.77 -6.59
N VAL H 4 -22.99 31.64 -6.41
CA VAL H 4 -23.95 31.82 -7.50
C VAL H 4 -25.11 32.65 -6.96
N GLU H 5 -25.25 33.88 -7.43
CA GLU H 5 -26.30 34.79 -7.00
C GLU H 5 -27.13 35.21 -8.21
N GLN H 6 -28.44 35.13 -8.06
CA GLN H 6 -29.36 35.50 -9.14
C GLN H 6 -30.33 36.55 -8.60
N ASP H 7 -31.47 36.72 -9.27
CA ASP H 7 -32.47 37.70 -8.90
C ASP H 7 -33.41 37.14 -7.85
N PRO H 8 -33.80 37.94 -6.86
CA PRO H 8 -34.70 37.43 -5.82
C PRO H 8 -36.07 37.04 -6.35
N GLY H 9 -36.67 37.88 -7.19
CA GLY H 9 -37.97 37.60 -7.75
C GLY H 9 -39.07 37.63 -6.71
N PRO H 10 -40.17 36.92 -6.98
CA PRO H 10 -40.40 36.12 -8.18
C PRO H 10 -40.83 36.96 -9.38
N PHE H 11 -40.98 36.33 -10.54
CA PHE H 11 -41.35 37.01 -11.77
C PHE H 11 -42.76 36.56 -12.16
N ASN H 12 -43.70 37.50 -12.13
CA ASN H 12 -45.09 37.25 -12.50
C ASN H 12 -45.39 38.10 -13.73
N VAL H 13 -45.35 37.49 -14.91
CA VAL H 13 -45.54 38.22 -16.17
C VAL H 13 -46.73 37.61 -16.89
N PRO H 14 -47.39 38.38 -17.75
CA PRO H 14 -48.50 37.83 -18.54
C PRO H 14 -47.99 36.93 -19.65
N GLU H 15 -48.89 36.10 -20.15
CA GLU H 15 -48.58 35.17 -21.23
C GLU H 15 -48.08 35.92 -22.45
N GLY H 16 -47.08 35.34 -23.12
CA GLY H 16 -46.50 35.94 -24.31
C GLY H 16 -45.45 36.98 -24.04
N ALA H 17 -45.31 37.44 -22.80
CA ALA H 17 -44.32 38.46 -22.48
C ALA H 17 -42.91 37.85 -22.46
N THR H 18 -41.92 38.72 -22.47
CA THR H 18 -40.51 38.32 -22.45
C THR H 18 -39.96 38.51 -21.05
N VAL H 19 -39.32 37.45 -20.52
CA VAL H 19 -38.74 37.46 -19.19
C VAL H 19 -37.24 37.30 -19.32
N ALA H 20 -36.49 38.11 -18.57
CA ALA H 20 -35.04 38.11 -18.59
C ALA H 20 -34.51 37.72 -17.21
N PHE H 21 -33.67 36.70 -17.18
CA PHE H 21 -33.03 36.23 -15.95
C PHE H 21 -31.58 36.67 -15.92
N ASN H 22 -31.03 36.74 -14.70
CA ASN H 22 -29.66 37.19 -14.50
C ASN H 22 -29.00 36.31 -13.44
N CYS H 23 -27.68 36.19 -13.54
CA CYS H 23 -26.91 35.34 -12.63
C CYS H 23 -25.48 35.83 -12.60
N THR H 24 -24.91 35.95 -11.40
CA THR H 24 -23.53 36.39 -11.22
C THR H 24 -22.78 35.34 -10.41
N TYR H 25 -21.72 34.79 -10.99
CA TYR H 25 -20.90 33.79 -10.31
C TYR H 25 -19.59 34.42 -9.85
N SER H 26 -19.14 34.04 -8.65
CA SER H 26 -17.96 34.66 -8.05
C SER H 26 -16.66 34.03 -8.54
N ASN H 27 -16.65 32.73 -8.81
CA ASN H 27 -15.42 32.02 -9.18
C ASN H 27 -15.08 32.33 -10.62
N SER H 28 -14.03 33.14 -10.83
CA SER H 28 -13.64 33.55 -12.17
C SER H 28 -13.09 32.39 -13.00
N ALA H 29 -12.68 31.30 -12.36
CA ALA H 29 -12.11 30.16 -13.07
C ALA H 29 -13.17 29.17 -13.53
N SER H 30 -14.44 29.44 -13.26
CA SER H 30 -15.51 28.56 -13.73
C SER H 30 -15.56 28.56 -15.25
N GLN H 31 -15.87 27.40 -15.83
CA GLN H 31 -15.92 27.25 -17.27
C GLN H 31 -17.17 26.53 -17.78
N SER H 32 -17.92 25.87 -16.93
CA SER H 32 -19.15 25.18 -17.32
C SER H 32 -20.34 25.87 -16.67
N PHE H 33 -21.26 26.35 -17.48
CA PHE H 33 -22.43 27.07 -17.02
C PHE H 33 -23.67 26.49 -17.67
N PHE H 34 -24.76 26.41 -16.90
CA PHE H 34 -26.01 25.85 -17.39
C PHE H 34 -27.17 26.58 -16.74
N TRP H 35 -28.29 26.62 -17.45
CA TRP H 35 -29.58 27.07 -16.91
C TRP H 35 -30.48 25.85 -16.73
N TYR H 36 -30.99 25.67 -15.51
CA TYR H 36 -31.85 24.56 -15.18
C TYR H 36 -33.24 25.05 -14.81
N ARG H 37 -34.25 24.29 -15.23
CA ARG H 37 -35.65 24.58 -14.91
C ARG H 37 -36.12 23.57 -13.88
N GLN H 38 -36.82 24.04 -12.85
CA GLN H 38 -37.34 23.17 -11.80
C GLN H 38 -38.76 23.59 -11.47
N ASP H 39 -39.69 22.65 -11.61
CA ASP H 39 -41.08 22.89 -11.22
C ASP H 39 -41.23 22.75 -9.72
N CYS H 40 -42.44 23.00 -9.22
CA CYS H 40 -42.70 22.94 -7.79
C CYS H 40 -42.74 21.49 -7.33
N ARG H 41 -41.92 21.18 -6.32
CA ARG H 41 -41.81 19.81 -5.78
C ARG H 41 -41.37 18.82 -6.85
N LYS H 42 -40.53 19.26 -7.78
CA LYS H 42 -40.02 18.43 -8.86
C LYS H 42 -38.51 18.54 -8.91
N GLU H 43 -37.89 17.73 -9.78
CA GLU H 43 -36.45 17.81 -9.87
C GLU H 43 -36.03 18.81 -10.94
N PRO H 44 -34.82 19.39 -10.82
CA PRO H 44 -34.35 20.30 -11.86
C PRO H 44 -34.09 19.55 -13.15
N LYS H 45 -34.52 20.16 -14.26
CA LYS H 45 -34.34 19.60 -15.59
C LYS H 45 -33.50 20.57 -16.41
N LEU H 46 -32.49 20.03 -17.10
CA LEU H 46 -31.60 20.87 -17.89
C LEU H 46 -32.37 21.59 -18.98
N LEU H 47 -32.26 22.91 -19.00
CA LEU H 47 -32.89 23.71 -20.05
C LEU H 47 -31.97 23.89 -21.25
N MET H 48 -30.73 24.33 -21.00
CA MET H 48 -29.76 24.55 -22.06
C MET H 48 -28.40 24.78 -21.44
N SER H 49 -27.36 24.48 -22.21
CA SER H 49 -26.00 24.79 -21.81
C SER H 49 -25.64 26.20 -22.25
N VAL H 50 -24.71 26.81 -21.51
CA VAL H 50 -24.30 28.19 -21.74
C VAL H 50 -22.87 28.18 -22.25
N TYR H 51 -22.62 28.91 -23.33
CA TYR H 51 -21.29 29.06 -23.90
C TYR H 51 -21.06 30.53 -24.22
N SER H 52 -19.78 30.92 -24.24
CA SER H 52 -19.42 32.31 -24.50
C SER H 52 -19.93 32.81 -25.85
N SER H 53 -20.23 31.89 -26.78
CA SER H 53 -20.77 32.30 -28.08
C SER H 53 -22.15 32.93 -27.93
N GLY H 54 -23.01 32.32 -27.11
CA GLY H 54 -24.38 32.76 -26.95
C GLY H 54 -25.34 31.98 -27.82
N ASN H 55 -25.75 30.80 -27.34
CA ASN H 55 -26.55 29.87 -28.12
C ASN H 55 -28.03 30.20 -28.00
N GLU H 56 -28.71 30.27 -29.15
CA GLU H 56 -30.16 30.46 -29.22
C GLU H 56 -30.83 29.13 -29.50
N ASP H 57 -31.74 28.72 -28.61
CA ASP H 57 -32.46 27.45 -28.72
C ASP H 57 -33.95 27.75 -28.80
N GLY H 58 -34.41 28.12 -29.99
CA GLY H 58 -35.81 28.44 -30.22
C GLY H 58 -36.27 29.70 -29.51
N ARG H 59 -37.11 29.55 -28.49
CA ARG H 59 -37.61 30.70 -27.73
C ARG H 59 -36.67 31.08 -26.59
N PHE H 60 -35.68 30.25 -26.30
CA PHE H 60 -34.76 30.46 -25.19
C PHE H 60 -33.40 30.87 -25.73
N THR H 61 -32.83 31.92 -25.15
CA THR H 61 -31.51 32.39 -25.52
C THR H 61 -30.69 32.63 -24.27
N ALA H 62 -29.51 32.04 -24.21
CA ALA H 62 -28.61 32.18 -23.08
C ALA H 62 -27.32 32.85 -23.56
N GLN H 63 -26.81 33.75 -22.74
CA GLN H 63 -25.60 34.49 -23.07
C GLN H 63 -24.65 34.46 -21.88
N LEU H 64 -23.35 34.52 -22.16
CA LEU H 64 -22.34 34.45 -21.13
C LEU H 64 -21.30 35.54 -21.34
N ASN H 65 -20.92 36.20 -20.25
CA ASN H 65 -19.88 37.23 -20.26
C ASN H 65 -18.88 36.86 -19.16
N ARG H 66 -17.79 36.18 -19.55
CA ARG H 66 -16.79 35.76 -18.58
C ARG H 66 -16.10 36.94 -17.91
N ALA H 67 -16.03 38.08 -18.60
CA ALA H 67 -15.39 39.26 -18.02
C ALA H 67 -16.17 39.75 -16.80
N SER H 68 -17.44 40.10 -16.99
CA SER H 68 -18.27 40.53 -15.88
C SER H 68 -18.77 39.38 -15.02
N GLN H 69 -18.51 38.13 -15.43
CA GLN H 69 -18.93 36.94 -14.69
C GLN H 69 -20.44 36.94 -14.46
N TYR H 70 -21.18 37.11 -15.56
CA TYR H 70 -22.63 37.23 -15.49
C TYR H 70 -23.27 36.38 -16.58
N ILE H 71 -24.38 35.71 -16.23
CA ILE H 71 -25.10 34.83 -17.13
C ILE H 71 -26.55 35.28 -17.22
N SER H 72 -27.09 35.36 -18.43
CA SER H 72 -28.44 35.83 -18.64
C SER H 72 -29.23 34.82 -19.48
N LEU H 73 -30.46 34.55 -19.05
CA LEU H 73 -31.39 33.72 -19.80
C LEU H 73 -32.53 34.59 -20.30
N LEU H 74 -32.91 34.40 -21.56
CA LEU H 74 -33.95 35.19 -22.21
C LEU H 74 -35.01 34.25 -22.75
N ILE H 75 -36.26 34.44 -22.33
CA ILE H 75 -37.39 33.63 -22.78
C ILE H 75 -38.40 34.57 -23.44
N ARG H 76 -38.65 34.34 -24.73
CA ARG H 76 -39.59 35.14 -25.49
C ARG H 76 -40.86 34.37 -25.77
N ASP H 77 -41.98 35.08 -25.82
CA ASP H 77 -43.31 34.50 -25.97
C ASP H 77 -43.55 33.42 -24.91
N SER H 78 -43.47 33.86 -23.65
CA SER H 78 -43.59 32.95 -22.53
C SER H 78 -44.99 32.32 -22.48
N LYS H 79 -45.03 31.00 -22.41
CA LYS H 79 -46.26 30.24 -22.29
C LYS H 79 -46.44 29.76 -20.85
N LEU H 80 -47.61 29.18 -20.59
CA LEU H 80 -47.87 28.59 -19.29
C LEU H 80 -46.95 27.41 -19.00
N SER H 81 -46.40 26.79 -20.04
CA SER H 81 -45.42 25.72 -19.86
C SER H 81 -44.12 26.21 -19.24
N ASP H 82 -43.91 27.52 -19.17
CA ASP H 82 -42.67 28.07 -18.63
C ASP H 82 -42.76 28.37 -17.13
N SER H 83 -43.92 28.21 -16.51
CA SER H 83 -44.11 28.53 -15.09
C SER H 83 -43.32 27.54 -14.25
N ALA H 84 -42.16 27.96 -13.78
CA ALA H 84 -41.29 27.16 -12.92
C ALA H 84 -40.18 28.05 -12.40
N THR H 85 -39.35 27.50 -11.52
CA THR H 85 -38.18 28.19 -10.99
C THR H 85 -36.96 27.83 -11.83
N TYR H 86 -36.20 28.83 -12.25
CA TYR H 86 -35.07 28.66 -13.14
C TYR H 86 -33.77 28.85 -12.35
N LEU H 87 -33.00 27.76 -12.22
CA LEU H 87 -31.80 27.73 -11.41
C LEU H 87 -30.57 28.01 -12.26
N CYS H 88 -29.67 28.82 -11.73
CA CYS H 88 -28.39 29.09 -12.36
C CYS H 88 -27.34 28.13 -11.79
N VAL H 89 -26.72 27.36 -12.66
CA VAL H 89 -25.80 26.29 -12.26
C VAL H 89 -24.42 26.62 -12.81
N VAL H 90 -23.44 26.77 -11.91
CA VAL H 90 -22.06 27.05 -12.27
C VAL H 90 -21.19 25.99 -11.60
N ASN H 91 -20.04 25.70 -12.22
CA ASN H 91 -19.18 24.62 -11.76
C ASN H 91 -18.20 25.12 -10.70
N ARG H 92 -17.85 24.23 -9.79
CA ARG H 92 -16.84 24.50 -8.77
C ARG H 92 -15.51 23.92 -9.23
N ASN H 93 -15.40 22.58 -9.22
CA ASN H 93 -14.37 21.88 -9.97
C ASN H 93 -15.09 21.14 -11.08
N ASN H 94 -15.34 19.84 -10.95
CA ASN H 94 -16.29 19.16 -11.81
C ASN H 94 -17.69 19.12 -11.22
N ASP H 95 -17.83 19.46 -9.95
CA ASP H 95 -19.13 19.49 -9.29
C ASP H 95 -19.84 20.77 -9.64
N MET H 96 -21.15 20.68 -9.84
CA MET H 96 -21.96 21.83 -10.20
C MET H 96 -22.61 22.39 -8.95
N ARG H 97 -22.54 23.71 -8.79
CA ARG H 97 -23.13 24.40 -7.65
C ARG H 97 -24.34 25.19 -8.12
N PHE H 98 -25.45 25.04 -7.41
CA PHE H 98 -26.73 25.59 -7.81
C PHE H 98 -26.99 26.90 -7.07
N GLY H 99 -27.54 27.88 -7.80
CA GLY H 99 -27.97 29.11 -7.18
C GLY H 99 -29.30 28.96 -6.47
N ALA H 100 -29.66 29.99 -5.70
CA ALA H 100 -30.92 29.96 -4.97
C ALA H 100 -32.12 29.94 -5.90
N GLY H 101 -31.98 30.43 -7.13
CA GLY H 101 -33.02 30.35 -8.12
C GLY H 101 -33.92 31.57 -8.15
N THR H 102 -34.54 31.78 -9.31
CA THR H 102 -35.56 32.80 -9.51
C THR H 102 -36.79 32.13 -10.10
N ARG H 103 -37.96 32.51 -9.62
CA ARG H 103 -39.21 31.86 -10.02
C ARG H 103 -39.93 32.68 -11.09
N LEU H 104 -40.42 31.98 -12.10
CA LEU H 104 -41.21 32.58 -13.17
C LEU H 104 -42.61 31.98 -13.13
N THR H 105 -43.61 32.85 -12.95
CA THR H 105 -45.01 32.45 -12.97
C THR H 105 -45.72 33.20 -14.09
N VAL H 106 -46.20 32.47 -15.08
CA VAL H 106 -46.85 33.07 -16.24
C VAL H 106 -48.35 33.11 -16.01
N LYS H 107 -48.94 34.31 -16.13
CA LYS H 107 -50.37 34.53 -15.99
C LYS H 107 -51.03 34.50 -17.36
N PRO H 108 -52.08 33.71 -17.55
CA PRO H 108 -52.76 33.68 -18.85
C PRO H 108 -53.64 34.91 -19.04
N ASN H 109 -53.66 35.41 -20.27
CA ASN H 109 -54.52 36.54 -20.61
C ASN H 109 -55.93 36.00 -20.82
N ILE H 110 -56.79 36.19 -19.81
CA ILE H 110 -58.16 35.72 -19.89
C ILE H 110 -58.91 36.62 -20.85
N GLN H 111 -59.25 36.09 -22.03
CA GLN H 111 -59.86 36.91 -23.07
C GLN H 111 -61.30 37.29 -22.71
N ASN H 112 -62.08 36.34 -22.21
CA ASN H 112 -63.47 36.57 -21.82
C ASN H 112 -63.66 36.11 -20.38
N PRO H 113 -63.47 37.00 -19.41
CA PRO H 113 -63.71 36.62 -18.01
C PRO H 113 -65.16 36.28 -17.75
N ASP H 114 -65.38 35.32 -16.87
CA ASP H 114 -66.72 34.88 -16.49
C ASP H 114 -66.72 34.47 -15.02
N PRO H 115 -66.42 35.38 -14.10
CA PRO H 115 -66.25 34.97 -12.69
C PRO H 115 -67.57 34.51 -12.08
N ALA H 116 -67.49 33.42 -11.32
CA ALA H 116 -68.66 32.85 -10.68
C ALA H 116 -68.22 31.87 -9.61
N VAL H 117 -69.12 31.58 -8.68
CA VAL H 117 -68.87 30.64 -7.58
C VAL H 117 -69.96 29.58 -7.64
N TYR H 118 -69.62 28.41 -8.16
CA TYR H 118 -70.56 27.30 -8.29
C TYR H 118 -70.38 26.33 -7.12
N GLN H 119 -71.49 25.77 -6.66
CA GLN H 119 -71.46 24.75 -5.60
C GLN H 119 -71.54 23.37 -6.23
N LEU H 120 -70.53 22.55 -5.97
CA LEU H 120 -70.44 21.20 -6.50
C LEU H 120 -70.71 20.20 -5.38
N ARG H 121 -71.50 19.17 -5.68
CA ARG H 121 -71.87 18.15 -4.71
C ARG H 121 -71.15 16.84 -5.00
N ASP H 122 -70.94 16.05 -3.95
CA ASP H 122 -70.23 14.79 -4.08
C ASP H 122 -71.03 13.79 -4.90
N SER H 123 -70.30 12.87 -5.53
CA SER H 123 -70.96 11.79 -6.28
C SER H 123 -71.69 10.84 -5.35
N LYS H 124 -71.06 10.44 -4.25
CA LYS H 124 -71.67 9.48 -3.33
C LYS H 124 -72.59 10.09 -2.29
N SER H 125 -72.41 11.36 -1.93
CA SER H 125 -73.20 11.99 -0.89
C SER H 125 -73.58 13.40 -1.29
N SER H 126 -74.55 13.95 -0.56
CA SER H 126 -75.03 15.31 -0.78
C SER H 126 -74.79 16.24 0.41
N ASP H 127 -74.51 15.71 1.60
CA ASP H 127 -74.19 16.58 2.72
C ASP H 127 -72.77 17.13 2.71
N LYS H 128 -71.93 16.70 1.76
CA LYS H 128 -70.59 17.24 1.59
C LYS H 128 -70.52 18.01 0.28
N SER H 129 -70.34 19.33 0.37
CA SER H 129 -70.39 20.21 -0.79
C SER H 129 -69.18 21.11 -0.81
N VAL H 130 -68.75 21.47 -2.02
CA VAL H 130 -67.56 22.30 -2.25
C VAL H 130 -67.94 23.49 -3.12
N CYS H 131 -67.37 24.65 -2.81
CA CYS H 131 -67.55 25.86 -3.61
C CYS H 131 -66.37 26.01 -4.56
N LEU H 132 -66.66 26.39 -5.81
CA LEU H 132 -65.67 26.52 -6.86
C LEU H 132 -65.72 27.92 -7.44
N PHE H 133 -64.63 28.68 -7.23
CA PHE H 133 -64.48 30.01 -7.80
C PHE H 133 -63.62 29.87 -9.06
N THR H 134 -64.26 29.95 -10.22
CA THR H 134 -63.58 29.69 -11.49
C THR H 134 -63.90 30.79 -12.50
N ASP H 135 -63.10 30.82 -13.56
CA ASP H 135 -63.27 31.68 -14.72
C ASP H 135 -63.16 33.17 -14.38
N PHE H 136 -62.51 33.51 -13.28
CA PHE H 136 -62.28 34.92 -12.97
C PHE H 136 -61.03 35.42 -13.70
N ASP H 137 -60.91 36.75 -13.76
CA ASP H 137 -59.77 37.37 -14.40
C ASP H 137 -58.50 37.12 -13.58
N SER H 138 -57.35 37.19 -14.26
CA SER H 138 -56.08 36.92 -13.60
C SER H 138 -55.67 38.02 -12.63
N GLN H 139 -56.30 39.20 -12.70
CA GLN H 139 -55.98 40.27 -11.76
C GLN H 139 -56.42 39.95 -10.35
N THR H 140 -57.31 38.97 -10.17
CA THR H 140 -57.78 38.59 -8.85
C THR H 140 -56.80 37.64 -8.20
N ASN H 141 -56.43 37.94 -6.95
CA ASN H 141 -55.58 37.07 -6.15
C ASN H 141 -56.43 36.48 -5.03
N VAL H 142 -56.54 35.16 -5.02
CA VAL H 142 -57.34 34.47 -4.00
C VAL H 142 -56.53 34.35 -2.73
N SER H 143 -57.04 34.91 -1.64
CA SER H 143 -56.34 34.90 -0.36
C SER H 143 -56.80 33.72 0.48
N GLN H 144 -55.89 33.22 1.31
CA GLN H 144 -56.21 32.10 2.19
C GLN H 144 -57.25 32.52 3.22
N SER H 145 -57.91 31.53 3.81
CA SER H 145 -58.99 31.79 4.75
C SER H 145 -58.44 32.22 6.11
N LYS H 146 -59.11 33.21 6.72
CA LYS H 146 -58.82 33.62 8.09
C LYS H 146 -59.66 32.84 9.11
N ASP H 147 -60.09 31.63 8.76
CA ASP H 147 -60.89 30.79 9.64
C ASP H 147 -60.29 29.40 9.69
N SER H 148 -60.48 28.74 10.85
CA SER H 148 -59.88 27.43 11.08
C SER H 148 -60.66 26.30 10.40
N ASP H 149 -61.97 26.43 10.24
CA ASP H 149 -62.78 25.33 9.75
C ASP H 149 -63.07 25.40 8.25
N VAL H 150 -62.70 26.49 7.58
CA VAL H 150 -62.83 26.61 6.13
C VAL H 150 -61.45 26.54 5.50
N TYR H 151 -61.31 25.72 4.48
CA TYR H 151 -60.04 25.49 3.80
C TYR H 151 -60.16 26.03 2.38
N ILE H 152 -59.29 26.97 2.03
CA ILE H 152 -59.32 27.63 0.73
C ILE H 152 -57.99 27.38 0.02
N THR H 153 -58.06 27.16 -1.29
CA THR H 153 -56.89 26.90 -2.11
C THR H 153 -56.45 28.17 -2.84
N ASP H 154 -55.33 28.06 -3.53
CA ASP H 154 -54.75 29.16 -4.30
C ASP H 154 -55.18 29.06 -5.76
N LYS H 155 -55.05 30.17 -6.47
CA LYS H 155 -55.48 30.25 -7.86
C LYS H 155 -54.76 29.20 -8.71
N CYS H 156 -55.53 28.34 -9.35
CA CYS H 156 -55.02 27.29 -10.22
C CYS H 156 -55.40 27.62 -11.66
N VAL H 157 -54.42 27.60 -12.55
CA VAL H 157 -54.63 27.96 -13.95
C VAL H 157 -54.83 26.68 -14.75
N LEU H 158 -56.04 26.49 -15.28
CA LEU H 158 -56.38 25.31 -16.05
C LEU H 158 -56.35 25.65 -17.54
N ASP H 159 -55.86 24.71 -18.34
CA ASP H 159 -55.66 24.92 -19.77
C ASP H 159 -56.42 23.84 -20.53
N MET H 160 -57.44 24.24 -21.28
CA MET H 160 -58.18 23.35 -22.16
C MET H 160 -57.75 23.62 -23.59
N ARG H 161 -56.62 23.01 -23.98
CA ARG H 161 -56.08 23.20 -25.33
C ARG H 161 -56.96 22.60 -26.41
N SER H 162 -57.98 21.81 -26.05
CA SER H 162 -58.94 21.34 -27.04
C SER H 162 -59.79 22.48 -27.58
N MET H 163 -60.11 23.46 -26.73
CA MET H 163 -60.91 24.60 -27.11
C MET H 163 -60.10 25.89 -27.15
N ASP H 164 -58.78 25.81 -26.94
CA ASP H 164 -57.92 26.99 -26.79
C ASP H 164 -58.48 27.91 -25.71
N PHE H 165 -58.91 27.32 -24.60
CA PHE H 165 -59.54 28.03 -23.50
C PHE H 165 -58.74 27.80 -22.23
N LYS H 166 -58.47 28.87 -21.49
CA LYS H 166 -57.73 28.81 -20.25
C LYS H 166 -58.54 29.50 -19.16
N SER H 167 -58.56 28.90 -17.97
CA SER H 167 -59.42 29.38 -16.90
C SER H 167 -58.73 29.24 -15.55
N ASN H 168 -58.92 30.24 -14.70
CA ASN H 168 -58.46 30.20 -13.33
C ASN H 168 -59.49 29.48 -12.46
N SER H 169 -59.06 29.09 -11.26
CA SER H 169 -59.95 28.38 -10.36
C SER H 169 -59.42 28.48 -8.93
N ALA H 170 -60.34 28.40 -7.98
CA ALA H 170 -60.00 28.39 -6.56
C ALA H 170 -61.09 27.63 -5.83
N VAL H 171 -60.70 26.62 -5.05
CA VAL H 171 -61.61 25.70 -4.39
C VAL H 171 -61.60 25.96 -2.89
N ALA H 172 -62.79 25.89 -2.28
CA ALA H 172 -62.94 26.11 -0.84
C ALA H 172 -63.99 25.17 -0.30
N TRP H 173 -63.69 24.54 0.83
CA TRP H 173 -64.61 23.63 1.50
C TRP H 173 -64.47 23.79 3.01
N SER H 174 -65.31 23.05 3.75
CA SER H 174 -65.32 23.12 5.20
C SER H 174 -65.76 21.77 5.73
N ASN H 175 -65.43 21.53 7.00
CA ASN H 175 -65.72 20.23 7.61
C ASN H 175 -67.16 20.13 8.08
N LYS H 176 -67.69 21.18 8.70
CA LYS H 176 -69.06 21.13 9.20
C LYS H 176 -70.06 21.36 8.09
N SER H 177 -71.27 20.83 8.29
CA SER H 177 -72.30 20.87 7.25
C SER H 177 -72.87 22.27 7.03
N ASP H 178 -72.71 23.18 7.99
CA ASP H 178 -73.29 24.52 7.88
C ASP H 178 -72.45 25.47 7.02
N PHE H 179 -71.89 24.99 5.91
CA PHE H 179 -71.07 25.81 5.02
C PHE H 179 -71.60 25.62 3.59
N ALA H 180 -72.70 26.30 3.28
CA ALA H 180 -73.25 26.39 1.93
C ALA H 180 -72.97 27.74 1.30
N CYS H 181 -71.88 28.38 1.70
CA CYS H 181 -71.75 29.82 1.66
C CYS H 181 -71.29 30.35 0.30
N ALA H 182 -71.97 31.41 -0.13
CA ALA H 182 -71.42 32.36 -1.09
C ALA H 182 -70.40 33.29 -0.44
N ASN H 183 -70.37 33.32 0.88
CA ASN H 183 -69.41 34.07 1.68
C ASN H 183 -68.05 33.38 1.77
N ALA H 184 -67.87 32.24 1.10
CA ALA H 184 -66.61 31.52 1.16
C ALA H 184 -65.45 32.41 0.74
N PHE H 185 -65.49 32.91 -0.50
CA PHE H 185 -64.43 33.79 -0.99
C PHE H 185 -64.74 35.25 -0.71
N ASN H 186 -65.24 35.55 0.49
CA ASN H 186 -65.55 36.92 0.87
C ASN H 186 -64.29 37.72 1.20
N ASN H 187 -63.24 37.03 1.64
CA ASN H 187 -61.98 37.65 2.02
C ASN H 187 -61.13 38.05 0.82
N SER H 188 -61.61 37.80 -0.39
CA SER H 188 -60.88 38.10 -1.61
C SER H 188 -61.51 39.31 -2.29
N ILE H 189 -60.75 39.89 -3.22
CA ILE H 189 -61.26 41.03 -4.00
C ILE H 189 -61.92 40.42 -5.24
N ILE H 190 -63.11 39.87 -5.03
CA ILE H 190 -63.86 39.19 -6.07
C ILE H 190 -64.50 40.24 -6.96
N PRO H 191 -64.68 39.97 -8.26
CA PRO H 191 -65.25 40.98 -9.16
C PRO H 191 -66.68 41.33 -8.80
N GLU H 192 -67.19 42.35 -9.50
CA GLU H 192 -68.53 42.86 -9.27
C GLU H 192 -69.57 41.99 -9.96
N ASP H 193 -69.27 41.53 -11.17
CA ASP H 193 -70.18 40.72 -11.97
C ASP H 193 -70.11 39.24 -11.62
N THR H 194 -69.50 38.88 -10.49
CA THR H 194 -69.40 37.48 -10.11
C THR H 194 -70.78 36.86 -9.96
N PHE H 195 -70.98 35.73 -10.62
CA PHE H 195 -72.27 35.05 -10.64
C PHE H 195 -72.39 34.09 -9.48
N PHE H 196 -73.45 34.25 -8.69
CA PHE H 196 -73.72 33.41 -7.51
C PHE H 196 -75.05 32.69 -7.69
N PRO H 197 -75.05 31.45 -8.17
CA PRO H 197 -76.32 30.73 -8.32
C PRO H 197 -76.86 30.26 -6.98
N SER H 198 -78.18 30.18 -6.91
CA SER H 198 -78.84 29.78 -5.67
C SER H 198 -78.54 28.33 -5.31
N PRO H 199 -78.55 27.98 -4.03
CA PRO H 199 -78.37 26.60 -3.57
C PRO H 199 -79.50 25.69 -4.05
N GLY I 3 32.17 -5.90 18.82
CA GLY I 3 31.03 -6.74 19.13
C GLY I 3 29.85 -5.97 19.69
N ILE I 4 28.80 -6.70 20.09
CA ILE I 4 27.64 -6.07 20.68
C ILE I 4 28.00 -5.48 22.03
N THR I 5 27.51 -4.27 22.30
CA THR I 5 27.76 -3.57 23.55
C THR I 5 26.44 -3.19 24.20
N GLN I 6 26.29 -3.53 25.49
CA GLN I 6 25.11 -3.17 26.26
C GLN I 6 25.48 -2.13 27.31
N SER I 7 24.58 -1.20 27.57
CA SER I 7 24.77 -0.17 28.59
C SER I 7 23.46 0.07 29.30
N PRO I 8 23.48 0.27 30.62
CA PRO I 8 24.69 0.16 31.45
C PRO I 8 24.94 -1.28 31.91
N LYS I 9 26.18 -1.60 32.28
CA LYS I 9 26.50 -2.96 32.71
C LYS I 9 25.76 -3.31 33.98
N TYR I 10 25.64 -2.37 34.91
CA TYR I 10 24.86 -2.54 36.13
C TYR I 10 23.87 -1.39 36.22
N LEU I 11 22.63 -1.72 36.57
CA LEU I 11 21.55 -0.74 36.49
C LEU I 11 20.56 -0.93 37.63
N PHE I 12 19.98 0.18 38.07
CA PHE I 12 18.95 0.17 39.11
C PHE I 12 17.96 1.28 38.80
N ARG I 13 16.67 0.98 38.97
CA ARG I 13 15.64 1.98 38.78
C ARG I 13 14.54 1.77 39.81
N LYS I 14 13.94 2.87 40.24
CA LYS I 14 12.90 2.83 41.25
C LYS I 14 11.61 2.27 40.69
N GLU I 15 10.76 1.77 41.59
CA GLU I 15 9.47 1.22 41.19
C GLU I 15 8.60 2.31 40.57
N GLY I 16 7.86 1.94 39.53
CA GLY I 16 7.04 2.88 38.80
C GLY I 16 7.78 3.69 37.75
N GLN I 17 9.10 3.62 37.71
CA GLN I 17 9.91 4.34 36.74
C GLN I 17 10.33 3.40 35.63
N ASN I 18 10.04 3.77 34.39
CA ASN I 18 10.47 2.99 33.24
C ASN I 18 11.98 3.13 33.06
N VAL I 19 12.54 2.24 32.26
CA VAL I 19 13.98 2.23 32.04
C VAL I 19 14.25 1.55 30.69
N THR I 20 15.19 2.11 29.94
CA THR I 20 15.55 1.62 28.63
C THR I 20 17.02 1.22 28.62
N LEU I 21 17.29 0.01 28.13
CA LEU I 21 18.64 -0.52 28.02
C LEU I 21 19.07 -0.49 26.56
N SER I 22 20.22 0.10 26.29
CA SER I 22 20.69 0.24 24.91
C SER I 22 21.49 -0.99 24.52
N CYS I 23 21.54 -1.25 23.21
CA CYS I 23 22.29 -2.38 22.67
C CYS I 23 22.67 -2.06 21.23
N GLU I 24 23.94 -1.70 21.03
CA GLU I 24 24.47 -1.43 19.71
C GLU I 24 25.47 -2.52 19.33
N GLN I 25 25.68 -2.66 18.02
CA GLN I 25 26.60 -3.66 17.48
C GLN I 25 27.44 -3.02 16.39
N ASN I 26 28.75 -3.26 16.44
CA ASN I 26 29.69 -2.65 15.52
C ASN I 26 30.20 -3.60 14.44
N LEU I 27 29.82 -4.87 14.48
CA LEU I 27 30.25 -5.83 13.47
C LEU I 27 29.24 -5.99 12.34
N ASN I 28 28.15 -5.20 12.34
CA ASN I 28 27.12 -5.26 11.31
C ASN I 28 26.51 -6.66 11.20
N HIS I 29 25.88 -7.09 12.29
CA HIS I 29 25.22 -8.39 12.31
C HIS I 29 23.90 -8.32 11.54
N ASP I 30 23.28 -9.50 11.35
CA ASP I 30 22.06 -9.60 10.57
C ASP I 30 20.82 -9.36 11.43
N ALA I 31 20.76 -9.98 12.61
CA ALA I 31 19.62 -9.83 13.50
C ALA I 31 20.10 -9.55 14.92
N MET I 32 19.17 -9.09 15.75
CA MET I 32 19.44 -8.76 17.15
C MET I 32 18.34 -9.34 18.02
N TYR I 33 18.73 -9.84 19.19
CA TYR I 33 17.81 -10.53 20.10
C TYR I 33 17.93 -9.94 21.49
N TRP I 34 16.86 -10.12 22.28
CA TRP I 34 16.82 -9.71 23.67
C TRP I 34 16.33 -10.88 24.51
N TYR I 35 17.23 -11.47 25.29
CA TYR I 35 16.89 -12.55 26.20
C TYR I 35 16.85 -12.03 27.63
N ARG I 36 16.42 -12.90 28.54
CA ARG I 36 16.36 -12.56 29.96
C ARG I 36 16.72 -13.80 30.76
N GLN I 37 17.39 -13.58 31.89
CA GLN I 37 17.90 -14.66 32.72
C GLN I 37 17.52 -14.41 34.17
N ASP I 38 16.93 -15.42 34.81
CA ASP I 38 16.63 -15.43 36.23
C ASP I 38 17.26 -16.67 36.85
N PRO I 39 17.89 -16.54 38.01
CA PRO I 39 18.58 -17.68 38.61
C PRO I 39 17.63 -18.86 38.83
N GLY I 40 18.09 -20.05 38.45
CA GLY I 40 17.30 -21.25 38.51
C GLY I 40 16.74 -21.70 37.17
N GLN I 41 16.69 -20.82 36.19
CA GLN I 41 16.19 -21.15 34.86
C GLN I 41 17.11 -20.55 33.81
N GLY I 42 16.85 -20.90 32.55
CA GLY I 42 17.67 -20.50 31.44
C GLY I 42 17.31 -19.15 30.86
N LEU I 43 17.67 -18.97 29.59
CA LEU I 43 17.41 -17.73 28.87
C LEU I 43 16.07 -17.79 28.16
N ARG I 44 15.24 -16.77 28.37
CA ARG I 44 13.93 -16.69 27.75
C ARG I 44 13.89 -15.46 26.85
N LEU I 45 13.42 -15.64 25.63
CA LEU I 45 13.42 -14.58 24.64
C LEU I 45 12.37 -13.52 24.97
N ILE I 46 12.73 -12.25 24.72
CA ILE I 46 11.83 -11.11 24.94
C ILE I 46 11.38 -10.50 23.62
N TYR I 47 12.32 -9.98 22.84
CA TYR I 47 12.02 -9.42 21.53
C TYR I 47 13.19 -9.70 20.59
N TYR I 48 12.90 -9.73 19.29
CA TYR I 48 13.96 -9.91 18.31
C TYR I 48 13.50 -9.33 16.98
N SER I 49 14.46 -8.83 16.20
CA SER I 49 14.19 -8.16 14.94
C SER I 49 15.14 -8.70 13.88
N GLN I 50 14.57 -9.26 12.81
CA GLN I 50 15.37 -9.75 11.70
C GLN I 50 15.85 -8.61 10.81
N ILE I 51 15.02 -7.57 10.63
CA ILE I 51 15.35 -6.43 9.78
C ILE I 51 14.96 -5.15 10.50
N VAL I 52 15.54 -4.04 10.03
CA VAL I 52 15.25 -2.74 10.62
C VAL I 52 13.78 -2.39 10.41
N ASN I 53 13.23 -1.59 11.32
CA ASN I 53 11.84 -1.14 11.39
C ASN I 53 10.87 -2.26 11.76
N ASP I 54 11.37 -3.46 12.05
CA ASP I 54 10.55 -4.58 12.46
C ASP I 54 10.99 -5.05 13.84
N PHE I 55 10.10 -5.79 14.51
CA PHE I 55 10.40 -6.41 15.80
C PHE I 55 9.28 -7.37 16.13
N GLN I 56 9.64 -8.54 16.63
CA GLN I 56 8.67 -9.57 16.96
C GLN I 56 8.67 -9.86 18.45
N LYS I 57 7.51 -10.22 18.97
CA LYS I 57 7.36 -10.47 20.39
C LYS I 57 8.04 -11.78 20.78
N GLY I 58 8.22 -11.97 22.08
CA GLY I 58 8.81 -13.19 22.58
C GLY I 58 7.96 -13.90 23.62
N ASP I 59 8.56 -14.86 24.33
CA ASP I 59 7.83 -15.64 25.31
C ASP I 59 7.49 -14.84 26.56
N ILE I 60 8.18 -13.74 26.81
CA ILE I 60 7.91 -12.91 27.98
C ILE I 60 7.91 -11.44 27.57
N ALA I 61 7.21 -11.13 26.47
CA ALA I 61 7.17 -9.76 25.98
C ALA I 61 6.23 -8.86 26.78
N GLU I 62 5.36 -9.44 27.60
CA GLU I 62 4.44 -8.65 28.41
C GLU I 62 5.22 -7.77 29.40
N GLY I 63 4.97 -6.47 29.34
CA GLY I 63 5.68 -5.54 30.19
C GLY I 63 6.94 -4.94 29.60
N TYR I 64 7.23 -5.23 28.32
CA TYR I 64 8.41 -4.71 27.66
C TYR I 64 8.01 -4.12 26.32
N SER I 65 8.87 -3.22 25.82
CA SER I 65 8.66 -2.58 24.53
C SER I 65 10.02 -2.32 23.89
N VAL I 66 10.11 -2.56 22.59
CA VAL I 66 11.34 -2.34 21.83
C VAL I 66 11.02 -1.47 20.62
N SER I 67 12.07 -1.13 19.87
CA SER I 67 11.93 -0.34 18.64
C SER I 67 13.23 -0.46 17.86
N ARG I 68 13.14 -0.97 16.64
CA ARG I 68 14.30 -1.14 15.77
C ARG I 68 14.24 -0.10 14.66
N GLU I 69 14.46 1.16 15.04
CA GLU I 69 14.51 2.23 14.05
C GLU I 69 15.86 2.33 13.36
N LYS I 70 16.85 1.55 13.81
CA LYS I 70 18.16 1.53 13.19
C LYS I 70 18.72 0.13 13.30
N LYS I 71 19.47 -0.29 12.27
CA LYS I 71 20.01 -1.64 12.24
C LYS I 71 21.05 -1.89 13.32
N GLU I 72 21.69 -0.83 13.82
CA GLU I 72 22.77 -0.94 14.81
C GLU I 72 22.33 -0.46 16.19
N SER I 73 21.08 -0.77 16.56
CA SER I 73 20.53 -0.40 17.86
C SER I 73 19.23 -1.14 18.06
N PHE I 74 18.99 -1.59 19.29
CA PHE I 74 17.76 -2.32 19.64
C PHE I 74 17.45 -2.11 21.11
N PRO I 75 16.90 -0.93 21.46
CA PRO I 75 16.67 -0.63 22.87
C PRO I 75 15.52 -1.45 23.45
N LEU I 76 15.74 -1.96 24.66
CA LEU I 76 14.71 -2.66 25.42
C LEU I 76 14.25 -1.76 26.57
N THR I 77 12.93 -1.58 26.68
CA THR I 77 12.34 -0.74 27.71
C THR I 77 11.60 -1.61 28.72
N VAL I 78 12.14 -1.71 29.93
CA VAL I 78 11.46 -2.38 31.04
C VAL I 78 10.45 -1.38 31.58
N THR I 79 9.17 -1.56 31.25
CA THR I 79 8.16 -0.58 31.64
C THR I 79 7.80 -0.73 33.11
N SER I 80 6.69 -0.13 33.52
CA SER I 80 6.28 -0.12 34.92
C SER I 80 5.49 -1.35 35.33
N ALA I 81 5.43 -2.38 34.47
CA ALA I 81 4.88 -3.67 34.89
C ALA I 81 5.85 -4.30 35.88
N GLN I 82 5.52 -4.21 37.18
CA GLN I 82 6.48 -4.57 38.21
C GLN I 82 6.68 -6.07 38.32
N LYS I 83 5.83 -6.90 37.72
CA LYS I 83 5.98 -8.35 37.86
C LYS I 83 7.17 -8.92 37.12
N ASN I 84 8.05 -8.05 36.62
CA ASN I 84 9.30 -8.42 35.96
C ASN I 84 10.40 -7.80 36.81
N PRO I 85 10.76 -8.45 37.92
CA PRO I 85 11.76 -7.86 38.83
C PRO I 85 13.19 -7.83 38.32
N THR I 86 14.12 -8.05 39.26
CA THR I 86 15.53 -8.11 38.94
C THR I 86 15.85 -9.33 38.10
N ALA I 87 16.57 -9.10 37.01
CA ALA I 87 16.89 -10.16 36.05
C ALA I 87 18.08 -9.73 35.20
N PHE I 88 18.81 -10.72 34.70
CA PHE I 88 19.95 -10.48 33.82
C PHE I 88 19.41 -10.35 32.40
N TYR I 89 19.49 -9.14 31.86
CA TYR I 89 18.99 -8.86 30.51
C TYR I 89 20.17 -8.90 29.54
N LEU I 90 20.11 -9.83 28.60
CA LEU I 90 21.20 -10.05 27.65
C LEU I 90 20.75 -9.67 26.25
N CYS I 91 21.67 -9.11 25.48
CA CYS I 91 21.43 -8.75 24.09
C CYS I 91 22.38 -9.55 23.21
N ALA I 92 21.86 -10.05 22.10
CA ALA I 92 22.63 -10.91 21.21
C ALA I 92 22.54 -10.41 19.77
N GLY I 93 23.52 -10.82 18.98
CA GLY I 93 23.53 -10.51 17.55
C GLY I 93 23.81 -11.77 16.77
N GLN I 94 22.93 -12.10 15.82
CA GLN I 94 22.98 -13.38 15.13
C GLN I 94 23.52 -13.21 13.72
N VAL I 95 24.21 -14.25 13.26
CA VAL I 95 24.63 -14.40 11.86
C VAL I 95 23.72 -15.48 11.28
N THR I 96 22.68 -15.05 10.54
CA THR I 96 21.63 -15.96 10.10
C THR I 96 22.18 -17.13 9.30
N ASN I 97 23.31 -16.97 8.62
CA ASN I 97 23.90 -18.08 7.89
C ASN I 97 24.41 -19.16 8.84
N THR I 98 24.95 -18.73 9.99
CA THR I 98 25.49 -19.66 10.98
C THR I 98 24.55 -19.91 12.14
N GLY I 99 23.77 -18.90 12.55
CA GLY I 99 22.94 -19.01 13.72
C GLY I 99 23.62 -18.57 15.00
N GLU I 100 24.93 -18.31 14.96
CA GLU I 100 25.68 -17.98 16.15
C GLU I 100 25.18 -16.66 16.76
N LEU I 101 25.07 -16.66 18.09
CA LEU I 101 24.69 -15.46 18.85
C LEU I 101 25.90 -14.93 19.59
N PHE I 102 26.17 -13.64 19.40
CA PHE I 102 27.27 -12.96 20.08
C PHE I 102 26.67 -11.97 21.07
N PHE I 103 26.94 -12.17 22.35
CA PHE I 103 26.30 -11.43 23.43
C PHE I 103 27.17 -10.27 23.90
N GLY I 104 26.50 -9.26 24.47
CA GLY I 104 27.19 -8.22 25.19
C GLY I 104 27.44 -8.61 26.64
N GLU I 105 28.16 -7.74 27.35
CA GLU I 105 28.52 -8.03 28.73
C GLU I 105 27.32 -8.14 29.67
N GLY I 106 26.12 -7.81 29.21
CA GLY I 106 24.94 -8.01 30.03
C GLY I 106 24.67 -6.83 30.95
N SER I 107 23.40 -6.64 31.26
CA SER I 107 22.94 -5.55 32.13
C SER I 107 22.14 -6.15 33.27
N ARG I 108 22.58 -5.89 34.50
CA ARG I 108 21.89 -6.37 35.70
C ARG I 108 21.03 -5.23 36.23
N LEU I 109 19.72 -5.45 36.23
CA LEU I 109 18.74 -4.44 36.67
C LEU I 109 18.17 -4.86 38.01
N THR I 110 18.18 -3.93 38.97
CA THR I 110 17.65 -4.17 40.31
C THR I 110 16.56 -3.16 40.62
N VAL I 111 15.47 -3.63 41.22
CA VAL I 111 14.34 -2.79 41.58
C VAL I 111 14.38 -2.55 43.09
N LEU I 112 14.22 -1.28 43.47
CA LEU I 112 14.15 -0.90 44.87
C LEU I 112 12.92 -0.03 45.10
N GLU I 113 12.43 -0.03 46.34
CA GLU I 113 11.33 0.84 46.72
C GLU I 113 11.79 2.12 47.39
N ASP I 114 12.93 2.09 48.09
CA ASP I 114 13.42 3.24 48.84
C ASP I 114 14.84 3.54 48.41
N LEU I 115 15.10 4.79 48.03
CA LEU I 115 16.45 5.21 47.69
C LEU I 115 17.37 5.21 48.90
N ASN I 116 16.80 5.22 50.12
CA ASN I 116 17.59 5.18 51.34
C ASN I 116 18.09 3.79 51.68
N LYS I 117 18.12 2.88 50.71
CA LYS I 117 18.61 1.52 50.91
C LYS I 117 19.80 1.20 50.02
N VAL I 118 20.50 2.23 49.52
CA VAL I 118 21.68 2.06 48.69
C VAL I 118 22.90 2.47 49.52
N PHE I 119 23.91 1.60 49.55
CA PHE I 119 25.10 1.84 50.35
C PHE I 119 26.34 1.48 49.55
N PRO I 120 27.41 2.27 49.66
CA PRO I 120 28.68 1.91 49.03
C PRO I 120 29.40 0.85 49.85
N PRO I 121 30.34 0.13 49.24
CA PRO I 121 31.06 -0.90 49.99
C PRO I 121 32.14 -0.31 50.88
N GLU I 122 32.36 -0.98 52.01
CA GLU I 122 33.43 -0.63 52.95
C GLU I 122 34.59 -1.56 52.64
N VAL I 123 35.60 -1.04 51.96
CA VAL I 123 36.71 -1.84 51.46
C VAL I 123 37.85 -1.80 52.46
N ALA I 124 38.48 -2.96 52.69
CA ALA I 124 39.62 -3.05 53.58
C ALA I 124 40.49 -4.22 53.15
N VAL I 125 41.78 -3.95 52.94
CA VAL I 125 42.73 -4.98 52.54
C VAL I 125 43.38 -5.55 53.78
N PHE I 126 43.18 -6.84 54.01
CA PHE I 126 43.77 -7.52 55.17
C PHE I 126 45.10 -8.12 54.77
N GLU I 127 46.14 -7.82 55.55
CA GLU I 127 47.52 -8.18 55.26
C GLU I 127 47.81 -9.62 55.67
N PRO I 128 48.72 -10.29 54.97
CA PRO I 128 49.02 -11.69 55.29
C PRO I 128 49.61 -11.83 56.69
N SER I 129 49.42 -13.00 57.27
CA SER I 129 49.91 -13.29 58.61
C SER I 129 51.35 -13.77 58.55
N GLU I 130 52.10 -13.46 59.61
CA GLU I 130 53.48 -13.92 59.72
C GLU I 130 53.56 -15.44 59.79
N ALA I 131 52.49 -16.11 60.23
CA ALA I 131 52.49 -17.56 60.27
C ALA I 131 52.49 -18.17 58.87
N GLU I 132 51.66 -17.61 57.98
CA GLU I 132 51.61 -18.13 56.61
C GLU I 132 52.92 -17.88 55.88
N ILE I 133 53.56 -16.74 56.15
CA ILE I 133 54.83 -16.43 55.48
C ILE I 133 55.91 -17.44 55.87
N SER I 134 55.92 -17.85 57.14
CA SER I 134 56.92 -18.80 57.59
C SER I 134 56.55 -20.24 57.27
N HIS I 135 55.25 -20.54 57.19
CA HIS I 135 54.81 -21.92 56.98
C HIS I 135 54.74 -22.31 55.51
N THR I 136 54.27 -21.42 54.64
CA THR I 136 54.06 -21.75 53.24
C THR I 136 54.95 -20.96 52.28
N GLN I 137 55.73 -20.01 52.78
CA GLN I 137 56.56 -19.14 51.93
C GLN I 137 55.71 -18.40 50.90
N LYS I 138 54.45 -18.14 51.23
CA LYS I 138 53.51 -17.45 50.36
C LYS I 138 52.72 -16.46 51.18
N ALA I 139 52.24 -15.40 50.53
CA ALA I 139 51.47 -14.35 51.18
C ALA I 139 50.15 -14.16 50.47
N THR I 140 49.05 -14.24 51.20
CA THR I 140 47.71 -14.08 50.65
C THR I 140 47.09 -12.81 51.20
N LEU I 141 46.64 -11.93 50.30
CA LEU I 141 45.98 -10.69 50.67
C LEU I 141 44.49 -10.84 50.46
N VAL I 142 43.72 -10.72 51.54
CA VAL I 142 42.27 -10.82 51.50
C VAL I 142 41.68 -9.41 51.49
N CYS I 143 40.81 -9.15 50.52
CA CYS I 143 40.09 -7.89 50.43
C CYS I 143 38.64 -8.12 50.81
N LEU I 144 38.06 -7.16 51.52
CA LEU I 144 36.68 -7.26 51.99
C LEU I 144 35.94 -5.99 51.65
N ALA I 145 34.88 -6.13 50.85
CA ALA I 145 33.93 -5.05 50.58
C ALA I 145 32.60 -5.48 51.20
N THR I 146 32.16 -4.77 52.23
CA THR I 146 31.02 -5.18 53.02
C THR I 146 29.96 -4.07 53.04
N GLY I 147 28.72 -4.49 53.28
CA GLY I 147 27.61 -3.57 53.45
C GLY I 147 27.31 -2.69 52.25
N PHE I 148 27.12 -3.30 51.09
CA PHE I 148 26.79 -2.56 49.88
C PHE I 148 25.53 -3.14 49.25
N TYR I 149 24.67 -2.26 48.75
CA TYR I 149 23.47 -2.63 48.03
C TYR I 149 23.23 -1.56 46.97
N PRO I 150 22.86 -1.96 45.74
CA PRO I 150 22.66 -3.33 45.27
C PRO I 150 23.97 -4.06 45.02
N ASP I 151 23.89 -5.35 44.66
CA ASP I 151 25.09 -6.15 44.42
C ASP I 151 25.68 -5.82 43.05
N HIS I 152 25.99 -4.54 42.87
CA HIS I 152 26.54 -4.02 41.62
C HIS I 152 27.94 -3.50 41.93
N VAL I 153 28.90 -4.43 41.93
CA VAL I 153 30.29 -4.10 42.25
C VAL I 153 31.21 -4.83 41.28
N GLU I 154 32.38 -4.26 41.07
CA GLU I 154 33.42 -4.86 40.23
C GLU I 154 34.73 -4.73 40.98
N LEU I 155 35.31 -5.86 41.38
CA LEU I 155 36.50 -5.90 42.20
C LEU I 155 37.72 -6.24 41.36
N SER I 156 38.84 -5.57 41.67
CA SER I 156 40.10 -5.83 40.97
C SER I 156 41.25 -5.52 41.91
N TRP I 157 42.41 -6.11 41.59
CA TRP I 157 43.63 -5.88 42.34
C TRP I 157 44.60 -5.05 41.50
N TRP I 158 45.42 -4.24 42.19
CA TRP I 158 46.40 -3.39 41.55
C TRP I 158 47.71 -3.49 42.32
N VAL I 159 48.73 -4.03 41.67
CA VAL I 159 50.06 -4.20 42.27
C VAL I 159 51.00 -3.25 41.56
N ASN I 160 51.50 -2.26 42.30
CA ASN I 160 52.44 -1.26 41.77
C ASN I 160 51.86 -0.54 40.56
N GLY I 161 50.61 -0.12 40.68
CA GLY I 161 49.96 0.63 39.63
C GLY I 161 49.61 -0.16 38.38
N LYS I 162 49.53 -1.49 38.50
CA LYS I 162 49.16 -2.32 37.36
C LYS I 162 48.16 -3.36 37.82
N GLU I 163 47.08 -3.52 37.06
CA GLU I 163 46.05 -4.48 37.40
C GLU I 163 46.53 -5.89 37.09
N VAL I 164 46.19 -6.84 37.97
CA VAL I 164 46.63 -8.23 37.83
C VAL I 164 45.40 -9.12 37.72
N HIS I 165 45.62 -10.29 37.12
CA HIS I 165 44.58 -11.30 36.96
C HIS I 165 45.00 -12.66 37.49
N SER I 166 46.27 -13.03 37.35
CA SER I 166 46.77 -14.30 37.83
C SER I 166 47.00 -14.25 39.33
N GLY I 167 46.62 -15.33 40.02
CA GLY I 167 46.77 -15.38 41.45
C GLY I 167 45.69 -14.64 42.21
N VAL I 168 44.50 -14.53 41.63
CA VAL I 168 43.38 -13.80 42.23
C VAL I 168 42.17 -14.71 42.22
N CYS I 169 41.47 -14.78 43.36
CA CYS I 169 40.24 -15.56 43.48
C CYS I 169 39.18 -14.69 44.14
N THR I 170 38.47 -13.93 43.33
CA THR I 170 37.30 -13.21 43.80
C THR I 170 36.11 -14.15 43.85
N ASP I 171 35.24 -13.96 44.85
CA ASP I 171 34.06 -14.80 44.97
C ASP I 171 33.17 -14.62 43.75
N PRO I 172 32.54 -15.69 43.27
CA PRO I 172 31.63 -15.54 42.11
C PRO I 172 30.40 -14.71 42.47
N GLN I 173 29.75 -15.04 43.59
CA GLN I 173 28.59 -14.30 44.04
C GLN I 173 28.93 -13.49 45.29
N PRO I 174 28.32 -12.31 45.46
CA PRO I 174 28.44 -11.59 46.73
C PRO I 174 27.71 -12.34 47.84
N LEU I 175 28.00 -11.95 49.08
CA LEU I 175 27.48 -12.60 50.26
C LEU I 175 26.49 -11.68 50.97
N LYS I 176 25.31 -12.21 51.27
CA LYS I 176 24.28 -11.43 51.95
C LYS I 176 24.58 -11.36 53.44
N GLU I 177 24.66 -10.13 53.97
CA GLU I 177 24.92 -9.96 55.39
C GLU I 177 23.74 -10.45 56.23
N GLN I 178 22.52 -10.21 55.77
CA GLN I 178 21.31 -10.65 56.47
C GLN I 178 20.34 -11.22 55.43
N PRO I 179 20.52 -12.51 55.09
CA PRO I 179 19.72 -13.08 53.99
C PRO I 179 18.22 -13.13 54.26
N ALA I 180 17.78 -12.84 55.49
CA ALA I 180 16.35 -12.90 55.80
C ALA I 180 15.55 -11.88 55.00
N LEU I 181 16.19 -10.78 54.59
CA LEU I 181 15.52 -9.69 53.90
C LEU I 181 15.68 -9.83 52.39
N ASN I 182 14.75 -9.21 51.66
CA ASN I 182 14.87 -9.12 50.22
C ASN I 182 15.86 -8.03 49.81
N ASP I 183 15.83 -6.90 50.51
CA ASP I 183 16.76 -5.80 50.27
C ASP I 183 17.94 -5.89 51.25
N SER I 184 18.67 -7.00 51.17
CA SER I 184 19.76 -7.26 52.08
C SER I 184 21.07 -6.72 51.54
N ARG I 185 21.89 -6.17 52.43
CA ARG I 185 23.19 -5.64 52.05
C ARG I 185 24.16 -6.77 51.77
N TYR I 186 25.02 -6.58 50.78
CA TYR I 186 25.89 -7.63 50.29
C TYR I 186 27.32 -7.44 50.77
N ALA I 187 28.12 -8.50 50.62
CA ALA I 187 29.52 -8.49 50.94
C ALA I 187 30.27 -9.34 49.93
N LEU I 188 31.48 -8.91 49.57
CA LEU I 188 32.28 -9.62 48.58
C LEU I 188 33.73 -9.66 49.05
N SER I 189 34.35 -10.83 48.99
CA SER I 189 35.73 -11.01 49.39
C SER I 189 36.55 -11.53 48.21
N SER I 190 37.76 -11.01 48.07
CA SER I 190 38.70 -11.46 47.07
C SER I 190 40.03 -11.79 47.74
N ARG I 191 40.87 -12.54 47.03
CA ARG I 191 42.15 -12.97 47.56
C ARG I 191 43.23 -12.83 46.50
N LEU I 192 44.41 -12.39 46.92
CA LEU I 192 45.58 -12.25 46.05
C LEU I 192 46.76 -12.91 46.74
N ARG I 193 47.30 -13.96 46.12
CA ARG I 193 48.41 -14.71 46.68
C ARG I 193 49.67 -14.44 45.88
N VAL I 194 50.73 -14.03 46.57
CA VAL I 194 52.02 -13.73 45.96
C VAL I 194 53.12 -14.42 46.77
N SER I 195 54.33 -14.39 46.23
CA SER I 195 55.48 -14.96 46.91
C SER I 195 55.75 -14.21 48.21
N ALA I 196 56.30 -14.93 49.19
CA ALA I 196 56.64 -14.31 50.47
C ALA I 196 57.63 -13.17 50.28
N THR I 197 58.71 -13.43 49.54
CA THR I 197 59.71 -12.39 49.28
C THR I 197 59.11 -11.19 48.55
N PHE I 198 58.01 -11.40 47.82
CA PHE I 198 57.35 -10.28 47.14
C PHE I 198 56.61 -9.39 48.12
N TRP I 199 55.89 -9.99 49.08
CA TRP I 199 55.16 -9.18 50.05
C TRP I 199 56.08 -8.53 51.07
N GLN I 200 57.18 -9.19 51.43
CA GLN I 200 58.08 -8.62 52.44
C GLN I 200 58.89 -7.43 51.92
N ASN I 201 58.61 -6.93 50.72
CA ASN I 201 59.32 -5.79 50.17
C ASN I 201 58.47 -4.55 50.35
N PRO I 202 58.93 -3.53 51.10
CA PRO I 202 58.11 -2.33 51.29
C PRO I 202 57.89 -1.53 50.02
N ARG I 203 58.71 -1.74 48.98
CA ARG I 203 58.59 -0.98 47.74
C ARG I 203 57.33 -1.32 46.96
N ASN I 204 56.63 -2.40 47.32
CA ASN I 204 55.50 -2.87 46.54
C ASN I 204 54.19 -2.31 47.08
N HIS I 205 53.32 -1.87 46.18
CA HIS I 205 52.05 -1.27 46.51
C HIS I 205 50.93 -2.22 46.10
N PHE I 206 50.13 -2.64 47.06
CA PHE I 206 48.98 -3.52 46.82
C PHE I 206 47.70 -2.74 47.06
N ARG I 207 46.81 -2.74 46.07
CA ARG I 207 45.55 -2.03 46.18
C ARG I 207 44.41 -2.89 45.68
N CYS I 208 43.34 -2.98 46.45
CA CYS I 208 42.12 -3.68 46.05
C CYS I 208 41.09 -2.64 45.64
N GLN I 209 40.78 -2.59 44.35
CA GLN I 209 39.86 -1.60 43.79
C GLN I 209 38.47 -2.21 43.67
N VAL I 210 37.46 -1.47 44.10
CA VAL I 210 36.06 -1.90 44.05
C VAL I 210 35.24 -0.79 43.41
N GLN I 211 34.74 -1.05 42.21
CA GLN I 211 33.86 -0.11 41.51
C GLN I 211 32.41 -0.38 41.90
N PHE I 212 31.72 0.66 42.35
CA PHE I 212 30.33 0.55 42.79
C PHE I 212 29.40 1.26 41.81
N TYR I 213 28.30 0.61 41.48
CA TYR I 213 27.27 1.17 40.60
C TYR I 213 26.07 1.56 41.44
N GLY I 214 25.87 2.85 41.65
CA GLY I 214 24.78 3.34 42.46
C GLY I 214 24.06 4.53 41.88
N LEU I 215 23.66 5.46 42.75
CA LEU I 215 22.87 6.62 42.34
C LEU I 215 23.61 7.45 41.30
N SER I 216 22.85 8.31 40.62
CA SER I 216 23.39 9.19 39.60
C SER I 216 22.95 10.63 39.91
N GLU I 217 23.07 11.51 38.92
CA GLU I 217 22.64 12.90 39.09
C GLU I 217 21.13 13.06 38.98
N ASN I 218 20.45 12.11 38.33
CA ASN I 218 19.00 12.16 38.21
C ASN I 218 18.30 11.90 39.54
N ASP I 219 19.00 11.32 40.51
CA ASP I 219 18.39 10.91 41.77
C ASP I 219 18.63 11.97 42.84
N GLU I 220 17.57 12.36 43.53
CA GLU I 220 17.68 13.32 44.62
C GLU I 220 18.00 12.60 45.92
N TRP I 221 18.66 13.32 46.82
CA TRP I 221 19.12 12.76 48.09
C TRP I 221 18.78 13.70 49.22
N THR I 222 18.05 13.20 50.22
CA THR I 222 17.62 13.98 51.37
C THR I 222 17.97 13.28 52.66
N GLN I 223 19.15 12.67 52.73
CA GLN I 223 19.60 11.95 53.91
C GLN I 223 20.88 12.56 54.45
N ASP I 224 21.21 12.21 55.69
CA ASP I 224 22.35 12.80 56.37
C ASP I 224 23.66 12.29 55.78
N ARG I 225 23.79 10.98 55.63
CA ARG I 225 25.01 10.40 55.08
C ARG I 225 25.19 10.81 53.62
N ALA I 226 26.43 10.71 53.15
CA ALA I 226 26.74 11.08 51.78
C ALA I 226 25.98 10.19 50.81
N LYS I 227 25.52 10.79 49.71
CA LYS I 227 24.74 10.04 48.73
C LYS I 227 25.63 9.00 48.04
N PRO I 228 25.22 7.74 48.01
CA PRO I 228 26.04 6.67 47.39
C PRO I 228 26.00 6.70 45.86
N VAL I 229 26.78 7.62 45.30
CA VAL I 229 26.87 7.75 43.84
C VAL I 229 27.77 6.65 43.30
N THR I 230 27.81 6.52 41.98
CA THR I 230 28.75 5.61 41.34
C THR I 230 30.18 6.06 41.63
N GLN I 231 30.93 5.24 42.37
CA GLN I 231 32.26 5.64 42.83
C GLN I 231 33.15 4.41 42.91
N ILE I 232 34.43 4.66 43.12
CA ILE I 232 35.44 3.60 43.27
C ILE I 232 36.01 3.70 44.67
N VAL I 233 35.81 2.64 45.46
CA VAL I 233 36.37 2.54 46.81
C VAL I 233 37.48 1.51 46.78
N SER I 234 38.67 1.90 47.26
CA SER I 234 39.82 1.03 47.24
C SER I 234 40.61 1.17 48.54
N ALA I 235 41.17 0.06 48.99
CA ALA I 235 42.07 0.05 50.14
C ALA I 235 43.44 -0.44 49.69
N GLU I 236 44.46 -0.04 50.43
CA GLU I 236 45.84 -0.28 49.99
C GLU I 236 46.70 -0.70 51.18
N ALA I 237 47.85 -1.29 50.85
CA ALA I 237 48.82 -1.72 51.84
C ALA I 237 50.18 -1.87 51.16
N TRP I 238 51.24 -1.67 51.94
CA TRP I 238 52.60 -1.83 51.46
C TRP I 238 53.26 -3.03 52.13
N GLY I 239 54.44 -3.38 51.64
CA GLY I 239 55.17 -4.50 52.20
C GLY I 239 55.70 -4.22 53.59
N ARG I 240 56.01 -5.30 54.30
CA ARG I 240 56.53 -5.23 55.65
C ARG I 240 57.55 -6.35 55.86
N ALA I 241 58.64 -6.03 56.54
CA ALA I 241 59.67 -7.02 56.83
C ALA I 241 59.66 -7.40 58.30
N GLY J 3 -31.94 9.13 -17.34
CA GLY J 3 -32.92 8.14 -16.93
C GLY J 3 -32.55 7.43 -15.64
N ILE J 4 -31.78 8.10 -14.79
CA ILE J 4 -31.42 7.55 -13.49
C ILE J 4 -32.67 7.41 -12.63
N THR J 5 -32.72 6.37 -11.83
CA THR J 5 -33.88 6.08 -10.99
C THR J 5 -33.47 6.10 -9.52
N GLN J 6 -34.21 6.88 -8.73
CA GLN J 6 -34.02 6.97 -7.29
C GLN J 6 -35.21 6.33 -6.59
N SER J 7 -34.95 5.68 -5.45
CA SER J 7 -36.01 5.02 -4.71
C SER J 7 -35.83 5.20 -3.21
N PRO J 8 -36.94 5.39 -2.47
CA PRO J 8 -38.30 5.57 -3.00
C PRO J 8 -38.62 7.04 -3.30
N LYS J 9 -39.64 7.28 -4.14
CA LYS J 9 -40.00 8.64 -4.51
C LYS J 9 -40.47 9.43 -3.30
N TYR J 10 -41.21 8.80 -2.40
CA TYR J 10 -41.64 9.42 -1.15
C TYR J 10 -41.23 8.55 0.03
N LEU J 11 -40.76 9.19 1.10
CA LEU J 11 -40.17 8.48 2.22
C LEU J 11 -40.54 9.16 3.52
N PHE J 12 -40.66 8.36 4.57
CA PHE J 12 -40.95 8.84 5.91
C PHE J 12 -40.19 7.95 6.90
N ARG J 13 -39.56 8.58 7.89
CA ARG J 13 -38.84 7.82 8.91
C ARG J 13 -38.95 8.55 10.24
N LYS J 14 -38.96 7.76 11.32
CA LYS J 14 -39.08 8.34 12.65
C LYS J 14 -37.76 9.01 13.06
N GLU J 15 -37.85 9.83 14.11
CA GLU J 15 -36.67 10.51 14.63
C GLU J 15 -35.77 9.51 15.35
N GLY J 16 -34.48 9.54 15.03
CA GLY J 16 -33.54 8.60 15.58
C GLY J 16 -33.34 7.33 14.76
N GLN J 17 -34.15 7.13 13.73
CA GLN J 17 -34.06 5.96 12.87
C GLN J 17 -33.32 6.32 11.59
N ASN J 18 -32.28 5.56 11.26
CA ASN J 18 -31.55 5.79 10.04
C ASN J 18 -32.37 5.36 8.83
N VAL J 19 -31.96 5.83 7.66
CA VAL J 19 -32.68 5.56 6.42
C VAL J 19 -31.73 5.72 5.25
N THR J 20 -31.82 4.80 4.29
CA THR J 20 -30.99 4.82 3.10
C THR J 20 -31.87 4.90 1.86
N LEU J 21 -31.59 5.87 1.00
CA LEU J 21 -32.28 6.02 -0.27
C LEU J 21 -31.33 5.64 -1.40
N SER J 22 -31.79 4.75 -2.28
CA SER J 22 -30.94 4.23 -3.36
C SER J 22 -31.01 5.12 -4.59
N CYS J 23 -29.98 5.00 -5.42
CA CYS J 23 -29.88 5.77 -6.66
C CYS J 23 -29.01 5.00 -7.63
N GLU J 24 -29.65 4.35 -8.60
CA GLU J 24 -28.96 3.61 -9.66
C GLU J 24 -29.11 4.34 -10.99
N GLN J 25 -28.20 4.04 -11.91
CA GLN J 25 -28.21 4.67 -13.22
C GLN J 25 -27.96 3.63 -14.31
N ASN J 26 -28.80 3.65 -15.34
CA ASN J 26 -28.71 2.71 -16.45
C ASN J 26 -28.17 3.35 -17.71
N LEU J 27 -27.86 4.64 -17.70
CA LEU J 27 -27.33 5.35 -18.85
C LEU J 27 -25.80 5.36 -18.88
N ASN J 28 -25.16 4.65 -17.96
CA ASN J 28 -23.70 4.59 -17.88
C ASN J 28 -23.10 5.99 -17.74
N HIS J 29 -23.47 6.65 -16.65
CA HIS J 29 -22.96 7.98 -16.37
C HIS J 29 -21.53 7.91 -15.85
N ASP J 30 -20.90 9.08 -15.77
CA ASP J 30 -19.50 9.17 -15.36
C ASP J 30 -19.35 9.31 -13.85
N ALA J 31 -20.13 10.20 -13.25
CA ALA J 31 -20.11 10.48 -11.82
C ALA J 31 -21.53 10.53 -11.29
N MET J 32 -21.66 10.48 -9.97
CA MET J 32 -22.95 10.54 -9.31
C MET J 32 -22.88 11.52 -8.15
N TYR J 33 -23.96 12.28 -7.96
CA TYR J 33 -23.99 13.35 -6.96
C TYR J 33 -25.24 13.19 -6.10
N TRP J 34 -25.17 13.75 -4.89
CA TRP J 34 -26.28 13.75 -3.96
C TRP J 34 -26.51 15.17 -3.46
N TYR J 35 -27.57 15.81 -3.96
CA TYR J 35 -27.96 17.13 -3.50
C TYR J 35 -29.17 17.03 -2.59
N ARG J 36 -29.50 18.16 -1.97
CA ARG J 36 -30.69 18.24 -1.14
C ARG J 36 -31.25 19.65 -1.22
N GLN J 37 -32.57 19.76 -1.06
CA GLN J 37 -33.28 21.02 -1.23
C GLN J 37 -34.16 21.28 -0.01
N ASP J 38 -34.01 22.47 0.57
CA ASP J 38 -34.88 22.94 1.63
C ASP J 38 -35.43 24.31 1.24
N PRO J 39 -36.73 24.54 1.44
CA PRO J 39 -37.33 25.81 1.02
C PRO J 39 -36.63 27.01 1.65
N GLY J 40 -36.37 28.03 0.84
CA GLY J 40 -35.65 29.21 1.25
C GLY J 40 -34.21 29.26 0.78
N GLN J 41 -33.62 28.12 0.43
CA GLN J 41 -32.25 28.06 -0.07
C GLN J 41 -32.21 27.13 -1.26
N GLY J 42 -31.04 27.08 -1.91
CA GLY J 42 -30.86 26.31 -3.12
C GLY J 42 -30.46 24.88 -2.83
N LEU J 43 -29.79 24.26 -3.81
CA LEU J 43 -29.33 22.89 -3.70
C LEU J 43 -27.93 22.86 -3.12
N ARG J 44 -27.74 22.04 -2.09
CA ARG J 44 -26.47 21.94 -1.39
C ARG J 44 -25.91 20.53 -1.55
N LEU J 45 -24.64 20.44 -1.96
CA LEU J 45 -24.02 19.16 -2.24
C LEU J 45 -23.74 18.40 -0.95
N ILE J 46 -23.96 17.08 -0.99
CA ILE J 46 -23.75 16.20 0.16
C ILE J 46 -22.55 15.28 -0.07
N TYR J 47 -22.64 14.40 -1.07
CA TYR J 47 -21.55 13.50 -1.43
C TYR J 47 -21.54 13.32 -2.94
N TYR J 48 -20.37 12.97 -3.47
CA TYR J 48 -20.26 12.71 -4.91
C TYR J 48 -19.05 11.81 -5.17
N SER J 49 -19.17 11.02 -6.23
CA SER J 49 -18.16 10.02 -6.58
C SER J 49 -17.85 10.13 -8.07
N GLN J 50 -16.58 10.45 -8.39
CA GLN J 50 -16.16 10.51 -9.78
C GLN J 50 -15.88 9.13 -10.36
N ILE J 51 -15.37 8.21 -9.54
CA ILE J 51 -15.00 6.86 -10.00
C ILE J 51 -15.49 5.86 -8.96
N VAL J 52 -15.58 4.59 -9.38
CA VAL J 52 -16.01 3.54 -8.49
C VAL J 52 -15.02 3.38 -7.35
N ASN J 53 -15.53 2.95 -6.19
CA ASN J 53 -14.81 2.75 -4.93
C ASN J 53 -14.36 4.06 -4.30
N ASP J 54 -14.71 5.21 -4.88
CA ASP J 54 -14.35 6.51 -4.33
C ASP J 54 -15.62 7.30 -4.00
N PHE J 55 -15.45 8.31 -3.16
CA PHE J 55 -16.52 9.23 -2.79
C PHE J 55 -15.93 10.39 -2.00
N GLN J 56 -16.37 11.61 -2.31
CA GLN J 56 -15.88 12.82 -1.68
C GLN J 56 -17.00 13.55 -0.96
N LYS J 57 -16.64 14.26 0.12
CA LYS J 57 -17.61 14.95 0.95
C LYS J 57 -18.15 16.19 0.23
N GLY J 58 -19.23 16.73 0.79
CA GLY J 58 -19.85 17.94 0.26
C GLY J 58 -19.95 19.04 1.29
N ASP J 59 -20.76 20.06 1.02
CA ASP J 59 -20.88 21.20 1.92
C ASP J 59 -21.61 20.86 3.20
N ILE J 60 -22.40 19.79 3.21
CA ILE J 60 -23.14 19.37 4.40
C ILE J 60 -23.06 17.86 4.53
N ALA J 61 -21.85 17.31 4.40
CA ALA J 61 -21.65 15.87 4.47
C ALA J 61 -21.71 15.33 5.90
N GLU J 62 -21.49 16.19 6.90
CA GLU J 62 -21.57 15.75 8.29
C GLU J 62 -22.98 15.27 8.61
N GLY J 63 -23.10 14.02 9.02
CA GLY J 63 -24.38 13.41 9.32
C GLY J 63 -24.93 12.54 8.22
N TYR J 64 -24.18 12.33 7.14
CA TYR J 64 -24.60 11.48 6.03
C TYR J 64 -23.44 10.55 5.67
N SER J 65 -23.78 9.44 5.02
CA SER J 65 -22.77 8.47 4.61
C SER J 65 -23.20 7.82 3.30
N VAL J 66 -22.24 7.64 2.41
CA VAL J 66 -22.45 7.02 1.11
C VAL J 66 -21.42 5.91 0.93
N SER J 67 -21.54 5.20 -0.19
CA SER J 67 -20.60 4.14 -0.55
C SER J 67 -20.79 3.81 -2.02
N ARG J 68 -19.75 3.97 -2.82
CA ARG J 68 -19.80 3.68 -4.25
C ARG J 68 -19.01 2.40 -4.52
N GLU J 69 -19.56 1.29 -4.06
CA GLU J 69 -18.94 -0.01 -4.31
C GLU J 69 -19.24 -0.56 -5.70
N LYS J 70 -20.14 0.07 -6.43
CA LYS J 70 -20.49 -0.35 -7.78
C LYS J 70 -20.81 0.88 -8.61
N LYS J 71 -20.47 0.82 -9.90
CA LYS J 71 -20.68 1.97 -10.77
C LYS J 71 -22.15 2.30 -10.97
N GLU J 72 -23.05 1.33 -10.77
CA GLU J 72 -24.47 1.50 -11.00
C GLU J 72 -25.25 1.58 -9.69
N SER J 73 -24.68 2.23 -8.68
CA SER J 73 -25.35 2.41 -7.40
C SER J 73 -24.56 3.40 -6.56
N PHE J 74 -25.28 4.27 -5.84
CA PHE J 74 -24.67 5.25 -4.95
C PHE J 74 -25.65 5.57 -3.84
N PRO J 75 -25.81 4.64 -2.88
CA PRO J 75 -26.79 4.85 -1.82
C PRO J 75 -26.36 5.92 -0.83
N LEU J 76 -27.30 6.78 -0.45
CA LEU J 76 -27.09 7.78 0.57
C LEU J 76 -27.85 7.37 1.82
N THR J 77 -27.16 7.38 2.97
CA THR J 77 -27.75 6.98 4.24
C THR J 77 -27.95 8.23 5.08
N VAL J 78 -29.21 8.62 5.26
CA VAL J 78 -29.57 9.73 6.15
C VAL J 78 -29.57 9.18 7.58
N THR J 79 -28.52 9.48 8.33
CA THR J 79 -28.35 8.99 9.69
C THR J 79 -29.23 9.79 10.65
N SER J 80 -28.89 9.78 11.93
CA SER J 80 -29.66 10.46 12.96
C SER J 80 -29.35 11.95 13.03
N ALA J 81 -28.76 12.51 11.98
CA ALA J 81 -28.57 13.96 11.88
C ALA J 81 -29.93 14.64 11.85
N GLN J 82 -30.30 15.28 12.96
CA GLN J 82 -31.66 15.75 13.21
C GLN J 82 -32.09 16.88 12.28
N LYS J 83 -31.17 17.46 11.52
CA LYS J 83 -31.48 18.58 10.64
C LYS J 83 -32.31 18.18 9.41
N ASN J 84 -32.94 16.99 9.46
CA ASN J 84 -33.73 16.49 8.35
C ASN J 84 -35.21 16.34 8.70
N PRO J 85 -35.99 17.43 8.71
CA PRO J 85 -37.44 17.29 8.84
C PRO J 85 -37.98 16.90 7.49
N THR J 86 -39.01 17.59 6.99
CA THR J 86 -39.36 17.39 5.60
C THR J 86 -38.27 18.02 4.74
N ALA J 87 -37.75 17.24 3.79
CA ALA J 87 -36.64 17.74 2.98
C ALA J 87 -36.56 16.95 1.70
N PHE J 88 -36.15 17.64 0.64
CA PHE J 88 -35.99 17.04 -0.68
C PHE J 88 -34.55 16.57 -0.88
N TYR J 89 -34.35 15.26 -0.95
CA TYR J 89 -33.04 14.69 -1.24
C TYR J 89 -33.00 14.27 -2.70
N LEU J 90 -32.09 14.87 -3.47
CA LEU J 90 -31.99 14.67 -4.90
C LEU J 90 -30.69 13.94 -5.26
N CYS J 91 -30.78 13.10 -6.29
CA CYS J 91 -29.63 12.39 -6.82
C CYS J 91 -29.41 12.82 -8.26
N ALA J 92 -28.15 13.05 -8.62
CA ALA J 92 -27.80 13.54 -9.94
C ALA J 92 -26.72 12.67 -10.56
N GLY J 93 -26.65 12.71 -11.89
CA GLY J 93 -25.62 12.02 -12.64
C GLY J 93 -25.00 12.92 -13.69
N GLN J 94 -23.69 13.05 -13.68
CA GLN J 94 -23.00 14.02 -14.52
C GLN J 94 -22.31 13.34 -15.69
N VAL J 95 -22.26 14.05 -16.81
CA VAL J 95 -21.48 13.67 -17.98
C VAL J 95 -20.29 14.63 -18.02
N THR J 96 -19.13 14.14 -17.55
CA THR J 96 -17.98 15.03 -17.34
C THR J 96 -17.57 15.76 -18.61
N ASN J 97 -17.82 15.18 -19.78
CA ASN J 97 -17.48 15.87 -21.03
C ASN J 97 -18.39 17.07 -21.26
N THR J 98 -19.66 16.95 -20.88
CA THR J 98 -20.63 18.03 -21.07
C THR J 98 -20.88 18.82 -19.79
N GLY J 99 -20.80 18.18 -18.64
CA GLY J 99 -21.12 18.82 -17.38
C GLY J 99 -22.57 18.73 -16.99
N GLU J 100 -23.43 18.25 -17.89
CA GLU J 100 -24.86 18.22 -17.63
C GLU J 100 -25.16 17.29 -16.46
N LEU J 101 -26.06 17.74 -15.59
CA LEU J 101 -26.49 16.96 -14.44
C LEU J 101 -27.89 16.40 -14.73
N PHE J 102 -28.03 15.09 -14.61
CA PHE J 102 -29.31 14.42 -14.81
C PHE J 102 -29.81 13.89 -13.49
N PHE J 103 -30.96 14.37 -13.06
CA PHE J 103 -31.52 14.09 -11.75
C PHE J 103 -32.56 12.99 -11.83
N GLY J 104 -32.77 12.32 -10.71
CA GLY J 104 -33.90 11.42 -10.57
C GLY J 104 -35.14 12.19 -10.14
N GLU J 105 -36.26 11.47 -10.09
CA GLU J 105 -37.52 12.12 -9.73
C GLU J 105 -37.53 12.67 -8.32
N GLY J 106 -36.49 12.41 -7.53
CA GLY J 106 -36.36 12.99 -6.20
C GLY J 106 -37.07 12.16 -5.15
N SER J 107 -36.52 12.23 -3.93
CA SER J 107 -37.06 11.50 -2.78
C SER J 107 -37.34 12.49 -1.67
N ARG J 108 -38.59 12.53 -1.21
CA ARG J 108 -39.01 13.42 -0.15
C ARG J 108 -39.02 12.67 1.17
N LEU J 109 -38.19 13.12 2.12
CA LEU J 109 -38.06 12.50 3.43
C LEU J 109 -38.70 13.39 4.49
N THR J 110 -39.62 12.84 5.26
CA THR J 110 -40.29 13.54 6.35
C THR J 110 -40.16 12.72 7.62
N VAL J 111 -39.94 13.39 8.75
CA VAL J 111 -39.79 12.74 10.05
C VAL J 111 -41.08 12.90 10.84
N LEU J 112 -41.48 11.84 11.52
CA LEU J 112 -42.67 11.83 12.35
C LEU J 112 -42.31 11.39 13.76
N GLU J 113 -42.76 12.16 14.75
CA GLU J 113 -42.48 11.83 16.15
C GLU J 113 -43.35 10.68 16.64
N ASP J 114 -44.62 10.66 16.25
CA ASP J 114 -45.58 9.65 16.69
C ASP J 114 -46.04 8.86 15.47
N LEU J 115 -45.93 7.53 15.56
CA LEU J 115 -46.41 6.69 14.46
C LEU J 115 -47.91 6.78 14.31
N ASN J 116 -48.63 7.24 15.33
CA ASN J 116 -50.07 7.45 15.30
C ASN J 116 -50.46 8.76 14.64
N LYS J 117 -49.57 9.36 13.83
CA LYS J 117 -49.86 10.62 13.17
C LYS J 117 -49.83 10.48 11.65
N VAL J 118 -50.00 9.26 11.14
CA VAL J 118 -50.07 8.99 9.71
C VAL J 118 -51.51 8.61 9.37
N PHE J 119 -52.06 9.27 8.34
CA PHE J 119 -53.44 9.05 7.93
C PHE J 119 -53.51 8.95 6.41
N PRO J 120 -54.37 8.07 5.88
CA PRO J 120 -54.57 8.01 4.44
C PRO J 120 -55.49 9.13 3.99
N PRO J 121 -55.46 9.49 2.70
CA PRO J 121 -56.34 10.55 2.22
C PRO J 121 -57.76 10.06 1.98
N GLU J 122 -58.71 10.97 2.23
CA GLU J 122 -60.12 10.73 1.97
C GLU J 122 -60.48 11.39 0.63
N VAL J 123 -60.62 10.57 -0.41
CA VAL J 123 -60.83 11.05 -1.76
C VAL J 123 -62.31 11.08 -2.07
N ALA J 124 -62.75 12.15 -2.74
CA ALA J 124 -64.14 12.32 -3.14
C ALA J 124 -64.20 13.17 -4.39
N VAL J 125 -64.88 12.68 -5.42
CA VAL J 125 -65.04 13.40 -6.68
C VAL J 125 -66.33 14.20 -6.63
N PHE J 126 -66.21 15.53 -6.72
CA PHE J 126 -67.37 16.41 -6.71
C PHE J 126 -67.81 16.68 -8.15
N GLU J 127 -69.09 16.48 -8.41
CA GLU J 127 -69.63 16.58 -9.76
C GLU J 127 -69.97 18.03 -10.10
N PRO J 128 -69.85 18.42 -11.37
CA PRO J 128 -70.13 19.81 -11.74
C PRO J 128 -71.58 20.18 -11.51
N SER J 129 -71.82 21.47 -11.27
CA SER J 129 -73.15 21.99 -11.03
C SER J 129 -73.85 22.31 -12.34
N GLU J 130 -75.19 22.26 -12.31
CA GLU J 130 -75.96 22.57 -13.51
C GLU J 130 -75.82 24.05 -13.89
N ALA J 131 -75.61 24.92 -12.90
CA ALA J 131 -75.45 26.34 -13.19
C ALA J 131 -74.27 26.60 -14.10
N GLU J 132 -73.14 25.93 -13.84
CA GLU J 132 -71.97 26.10 -14.68
C GLU J 132 -72.20 25.54 -16.08
N ILE J 133 -72.96 24.45 -16.18
CA ILE J 133 -73.23 23.84 -17.48
C ILE J 133 -74.06 24.77 -18.35
N SER J 134 -75.02 25.47 -17.76
CA SER J 134 -75.88 26.36 -18.53
C SER J 134 -75.23 27.71 -18.80
N HIS J 135 -74.33 28.16 -17.91
CA HIS J 135 -73.73 29.48 -18.06
C HIS J 135 -72.48 29.46 -18.93
N THR J 136 -71.63 28.45 -18.80
CA THR J 136 -70.36 28.41 -19.50
C THR J 136 -70.24 27.29 -20.52
N GLN J 137 -71.23 26.40 -20.61
CA GLN J 137 -71.18 25.24 -21.51
C GLN J 137 -69.95 24.36 -21.23
N LYS J 138 -69.50 24.36 -19.98
CA LYS J 138 -68.34 23.57 -19.58
C LYS J 138 -68.65 22.90 -18.23
N ALA J 139 -67.99 21.78 -17.97
CA ALA J 139 -68.19 21.02 -16.75
C ALA J 139 -66.85 20.79 -16.07
N THR J 140 -66.75 21.19 -14.80
CA THR J 140 -65.53 21.07 -14.03
C THR J 140 -65.74 20.09 -12.88
N LEU J 141 -64.88 19.08 -12.80
CA LEU J 141 -64.91 18.09 -11.73
C LEU J 141 -63.78 18.38 -10.75
N VAL J 142 -64.14 18.69 -9.51
CA VAL J 142 -63.17 18.97 -8.45
C VAL J 142 -62.98 17.72 -7.61
N CYS J 143 -61.72 17.32 -7.42
CA CYS J 143 -61.39 16.19 -6.56
C CYS J 143 -60.74 16.70 -5.29
N LEU J 144 -61.07 16.05 -4.17
CA LEU J 144 -60.56 16.43 -2.86
C LEU J 144 -59.99 15.21 -2.15
N ALA J 145 -58.71 15.27 -1.82
CA ALA J 145 -58.06 14.30 -0.94
C ALA J 145 -57.66 15.06 0.32
N THR J 146 -58.30 14.73 1.44
CA THR J 146 -58.16 15.51 2.66
C THR J 146 -57.70 14.64 3.82
N GLY J 147 -57.08 15.30 4.80
CA GLY J 147 -56.67 14.66 6.04
C GLY J 147 -55.65 13.56 5.89
N PHE J 148 -54.53 13.84 5.22
CA PHE J 148 -53.46 12.87 5.05
C PHE J 148 -52.14 13.47 5.51
N TYR J 149 -51.34 12.65 6.20
CA TYR J 149 -50.00 12.97 6.62
C TYR J 149 -49.21 11.67 6.56
N PRO J 150 -47.97 11.68 6.04
CA PRO J 150 -47.29 12.87 5.50
C PRO J 150 -47.81 13.29 4.13
N ASP J 151 -47.30 14.40 3.61
CA ASP J 151 -47.74 14.94 2.33
C ASP J 151 -47.12 14.15 1.17
N HIS J 152 -47.38 12.85 1.17
CA HIS J 152 -46.85 11.93 0.15
C HIS J 152 -48.02 11.36 -0.64
N VAL J 153 -48.47 12.13 -1.64
CA VAL J 153 -49.59 11.74 -2.47
C VAL J 153 -49.30 12.09 -3.91
N GLU J 154 -49.90 11.32 -4.82
CA GLU J 154 -49.81 11.58 -6.26
C GLU J 154 -51.20 11.43 -6.86
N LEU J 155 -51.75 12.53 -7.38
CA LEU J 155 -53.11 12.57 -7.86
C LEU J 155 -53.14 12.52 -9.39
N SER J 156 -54.12 11.80 -9.93
CA SER J 156 -54.30 11.70 -11.37
C SER J 156 -55.78 11.48 -11.68
N TRP J 157 -56.16 11.80 -12.91
CA TRP J 157 -57.51 11.60 -13.40
C TRP J 157 -57.53 10.45 -14.41
N TRP J 158 -58.66 9.76 -14.47
CA TRP J 158 -58.84 8.63 -15.39
C TRP J 158 -60.21 8.76 -16.04
N VAL J 159 -60.22 8.97 -17.35
CA VAL J 159 -61.46 9.13 -18.11
C VAL J 159 -61.60 7.90 -19.01
N ASN J 160 -62.62 7.08 -18.73
CA ASN J 160 -62.90 5.88 -19.50
C ASN J 160 -61.70 4.94 -19.55
N GLY J 161 -61.08 4.73 -18.39
CA GLY J 161 -59.96 3.83 -18.29
C GLY J 161 -58.67 4.35 -18.91
N LYS J 162 -58.56 5.66 -19.12
CA LYS J 162 -57.36 6.25 -19.69
C LYS J 162 -56.99 7.49 -18.89
N GLU J 163 -55.72 7.60 -18.54
CA GLU J 163 -55.24 8.77 -17.79
C GLU J 163 -55.15 9.98 -18.70
N VAL J 164 -55.53 11.14 -18.17
CA VAL J 164 -55.52 12.38 -18.94
C VAL J 164 -54.60 13.38 -18.25
N HIS J 165 -54.10 14.33 -19.03
CA HIS J 165 -53.24 15.38 -18.52
C HIS J 165 -53.75 16.75 -18.92
N SER J 166 -54.34 16.85 -20.11
CA SER J 166 -54.87 18.12 -20.59
C SER J 166 -56.20 18.42 -19.89
N GLY J 167 -56.37 19.68 -19.49
CA GLY J 167 -57.56 20.08 -18.78
C GLY J 167 -57.56 19.71 -17.31
N VAL J 168 -56.39 19.64 -16.68
CA VAL J 168 -56.25 19.25 -15.28
C VAL J 168 -55.39 20.29 -14.57
N CYS J 169 -55.84 20.74 -13.40
CA CYS J 169 -55.09 21.69 -12.57
C CYS J 169 -55.08 21.16 -11.13
N THR J 170 -54.12 20.30 -10.82
CA THR J 170 -53.87 19.89 -9.45
C THR J 170 -53.03 20.96 -8.74
N ASP J 171 -53.30 21.14 -7.45
CA ASP J 171 -52.56 22.12 -6.67
C ASP J 171 -51.08 21.75 -6.63
N PRO J 172 -50.17 22.73 -6.70
CA PRO J 172 -48.74 22.41 -6.61
C PRO J 172 -48.33 21.90 -5.24
N GLN J 173 -48.73 22.62 -4.19
CA GLN J 173 -48.43 22.23 -2.82
C GLN J 173 -49.70 21.76 -2.11
N PRO J 174 -49.58 20.80 -1.19
CA PRO J 174 -50.72 20.47 -0.34
C PRO J 174 -51.06 21.60 0.61
N LEU J 175 -52.26 21.53 1.18
CA LEU J 175 -52.78 22.59 2.04
C LEU J 175 -52.85 22.08 3.48
N LYS J 176 -52.31 22.88 4.40
CA LYS J 176 -52.31 22.50 5.81
C LYS J 176 -53.68 22.80 6.41
N GLU J 177 -54.30 21.77 6.99
CA GLU J 177 -55.59 21.96 7.65
C GLU J 177 -55.43 22.77 8.93
N GLN J 178 -54.32 22.57 9.64
CA GLN J 178 -54.02 23.28 10.89
C GLN J 178 -52.58 23.75 10.81
N PRO J 179 -52.34 24.89 10.16
CA PRO J 179 -50.95 25.32 9.90
C PRO J 179 -50.14 25.62 11.15
N ALA J 180 -50.78 25.70 12.33
CA ALA J 180 -50.03 26.01 13.54
C ALA J 180 -49.03 24.92 13.90
N LEU J 181 -49.29 23.68 13.49
CA LEU J 181 -48.44 22.56 13.85
C LEU J 181 -47.45 22.22 12.73
N ASN J 182 -46.36 21.58 13.12
CA ASN J 182 -45.43 21.02 12.14
C ASN J 182 -45.93 19.70 11.59
N ASP J 183 -46.54 18.88 12.45
CA ASP J 183 -47.11 17.59 12.04
C ASP J 183 -48.60 17.76 11.73
N SER J 184 -48.87 18.65 10.78
CA SER J 184 -50.24 18.98 10.39
C SER J 184 -50.70 18.12 9.23
N ARG J 185 -51.96 17.70 9.27
CA ARG J 185 -52.52 16.92 8.18
C ARG J 185 -52.78 17.82 6.98
N TYR J 186 -52.54 17.29 5.79
CA TYR J 186 -52.56 18.08 4.56
C TYR J 186 -53.83 17.81 3.76
N ALA J 187 -54.07 18.67 2.77
CA ALA J 187 -55.18 18.55 1.87
C ALA J 187 -54.75 18.98 0.47
N LEU J 188 -55.28 18.30 -0.54
CA LEU J 188 -54.93 18.56 -1.93
C LEU J 188 -56.18 18.54 -2.77
N SER J 189 -56.35 19.55 -3.63
CA SER J 189 -57.50 19.65 -4.51
C SER J 189 -57.04 19.65 -5.96
N SER J 190 -57.78 18.95 -6.81
CA SER J 190 -57.53 18.95 -8.24
C SER J 190 -58.82 19.29 -8.96
N ARG J 191 -58.67 19.66 -10.24
CA ARG J 191 -59.80 20.06 -11.06
C ARG J 191 -59.64 19.49 -12.45
N LEU J 192 -60.74 19.00 -13.02
CA LEU J 192 -60.77 18.48 -14.38
C LEU J 192 -61.95 19.11 -15.10
N ARG J 193 -61.65 19.89 -16.14
CA ARG J 193 -62.68 20.60 -16.89
C ARG J 193 -62.83 19.96 -18.27
N VAL J 194 -64.06 19.61 -18.62
CA VAL J 194 -64.38 19.02 -19.92
C VAL J 194 -65.58 19.76 -20.49
N SER J 195 -65.86 19.49 -21.76
CA SER J 195 -67.01 20.11 -22.41
C SER J 195 -68.30 19.64 -21.75
N ALA J 196 -69.32 20.50 -21.79
CA ALA J 196 -70.61 20.15 -21.21
C ALA J 196 -71.19 18.90 -21.88
N THR J 197 -71.17 18.86 -23.21
CA THR J 197 -71.68 17.71 -23.94
C THR J 197 -70.95 16.42 -23.56
N PHE J 198 -69.71 16.53 -23.08
CA PHE J 198 -69.00 15.34 -22.63
C PHE J 198 -69.55 14.86 -21.30
N TRP J 199 -69.82 15.77 -20.36
CA TRP J 199 -70.34 15.38 -19.06
C TRP J 199 -71.79 14.95 -19.14
N GLN J 200 -72.56 15.53 -20.07
CA GLN J 200 -73.97 15.15 -20.21
C GLN J 200 -74.16 13.75 -20.79
N ASN J 201 -73.06 13.02 -20.98
CA ASN J 201 -73.10 11.66 -21.50
C ASN J 201 -72.94 10.67 -20.37
N PRO J 202 -73.92 9.81 -20.10
CA PRO J 202 -73.75 8.82 -19.02
C PRO J 202 -72.71 7.77 -19.32
N ARG J 203 -72.33 7.58 -20.59
CA ARG J 203 -71.39 6.53 -20.95
C ARG J 203 -69.96 6.79 -20.47
N ASN J 204 -69.66 8.00 -19.99
CA ASN J 204 -68.31 8.38 -19.63
C ASN J 204 -68.07 8.17 -18.14
N HIS J 205 -66.90 7.61 -17.81
CA HIS J 205 -66.52 7.30 -16.45
C HIS J 205 -65.39 8.22 -16.02
N PHE J 206 -65.61 8.99 -14.96
CA PHE J 206 -64.62 9.90 -14.42
C PHE J 206 -64.15 9.38 -13.07
N ARG J 207 -62.84 9.22 -12.91
CA ARG J 207 -62.29 8.71 -11.66
C ARG J 207 -61.05 9.52 -11.28
N CYS J 208 -61.00 9.95 -10.02
CA CYS J 208 -59.85 10.65 -9.47
C CYS J 208 -59.05 9.69 -8.60
N GLN J 209 -57.86 9.31 -9.05
CA GLN J 209 -57.02 8.35 -8.37
C GLN J 209 -55.96 9.09 -7.55
N VAL J 210 -55.79 8.66 -6.30
CA VAL J 210 -54.81 9.27 -5.39
C VAL J 210 -53.96 8.14 -4.80
N GLN J 211 -52.68 8.11 -5.16
CA GLN J 211 -51.74 7.15 -4.61
C GLN J 211 -51.11 7.73 -3.36
N PHE J 212 -51.17 6.98 -2.26
CA PHE J 212 -50.65 7.42 -0.98
C PHE J 212 -49.41 6.62 -0.61
N TYR J 213 -48.37 7.31 -0.14
CA TYR J 213 -47.14 6.70 0.31
C TYR J 213 -47.08 6.81 1.83
N GLY J 214 -47.31 5.70 2.52
CA GLY J 214 -47.32 5.69 3.97
C GLY J 214 -46.62 4.48 4.54
N LEU J 215 -47.16 3.93 5.63
CA LEU J 215 -46.54 2.83 6.32
C LEU J 215 -46.38 1.62 5.41
N SER J 216 -45.52 0.70 5.84
CA SER J 216 -45.27 -0.54 5.11
C SER J 216 -45.43 -1.69 6.09
N GLU J 217 -44.93 -2.87 5.71
CA GLU J 217 -45.00 -4.02 6.59
C GLU J 217 -43.91 -4.00 7.67
N ASN J 218 -42.84 -3.25 7.46
CA ASN J 218 -41.78 -3.16 8.47
C ASN J 218 -42.23 -2.41 9.71
N ASP J 219 -43.31 -1.63 9.61
CA ASP J 219 -43.78 -0.79 10.72
C ASP J 219 -44.94 -1.49 11.40
N GLU J 220 -44.89 -1.54 12.73
CA GLU J 220 -45.96 -2.18 13.50
C GLU J 220 -47.10 -1.20 13.75
N TRP J 221 -48.31 -1.75 13.89
CA TRP J 221 -49.51 -0.95 14.10
C TRP J 221 -50.33 -1.60 15.21
N THR J 222 -50.63 -0.83 16.25
CA THR J 222 -51.37 -1.30 17.41
C THR J 222 -52.51 -0.34 17.74
N GLN J 223 -53.20 0.16 16.71
CA GLN J 223 -54.28 1.12 16.87
C GLN J 223 -55.57 0.54 16.32
N ASP J 224 -56.69 1.18 16.69
CA ASP J 224 -58.00 0.66 16.31
C ASP J 224 -58.25 0.85 14.82
N ARG J 225 -58.01 2.06 14.31
CA ARG J 225 -58.24 2.34 12.90
C ARG J 225 -57.28 1.53 12.04
N ALA J 226 -57.65 1.36 10.76
CA ALA J 226 -56.82 0.60 9.84
C ALA J 226 -55.47 1.26 9.67
N LYS J 227 -54.43 0.44 9.55
CA LYS J 227 -53.08 0.97 9.41
C LYS J 227 -52.94 1.66 8.06
N PRO J 228 -52.47 2.91 8.03
CA PRO J 228 -52.35 3.62 6.74
C PRO J 228 -51.18 3.14 5.91
N VAL J 229 -51.35 2.01 5.22
CA VAL J 229 -50.30 1.46 4.37
C VAL J 229 -50.26 2.23 3.06
N THR J 230 -49.22 1.99 2.25
CA THR J 230 -49.16 2.54 0.92
C THR J 230 -50.30 1.99 0.08
N GLN J 231 -51.24 2.84 -0.32
CA GLN J 231 -52.46 2.39 -0.97
C GLN J 231 -52.91 3.43 -1.98
N ILE J 232 -53.92 3.05 -2.77
CA ILE J 232 -54.52 3.91 -3.77
C ILE J 232 -55.97 4.15 -3.37
N VAL J 233 -56.31 5.41 -3.09
CA VAL J 233 -57.68 5.81 -2.77
C VAL J 233 -58.21 6.59 -3.96
N SER J 234 -59.35 6.17 -4.50
CA SER J 234 -59.92 6.79 -5.67
C SER J 234 -61.43 6.88 -5.55
N ALA J 235 -62.00 7.96 -6.06
CA ALA J 235 -63.44 8.14 -6.17
C ALA J 235 -63.81 8.28 -7.63
N GLU J 236 -65.07 7.96 -7.94
CA GLU J 236 -65.51 7.89 -9.33
C GLU J 236 -66.89 8.52 -9.47
N ALA J 237 -67.23 8.84 -10.72
CA ALA J 237 -68.53 9.43 -11.04
C ALA J 237 -68.82 9.21 -12.52
N TRP J 238 -70.10 9.14 -12.85
CA TRP J 238 -70.56 8.98 -14.21
C TRP J 238 -71.31 10.23 -14.68
N GLY J 239 -71.63 10.24 -15.97
CA GLY J 239 -72.33 11.38 -16.53
C GLY J 239 -73.74 11.53 -16.02
N ARG J 240 -74.30 12.72 -16.22
CA ARG J 240 -75.64 13.06 -15.77
C ARG J 240 -76.31 13.93 -16.83
N ALA J 241 -77.59 13.67 -17.06
CA ALA J 241 -78.36 14.45 -18.02
C ALA J 241 -79.38 15.35 -17.31
#